data_8K2N
#
_entry.id   8K2N
#
_cell.length_a   82.930
_cell.length_b   94.620
_cell.length_c   116.180
_cell.angle_alpha   70.93
_cell.angle_beta   73.81
_cell.angle_gamma   72.43
#
_symmetry.space_group_name_H-M   'P 1'
#
loop_
_entity.id
_entity.type
_entity.pdbx_description
1 polymer 'Monosaccharide-releasing beta-N-acetylgalactosaminidase'
2 water water
#
_entity_poly.entity_id   1
_entity_poly.type   'polypeptide(L)'
_entity_poly.pdbx_seq_one_letter_code
;GPGMDYQIDLVDPLTKVFADEVPDAWVVATQMVLQGEPLVLQLAYQRLRDDDASFSELTLATSLSAQCFEINQVPSQLPT
WPHPDARYLRTTPGLFPDLLTPLTGPVRAYHGQVRALWLKIPTESLTPGSYELTITLTETASGQVVFSQTVPLTVAAAVA
QPPRLHHTEWFSVDCLADYYHEAPYTPRLWAIIGNFMVFAHDEALMDTLLTPIFTPPLDTAVGATRTNVQLVQILPGTPY
RFDWSRLRKWCQLAQQSGFAYLEMPPLFTQWGAQATPTITDTAGTALFGWHVPSTAPAYRAFLQALLPQLLAVLAEEGYD
RDHLFFHLADEPNASTEDGYRAARAQVADLLDGLQVIDALSDVRFYENGLVPHPVVADDALAPFLAADAAPLWTYYCCAQ
TTAVPNRFFALRSYDNRVLGVLLYRHQIQGFLHWGFNFYNAQLSTRPIDPFAVTDAGGAFPSGDPFLVYPGADGQPLNSL
RNEVQRLGFGDLAVLQQLEALKGRPFVERLIDVTAGMVPQFDDYPPDAGWLTRLHEKAVATLAAAAPAHKKE
;
_entity_poly.pdbx_strand_id   D,C,A,B
#
# COMPACT_ATOMS: atom_id res chain seq x y z
N MET A 4 13.70 30.78 -11.72
CA MET A 4 13.41 29.72 -10.71
C MET A 4 11.95 29.24 -10.82
N ASP A 5 11.09 29.90 -11.63
CA ASP A 5 9.67 29.50 -11.70
C ASP A 5 9.46 28.28 -12.64
N TYR A 6 10.33 28.12 -13.68
CA TYR A 6 10.25 27.17 -14.77
C TYR A 6 11.54 26.37 -14.84
N GLN A 7 11.47 25.16 -15.42
CA GLN A 7 12.67 24.45 -15.83
C GLN A 7 12.41 24.10 -17.29
N ILE A 8 13.15 24.85 -18.16
CA ILE A 8 13.11 24.74 -19.59
C ILE A 8 14.50 24.48 -20.11
N ASP A 9 14.67 23.54 -21.06
CA ASP A 9 15.97 23.11 -21.58
C ASP A 9 15.85 22.36 -22.91
N LEU A 10 16.78 22.59 -23.82
CA LEU A 10 16.95 21.76 -25.02
C LEU A 10 17.43 20.37 -24.58
N VAL A 11 16.96 19.29 -25.24
CA VAL A 11 17.45 17.94 -24.98
C VAL A 11 17.85 17.26 -26.30
N ASP A 12 18.62 16.18 -26.15
CA ASP A 12 19.00 15.38 -27.31
C ASP A 12 17.76 14.88 -28.05
N PRO A 13 17.77 14.92 -29.39
CA PRO A 13 16.63 14.43 -30.13
C PRO A 13 16.43 12.91 -29.97
N LEU A 14 17.46 12.20 -29.42
CA LEU A 14 17.28 10.76 -29.22
C LEU A 14 16.85 10.42 -27.78
N THR A 15 16.65 11.44 -26.93
CA THR A 15 16.09 11.21 -25.61
C THR A 15 14.58 10.99 -25.73
N LYS A 16 14.03 10.03 -24.94
CA LYS A 16 12.60 9.97 -24.72
C LYS A 16 12.27 10.68 -23.39
N VAL A 17 11.45 11.73 -23.42
CA VAL A 17 11.12 12.48 -22.21
C VAL A 17 9.86 11.85 -21.64
N PHE A 18 10.04 11.24 -20.45
CA PHE A 18 8.96 10.70 -19.62
C PHE A 18 8.50 11.77 -18.65
N ALA A 19 7.18 11.77 -18.33
CA ALA A 19 6.56 12.84 -17.55
C ALA A 19 7.09 12.92 -16.13
N ASP A 20 7.65 11.83 -15.66
CA ASP A 20 8.02 11.68 -14.27
C ASP A 20 9.52 11.69 -14.05
N GLU A 21 10.35 11.91 -15.07
CA GLU A 21 11.78 12.10 -14.85
C GLU A 21 12.25 13.37 -15.55
N VAL A 22 13.23 14.05 -14.92
CA VAL A 22 13.92 15.14 -15.59
C VAL A 22 14.99 14.56 -16.53
N PRO A 23 14.99 14.95 -17.80
CA PRO A 23 16.04 14.47 -18.70
C PRO A 23 17.30 15.33 -18.69
N ASP A 24 18.39 14.78 -19.23
CA ASP A 24 19.61 15.53 -19.54
C ASP A 24 19.41 16.67 -20.55
N ALA A 25 19.98 17.84 -20.19
CA ALA A 25 20.15 18.96 -21.12
C ALA A 25 21.13 18.57 -22.25
N TRP A 26 20.86 19.05 -23.50
CA TRP A 26 21.85 19.06 -24.57
C TRP A 26 22.79 20.23 -24.24
N VAL A 27 24.11 20.01 -24.25
CA VAL A 27 25.03 21.13 -24.27
C VAL A 27 25.12 21.63 -25.71
N VAL A 28 24.81 22.93 -25.83
CA VAL A 28 24.78 23.69 -27.06
C VAL A 28 26.20 23.73 -27.67
N ALA A 29 26.27 23.45 -28.97
CA ALA A 29 27.48 23.50 -29.79
C ALA A 29 27.00 23.95 -31.16
N THR A 30 27.92 24.57 -31.96
CA THR A 30 27.56 25.02 -33.31
C THR A 30 27.10 23.83 -34.13
N GLN A 31 26.05 24.03 -34.95
CA GLN A 31 25.56 22.97 -35.80
C GLN A 31 25.89 23.35 -37.23
N MET A 32 25.92 22.34 -38.11
CA MET A 32 26.04 22.60 -39.52
C MET A 32 25.09 21.64 -40.29
N VAL A 33 24.37 22.16 -41.28
CA VAL A 33 23.46 21.38 -42.09
C VAL A 33 23.78 21.70 -43.56
N LEU A 34 23.62 20.68 -44.41
CA LEU A 34 23.57 20.94 -45.84
C LEU A 34 22.32 21.78 -46.12
N GLN A 35 22.42 22.58 -47.17
CA GLN A 35 21.26 23.34 -47.60
C GLN A 35 20.14 22.37 -48.02
N GLY A 36 19.01 22.42 -47.29
CA GLY A 36 17.82 21.61 -47.49
C GLY A 36 17.56 20.68 -46.29
N GLU A 37 18.67 20.29 -45.64
CA GLU A 37 18.65 19.49 -44.42
C GLU A 37 18.05 20.34 -43.27
N PRO A 38 16.97 19.92 -42.54
CA PRO A 38 16.46 20.73 -41.42
C PRO A 38 17.27 20.60 -40.13
N LEU A 39 17.32 21.65 -39.28
CA LEU A 39 17.84 21.48 -37.92
C LEU A 39 16.70 21.00 -37.01
N VAL A 40 16.93 19.91 -36.24
CA VAL A 40 15.98 19.21 -35.37
C VAL A 40 16.45 19.34 -33.92
N LEU A 41 15.59 19.95 -33.07
CA LEU A 41 15.82 20.09 -31.62
C LEU A 41 14.63 19.56 -30.85
N GLN A 42 14.84 19.15 -29.59
CA GLN A 42 13.72 18.80 -28.72
C GLN A 42 13.86 19.71 -27.51
N LEU A 43 12.73 20.26 -27.05
CA LEU A 43 12.67 21.17 -25.90
C LEU A 43 11.70 20.66 -24.80
N ALA A 44 12.26 20.41 -23.58
CA ALA A 44 11.51 19.98 -22.40
C ALA A 44 11.22 21.16 -21.46
N TYR A 45 10.13 21.04 -20.65
CA TYR A 45 9.64 22.17 -19.86
C TYR A 45 8.71 21.68 -18.77
N GLN A 46 8.78 22.37 -17.64
CA GLN A 46 7.82 22.26 -16.53
C GLN A 46 7.85 23.59 -15.78
N ARG A 47 6.78 23.82 -15.01
CA ARG A 47 6.60 24.96 -14.12
C ARG A 47 6.88 24.52 -12.69
N LEU A 48 7.99 24.97 -12.10
CA LEU A 48 8.33 24.65 -10.70
C LEU A 48 7.48 25.46 -9.71
N ARG A 49 7.09 26.72 -10.03
CA ARG A 49 6.20 27.51 -9.17
C ARG A 49 4.97 26.69 -8.75
N ASP A 50 4.56 26.82 -7.48
CA ASP A 50 3.56 25.92 -6.94
C ASP A 50 2.29 26.71 -6.69
N ASP A 51 1.68 27.26 -7.73
CA ASP A 51 0.53 28.13 -7.52
C ASP A 51 -0.78 27.31 -7.63
N ASP A 52 -1.93 28.01 -7.62
CA ASP A 52 -3.28 27.42 -7.65
C ASP A 52 -3.76 26.96 -9.04
N ALA A 53 -3.13 27.40 -10.14
CA ALA A 53 -3.44 26.92 -11.48
C ALA A 53 -2.54 25.71 -11.83
N SER A 54 -3.12 24.70 -12.53
CA SER A 54 -2.40 23.47 -12.82
C SER A 54 -1.28 23.75 -13.83
N PHE A 55 -1.49 24.77 -14.68
CA PHE A 55 -0.53 25.13 -15.73
C PHE A 55 -0.47 26.66 -15.94
N SER A 56 0.56 27.10 -16.69
CA SER A 56 0.71 28.48 -17.09
C SER A 56 1.03 28.49 -18.56
N GLU A 57 0.36 29.38 -19.32
CA GLU A 57 0.56 29.54 -20.73
C GLU A 57 1.89 30.23 -21.05
N LEU A 58 2.54 29.84 -22.17
CA LEU A 58 3.82 30.40 -22.60
C LEU A 58 3.71 30.61 -24.11
N THR A 59 4.42 31.61 -24.63
CA THR A 59 4.43 31.88 -26.05
C THR A 59 5.80 31.48 -26.58
N LEU A 60 5.80 30.66 -27.64
CA LEU A 60 7.06 30.34 -28.32
C LEU A 60 7.39 31.34 -29.43
N ALA A 61 8.67 31.74 -29.57
CA ALA A 61 9.09 32.54 -30.72
C ALA A 61 10.37 31.96 -31.28
N THR A 62 10.59 32.05 -32.60
CA THR A 62 11.87 31.66 -33.17
C THR A 62 12.29 32.72 -34.20
N SER A 63 13.57 33.03 -34.26
CA SER A 63 14.07 34.04 -35.18
C SER A 63 14.17 33.50 -36.60
N LEU A 64 14.04 32.18 -36.81
CA LEU A 64 13.80 31.57 -38.13
C LEU A 64 12.51 30.72 -38.04
N SER A 65 11.81 30.61 -39.16
CA SER A 65 10.59 29.83 -39.32
C SER A 65 10.91 28.42 -38.90
N ALA A 66 10.08 27.90 -37.97
CA ALA A 66 10.17 26.51 -37.53
C ALA A 66 8.81 25.84 -37.61
N GLN A 67 8.83 24.53 -37.46
CA GLN A 67 7.64 23.72 -37.49
C GLN A 67 7.63 23.02 -36.15
N CYS A 68 6.55 23.19 -35.35
CA CYS A 68 6.66 22.72 -33.99
C CYS A 68 5.50 21.82 -33.64
N PHE A 69 5.88 20.74 -32.93
CA PHE A 69 4.99 19.68 -32.46
C PHE A 69 5.00 19.56 -30.91
N GLU A 70 3.84 19.28 -30.29
CA GLU A 70 3.84 18.73 -28.94
C GLU A 70 4.03 17.20 -28.95
N ILE A 71 4.92 16.72 -28.07
CA ILE A 71 5.05 15.29 -27.85
C ILE A 71 4.07 14.81 -26.78
N ASN A 72 3.20 13.90 -27.21
CA ASN A 72 2.15 13.38 -26.36
C ASN A 72 2.49 11.98 -25.82
N GLN A 73 2.31 11.81 -24.49
CA GLN A 73 2.37 10.52 -23.86
C GLN A 73 1.13 9.68 -24.24
N VAL A 74 1.44 8.41 -24.64
CA VAL A 74 0.47 7.41 -25.05
C VAL A 74 0.60 6.11 -24.22
N PRO A 75 -0.54 5.44 -23.94
CA PRO A 75 -0.48 4.21 -23.16
C PRO A 75 0.17 2.98 -23.83
N SER A 76 0.84 2.13 -23.02
CA SER A 76 1.23 0.76 -23.41
C SER A 76 0.86 -0.31 -22.36
N GLN A 77 0.09 -1.34 -22.71
CA GLN A 77 -0.18 -2.49 -21.86
C GLN A 77 0.76 -3.68 -22.14
N LEU A 78 1.65 -3.58 -23.10
CA LEU A 78 2.60 -4.64 -23.38
C LEU A 78 3.84 -4.00 -24.01
N PRO A 79 4.68 -3.33 -23.19
CA PRO A 79 5.86 -2.66 -23.75
C PRO A 79 6.89 -3.58 -24.39
N THR A 80 6.97 -4.85 -23.91
CA THR A 80 7.94 -5.84 -24.38
C THR A 80 7.36 -7.25 -24.45
N TRP A 81 7.99 -8.08 -25.32
CA TRP A 81 7.78 -9.52 -25.38
C TRP A 81 8.67 -10.13 -24.30
N PRO A 82 8.58 -11.45 -24.00
CA PRO A 82 9.39 -12.04 -22.91
C PRO A 82 10.91 -11.94 -23.05
N HIS A 83 11.62 -11.84 -21.91
CA HIS A 83 13.07 -11.91 -21.78
C HIS A 83 13.67 -10.66 -22.40
N PRO A 84 13.21 -9.42 -22.06
CA PRO A 84 13.82 -8.21 -22.64
C PRO A 84 15.29 -7.98 -22.25
N ASP A 85 16.09 -7.49 -23.18
CA ASP A 85 17.51 -7.35 -22.93
C ASP A 85 17.72 -5.97 -22.30
N ALA A 86 18.99 -5.58 -22.12
CA ALA A 86 19.33 -4.44 -21.29
C ALA A 86 19.21 -3.10 -22.03
N ARG A 87 18.90 -3.08 -23.35
CA ARG A 87 18.53 -1.86 -24.10
C ARG A 87 17.18 -1.21 -23.68
N TYR A 88 16.20 -2.02 -23.26
CA TYR A 88 14.85 -1.55 -23.03
C TYR A 88 14.84 -0.58 -21.85
N LEU A 89 14.16 0.59 -22.00
CA LEU A 89 14.09 1.63 -20.97
C LEU A 89 13.13 1.25 -19.83
N ARG A 90 12.03 0.57 -20.14
CA ARG A 90 11.04 0.24 -19.14
C ARG A 90 10.40 -1.03 -19.68
N THR A 91 9.52 -1.61 -18.87
CA THR A 91 9.24 -3.02 -18.97
C THR A 91 7.80 -3.29 -18.56
N THR A 92 7.27 -2.49 -17.63
CA THR A 92 5.90 -2.56 -17.13
C THR A 92 4.98 -1.57 -17.82
N PRO A 93 3.67 -1.88 -17.85
CA PRO A 93 2.65 -0.97 -18.38
C PRO A 93 2.73 0.44 -17.78
N GLY A 94 2.72 1.43 -18.68
CA GLY A 94 2.84 2.83 -18.33
C GLY A 94 2.54 3.66 -19.58
N LEU A 95 2.93 4.95 -19.52
CA LEU A 95 2.87 5.91 -20.60
C LEU A 95 4.26 6.07 -21.22
N PHE A 96 4.27 6.22 -22.55
CA PHE A 96 5.46 6.38 -23.37
C PHE A 96 5.20 7.54 -24.34
N PRO A 97 6.21 8.41 -24.58
CA PRO A 97 6.09 9.44 -25.62
C PRO A 97 6.16 8.97 -27.09
N ASP A 98 5.20 9.44 -27.91
CA ASP A 98 5.15 9.00 -29.28
C ASP A 98 4.36 9.93 -30.21
N LEU A 99 3.15 10.35 -29.86
CA LEU A 99 2.27 11.05 -30.81
C LEU A 99 2.71 12.51 -30.91
N LEU A 100 2.69 13.06 -32.14
CA LEU A 100 3.00 14.45 -32.41
C LEU A 100 1.78 15.18 -32.96
N THR A 101 1.36 16.23 -32.23
CA THR A 101 0.30 17.15 -32.65
C THR A 101 0.91 18.52 -32.95
N PRO A 102 0.47 19.17 -34.07
CA PRO A 102 0.97 20.49 -34.41
C PRO A 102 0.82 21.44 -33.24
N LEU A 103 1.81 22.32 -33.02
CA LEU A 103 1.62 23.44 -32.09
C LEU A 103 0.81 24.58 -32.71
N THR A 104 -0.38 24.88 -32.20
CA THR A 104 -1.22 25.88 -32.82
C THR A 104 -1.62 27.00 -31.83
N GLY A 105 -1.14 27.00 -30.59
CA GLY A 105 -1.41 28.13 -29.72
C GLY A 105 -0.30 28.30 -28.68
N PRO A 106 -0.56 28.91 -27.51
CA PRO A 106 0.46 28.95 -26.44
C PRO A 106 0.79 27.56 -25.87
N VAL A 107 2.02 27.32 -25.41
CA VAL A 107 2.30 26.05 -24.76
C VAL A 107 1.91 26.14 -23.27
N ARG A 108 1.36 25.04 -22.76
CA ARG A 108 0.89 24.90 -21.41
C ARG A 108 1.98 24.26 -20.58
N ALA A 109 2.66 25.04 -19.71
CA ALA A 109 3.68 24.47 -18.82
C ALA A 109 3.03 24.04 -17.50
N TYR A 110 3.07 22.72 -17.18
CA TYR A 110 2.41 22.13 -16.01
C TYR A 110 3.37 22.01 -14.82
N HIS A 111 2.79 22.16 -13.60
CA HIS A 111 3.43 21.82 -12.35
C HIS A 111 3.38 20.30 -12.14
N GLY A 112 4.50 19.69 -11.69
CA GLY A 112 4.48 18.34 -11.19
C GLY A 112 4.72 17.29 -12.27
N GLN A 113 5.03 17.74 -13.51
CA GLN A 113 5.25 16.85 -14.63
C GLN A 113 5.98 17.55 -15.77
N VAL A 114 6.69 16.73 -16.58
CA VAL A 114 7.52 17.25 -17.66
C VAL A 114 6.88 16.90 -19.02
N ARG A 115 7.02 17.86 -19.99
CA ARG A 115 6.49 17.75 -21.35
C ARG A 115 7.58 18.22 -22.34
N ALA A 116 7.44 17.83 -23.62
CA ALA A 116 8.41 18.24 -24.60
C ALA A 116 7.79 18.63 -25.96
N LEU A 117 8.48 19.56 -26.64
CA LEU A 117 8.19 19.94 -28.01
C LEU A 117 9.24 19.34 -28.96
N TRP A 118 8.82 19.08 -30.22
CA TRP A 118 9.67 18.71 -31.36
C TRP A 118 9.70 19.89 -32.36
N LEU A 119 10.92 20.43 -32.58
CA LEU A 119 11.19 21.62 -33.38
C LEU A 119 12.03 21.26 -34.63
N LYS A 120 11.57 21.67 -35.81
CA LYS A 120 12.32 21.46 -37.06
C LYS A 120 12.53 22.83 -37.72
N ILE A 121 13.77 23.17 -38.06
CA ILE A 121 14.03 24.42 -38.74
C ILE A 121 14.36 24.07 -40.19
N PRO A 122 13.41 24.33 -41.12
CA PRO A 122 13.66 24.15 -42.56
C PRO A 122 14.75 25.10 -43.08
N THR A 123 15.53 24.68 -44.11
CA THR A 123 16.78 25.30 -44.55
C THR A 123 16.85 25.42 -46.11
N GLU A 124 15.86 24.96 -46.88
CA GLU A 124 15.98 25.06 -48.32
C GLU A 124 15.85 26.50 -48.80
N SER A 125 15.20 27.41 -48.03
CA SER A 125 15.06 28.84 -48.36
C SER A 125 16.28 29.65 -47.93
N LEU A 126 17.19 29.06 -47.16
CA LEU A 126 18.22 29.88 -46.58
C LEU A 126 19.43 29.91 -47.51
N THR A 127 19.84 31.12 -47.91
CA THR A 127 21.11 31.28 -48.62
C THR A 127 22.19 30.79 -47.64
N PRO A 128 23.21 30.05 -48.15
CA PRO A 128 24.33 29.57 -47.31
C PRO A 128 24.88 30.70 -46.48
N GLY A 129 25.71 30.37 -45.50
CA GLY A 129 26.20 31.35 -44.54
C GLY A 129 25.91 30.89 -43.11
N SER A 130 26.14 31.82 -42.17
CA SER A 130 26.12 31.60 -40.74
C SER A 130 24.86 32.26 -40.18
N TYR A 131 24.19 31.57 -39.22
CA TYR A 131 23.00 32.10 -38.60
C TYR A 131 23.09 31.97 -37.08
N GLU A 132 22.21 32.74 -36.44
CA GLU A 132 21.96 32.64 -35.01
C GLU A 132 20.46 32.36 -34.80
N LEU A 133 20.16 31.19 -34.23
CA LEU A 133 18.76 30.82 -33.95
C LEU A 133 18.46 31.08 -32.48
N THR A 134 17.57 32.05 -32.24
CA THR A 134 17.09 32.38 -30.90
C THR A 134 15.72 31.76 -30.68
N ILE A 135 15.62 30.91 -29.66
CA ILE A 135 14.35 30.36 -29.19
C ILE A 135 14.01 31.04 -27.85
N THR A 136 12.76 31.54 -27.75
CA THR A 136 12.21 32.27 -26.63
C THR A 136 10.88 31.66 -26.18
N LEU A 137 10.66 31.61 -24.84
CA LEU A 137 9.33 31.43 -24.26
C LEU A 137 8.99 32.57 -23.30
N THR A 138 7.77 33.13 -23.47
CA THR A 138 7.31 34.29 -22.76
C THR A 138 6.06 33.85 -22.02
N GLU A 139 6.00 34.10 -20.69
CA GLU A 139 4.82 33.91 -19.85
C GLU A 139 3.74 34.88 -20.35
N THR A 140 2.73 34.30 -21.02
CA THR A 140 1.70 35.04 -21.72
C THR A 140 0.96 35.95 -20.76
N ALA A 141 0.98 35.68 -19.44
CA ALA A 141 0.23 36.46 -18.47
C ALA A 141 0.97 37.73 -18.08
N SER A 142 2.29 37.67 -17.92
CA SER A 142 3.04 38.79 -17.39
C SER A 142 3.86 39.47 -18.50
N GLY A 143 4.03 38.84 -19.66
CA GLY A 143 5.05 39.31 -20.58
C GLY A 143 6.49 39.13 -20.06
N GLN A 144 6.81 38.43 -18.97
CA GLN A 144 8.23 38.13 -18.68
C GLN A 144 8.73 36.99 -19.59
N VAL A 145 9.93 37.18 -20.13
CA VAL A 145 10.67 36.18 -20.88
C VAL A 145 11.30 35.16 -19.93
N VAL A 146 10.84 33.91 -19.97
CA VAL A 146 11.31 32.89 -19.04
C VAL A 146 12.35 31.96 -19.70
N PHE A 147 12.52 31.97 -21.03
CA PHE A 147 13.53 31.15 -21.65
C PHE A 147 14.09 31.84 -22.89
N SER A 148 15.44 31.87 -23.02
CA SER A 148 16.10 32.36 -24.23
C SER A 148 17.38 31.59 -24.58
N GLN A 149 17.48 31.04 -25.78
CA GLN A 149 18.60 30.19 -26.06
C GLN A 149 18.95 30.43 -27.52
N THR A 150 20.24 30.74 -27.73
CA THR A 150 20.77 30.96 -29.07
C THR A 150 21.70 29.79 -29.43
N VAL A 151 21.43 29.27 -30.63
CA VAL A 151 22.05 28.08 -31.21
C VAL A 151 22.64 28.55 -32.54
N PRO A 152 23.98 28.53 -32.73
CA PRO A 152 24.56 28.97 -34.01
C PRO A 152 24.35 27.88 -35.05
N LEU A 153 23.93 28.33 -36.24
CA LEU A 153 23.64 27.43 -37.32
C LEU A 153 24.35 27.90 -38.60
N THR A 154 25.37 27.11 -39.06
CA THR A 154 25.91 27.17 -40.43
C THR A 154 25.09 26.32 -41.44
N VAL A 155 24.65 26.97 -42.52
CA VAL A 155 24.04 26.35 -43.69
C VAL A 155 25.06 26.28 -44.82
N ALA A 156 25.55 25.07 -45.12
CA ALA A 156 26.60 24.89 -46.13
C ALA A 156 26.06 25.11 -47.53
N ALA A 157 27.01 25.30 -48.49
CA ALA A 157 26.77 25.54 -49.91
C ALA A 157 26.26 24.27 -50.57
N ALA A 158 26.86 23.11 -50.24
CA ALA A 158 26.36 21.79 -50.68
C ALA A 158 24.89 21.54 -50.29
N VAL A 159 24.10 21.09 -51.25
CA VAL A 159 22.66 20.87 -51.15
C VAL A 159 22.51 19.44 -50.61
N ALA A 160 21.53 19.20 -49.73
CA ALA A 160 21.15 17.84 -49.32
C ALA A 160 20.55 17.10 -50.50
N GLN A 161 21.13 15.92 -50.83
CA GLN A 161 20.53 14.93 -51.72
C GLN A 161 19.64 14.02 -50.85
N PRO A 162 18.50 13.50 -51.37
CA PRO A 162 17.71 12.47 -50.67
C PRO A 162 18.37 11.09 -50.69
N PRO A 163 17.95 10.13 -49.84
CA PRO A 163 18.53 8.78 -49.86
C PRO A 163 18.08 7.89 -51.02
N ARG A 164 18.93 6.99 -51.48
CA ARG A 164 18.55 5.93 -52.43
C ARG A 164 18.40 4.63 -51.64
N LEU A 165 17.16 4.12 -51.66
CA LEU A 165 16.68 2.97 -50.93
C LEU A 165 15.19 2.75 -51.28
N HIS A 166 14.78 1.51 -51.55
CA HIS A 166 13.37 1.20 -51.68
C HIS A 166 12.79 1.10 -50.28
N HIS A 167 11.64 1.73 -50.08
CA HIS A 167 10.99 1.71 -48.77
C HIS A 167 9.45 1.56 -48.86
N THR A 168 8.94 0.46 -48.27
CA THR A 168 7.51 0.23 -48.18
C THR A 168 7.17 -0.07 -46.72
N GLU A 169 6.10 0.55 -46.24
CA GLU A 169 5.51 0.35 -44.93
C GLU A 169 4.07 -0.05 -45.31
N TRP A 170 3.71 -1.34 -45.11
CA TRP A 170 2.43 -1.85 -45.56
C TRP A 170 1.23 -0.99 -45.19
N PHE A 171 0.34 -0.79 -46.19
CA PHE A 171 -0.76 0.15 -46.10
C PHE A 171 -2.08 -0.59 -45.89
N SER A 172 -2.97 -0.11 -44.95
CA SER A 172 -4.24 -0.79 -44.66
C SER A 172 -5.42 0.11 -44.97
N VAL A 173 -6.08 -0.13 -46.10
CA VAL A 173 -7.24 0.67 -46.47
C VAL A 173 -8.42 0.33 -45.57
N ASP A 174 -8.50 -0.95 -45.10
CA ASP A 174 -9.63 -1.37 -44.27
C ASP A 174 -9.59 -0.65 -42.91
N CYS A 175 -8.36 -0.44 -42.40
CA CYS A 175 -8.18 0.26 -41.14
C CYS A 175 -8.70 1.70 -41.22
N LEU A 176 -8.61 2.33 -42.42
CA LEU A 176 -9.15 3.69 -42.59
C LEU A 176 -10.68 3.67 -42.72
N ALA A 177 -11.15 2.69 -43.50
CA ALA A 177 -12.57 2.46 -43.66
C ALA A 177 -13.20 2.32 -42.26
N ASP A 178 -12.71 1.40 -41.43
CA ASP A 178 -13.29 1.08 -40.12
C ASP A 178 -13.18 2.28 -39.17
N TYR A 179 -11.98 2.86 -39.02
CA TYR A 179 -11.75 3.94 -38.09
C TYR A 179 -12.64 5.17 -38.37
N TYR A 180 -12.74 5.58 -39.65
CA TYR A 180 -13.38 6.81 -40.05
C TYR A 180 -14.81 6.59 -40.51
N HIS A 181 -15.27 5.34 -40.42
CA HIS A 181 -16.66 4.93 -40.68
C HIS A 181 -17.08 5.27 -42.10
N GLU A 182 -16.39 4.69 -43.11
CA GLU A 182 -16.61 4.96 -44.54
C GLU A 182 -16.53 3.66 -45.35
N ALA A 183 -17.62 3.33 -46.08
CA ALA A 183 -17.71 2.22 -47.00
C ALA A 183 -16.61 2.32 -48.03
N PRO A 184 -15.81 1.25 -48.31
CA PRO A 184 -15.00 1.17 -49.54
C PRO A 184 -15.89 1.25 -50.81
N TYR A 185 -15.71 2.18 -51.78
CA TYR A 185 -14.79 3.32 -51.72
C TYR A 185 -15.55 4.64 -51.92
N THR A 186 -16.05 5.31 -50.85
CA THR A 186 -16.72 6.61 -50.99
C THR A 186 -15.71 7.69 -51.42
N PRO A 187 -16.22 8.81 -52.00
CA PRO A 187 -15.42 10.05 -52.21
C PRO A 187 -14.64 10.55 -50.97
N ARG A 188 -15.25 10.52 -49.79
CA ARG A 188 -14.54 10.96 -48.58
C ARG A 188 -13.42 10.00 -48.21
N LEU A 189 -13.63 8.68 -48.43
CA LEU A 189 -12.59 7.68 -48.22
C LEU A 189 -11.40 7.92 -49.15
N TRP A 190 -11.68 8.23 -50.43
CA TRP A 190 -10.64 8.59 -51.40
C TRP A 190 -9.79 9.80 -50.99
N ALA A 191 -10.44 10.81 -50.41
CA ALA A 191 -9.80 12.00 -49.89
C ALA A 191 -8.88 11.56 -48.74
N ILE A 192 -9.37 10.70 -47.84
CA ILE A 192 -8.55 10.32 -46.70
C ILE A 192 -7.35 9.49 -47.15
N ILE A 193 -7.56 8.55 -48.06
CA ILE A 193 -6.47 7.73 -48.60
C ILE A 193 -5.39 8.61 -49.23
N GLY A 194 -5.86 9.62 -50.03
CA GLY A 194 -4.99 10.65 -50.55
C GLY A 194 -4.06 11.27 -49.48
N ASN A 195 -4.68 11.79 -48.40
CA ASN A 195 -3.91 12.36 -47.31
C ASN A 195 -2.88 11.35 -46.77
N PHE A 196 -3.33 10.09 -46.52
CA PHE A 196 -2.42 9.09 -46.00
C PHE A 196 -1.30 8.81 -46.98
N MET A 197 -1.58 8.78 -48.29
CA MET A 197 -0.53 8.57 -49.31
C MET A 197 0.55 9.69 -49.37
N VAL A 198 0.19 11.00 -49.41
CA VAL A 198 1.11 12.16 -49.34
C VAL A 198 2.06 12.12 -48.12
N PHE A 199 1.51 11.79 -46.92
CA PHE A 199 2.28 11.53 -45.72
C PHE A 199 3.31 10.42 -45.99
N ALA A 200 2.80 9.27 -46.45
CA ALA A 200 3.61 8.09 -46.75
C ALA A 200 4.82 8.43 -47.62
N HIS A 201 4.61 9.09 -48.76
CA HIS A 201 5.71 9.48 -49.66
C HIS A 201 6.62 10.53 -49.01
N ASP A 202 6.05 11.70 -48.68
CA ASP A 202 6.75 12.93 -48.29
C ASP A 202 7.38 12.87 -46.89
N GLU A 203 6.64 12.35 -45.92
CA GLU A 203 7.03 12.38 -44.51
C GLU A 203 7.62 11.04 -44.05
N ALA A 204 7.17 9.90 -44.61
CA ALA A 204 7.69 8.62 -44.18
C ALA A 204 8.77 8.08 -45.11
N LEU A 205 9.01 8.81 -46.22
CA LEU A 205 10.05 8.52 -47.23
C LEU A 205 9.86 7.13 -47.81
N MET A 206 8.64 6.88 -48.31
CA MET A 206 8.31 5.66 -49.02
C MET A 206 8.29 5.97 -50.52
N ASP A 207 8.89 5.08 -51.35
CA ASP A 207 8.86 5.09 -52.81
C ASP A 207 7.96 4.00 -53.39
N THR A 208 7.52 3.02 -52.54
CA THR A 208 6.78 1.85 -52.93
C THR A 208 5.53 1.70 -52.07
N LEU A 209 4.39 1.29 -52.64
CA LEU A 209 3.11 1.30 -51.94
C LEU A 209 2.37 -0.01 -52.14
N LEU A 210 1.93 -0.72 -51.07
CA LEU A 210 0.98 -1.84 -51.12
C LEU A 210 -0.40 -1.41 -51.61
N THR A 211 -0.77 -2.07 -52.71
CA THR A 211 -1.98 -1.82 -53.49
C THR A 211 -2.96 -3.00 -53.37
N PRO A 212 -4.14 -2.81 -52.72
CA PRO A 212 -5.11 -3.91 -52.54
C PRO A 212 -5.94 -4.26 -53.78
N ILE A 213 -5.25 -4.84 -54.77
CA ILE A 213 -5.81 -5.48 -55.95
C ILE A 213 -6.96 -6.38 -55.50
N PHE A 214 -6.76 -7.12 -54.39
CA PHE A 214 -7.80 -7.72 -53.58
C PHE A 214 -7.38 -7.44 -52.15
N THR A 215 -8.31 -7.65 -51.20
CA THR A 215 -8.02 -7.57 -49.76
C THR A 215 -6.79 -8.45 -49.42
N PRO A 216 -5.66 -7.84 -48.96
CA PRO A 216 -4.43 -8.58 -48.69
C PRO A 216 -4.61 -9.74 -47.72
N PRO A 217 -4.20 -10.97 -48.10
CA PRO A 217 -4.33 -12.14 -47.20
C PRO A 217 -3.20 -12.19 -46.15
N LEU A 218 -3.40 -11.32 -45.14
CA LEU A 218 -2.39 -10.85 -44.19
C LEU A 218 -3.07 -10.55 -42.85
N ASP A 219 -2.46 -11.00 -41.74
CA ASP A 219 -2.92 -10.69 -40.39
C ASP A 219 -4.42 -10.99 -40.30
N THR A 220 -4.85 -12.16 -40.80
CA THR A 220 -6.24 -12.58 -40.66
C THR A 220 -6.34 -13.95 -39.98
N ALA A 221 -7.32 -14.13 -39.08
CA ALA A 221 -7.52 -15.43 -38.43
C ALA A 221 -8.09 -16.45 -39.42
N VAL A 222 -7.51 -17.65 -39.38
CA VAL A 222 -8.06 -18.76 -40.13
C VAL A 222 -9.59 -18.77 -40.02
N GLY A 223 -10.26 -18.53 -41.17
CA GLY A 223 -11.70 -18.56 -41.28
C GLY A 223 -12.40 -17.19 -41.27
N ALA A 224 -11.66 -16.13 -40.87
CA ALA A 224 -12.19 -14.77 -40.70
C ALA A 224 -11.92 -13.90 -41.94
N THR A 225 -12.26 -12.61 -41.83
CA THR A 225 -12.55 -11.74 -42.95
C THR A 225 -12.43 -10.24 -42.58
N ARG A 226 -11.41 -9.54 -43.13
CA ARG A 226 -11.26 -8.09 -42.97
C ARG A 226 -12.29 -7.40 -43.86
N THR A 227 -12.58 -6.07 -43.66
CA THR A 227 -13.48 -5.30 -44.51
C THR A 227 -12.97 -5.35 -45.93
N ASN A 228 -13.85 -5.64 -46.90
CA ASN A 228 -13.42 -5.88 -48.27
C ASN A 228 -12.95 -4.54 -48.91
N VAL A 229 -11.73 -4.56 -49.46
CA VAL A 229 -11.13 -3.40 -50.09
C VAL A 229 -10.57 -3.70 -51.49
N GLN A 230 -11.11 -4.72 -52.23
CA GLN A 230 -10.52 -5.05 -53.52
C GLN A 230 -10.72 -3.91 -54.53
N LEU A 231 -9.64 -3.55 -55.22
CA LEU A 231 -9.65 -2.56 -56.31
C LEU A 231 -10.05 -3.15 -57.71
N VAL A 232 -9.65 -4.39 -57.98
CA VAL A 232 -10.19 -5.14 -59.09
C VAL A 232 -11.50 -5.81 -58.72
N GLN A 233 -12.54 -5.40 -59.43
CA GLN A 233 -13.89 -5.92 -59.25
C GLN A 233 -14.32 -6.81 -60.43
N ILE A 234 -15.23 -7.75 -60.16
CA ILE A 234 -15.38 -8.91 -61.03
C ILE A 234 -16.87 -9.09 -61.17
N LEU A 235 -17.39 -9.10 -62.41
CA LEU A 235 -18.83 -9.23 -62.62
C LEU A 235 -19.28 -10.70 -62.44
N PRO A 236 -20.57 -10.91 -62.01
CA PRO A 236 -21.19 -12.23 -61.89
C PRO A 236 -21.04 -12.86 -63.25
N GLY A 237 -20.41 -14.01 -63.26
CA GLY A 237 -20.34 -14.82 -64.44
C GLY A 237 -19.01 -15.53 -64.46
N THR A 238 -19.07 -16.67 -65.14
CA THR A 238 -17.99 -17.63 -65.16
C THR A 238 -16.96 -17.28 -66.25
N PRO A 239 -17.22 -16.77 -67.51
CA PRO A 239 -16.13 -16.18 -68.32
C PRO A 239 -15.86 -14.81 -67.69
N TYR A 240 -14.63 -14.61 -67.15
CA TYR A 240 -14.29 -13.53 -66.20
C TYR A 240 -14.21 -12.17 -66.89
N ARG A 241 -14.88 -11.20 -66.28
CA ARG A 241 -14.90 -9.82 -66.75
C ARG A 241 -14.67 -8.83 -65.60
N PHE A 242 -13.66 -7.97 -65.79
CA PHE A 242 -13.10 -7.14 -64.73
C PHE A 242 -13.56 -5.72 -64.82
N ASP A 243 -13.86 -5.07 -63.71
CA ASP A 243 -14.09 -3.64 -63.66
C ASP A 243 -12.87 -3.00 -62.98
N TRP A 244 -12.20 -2.06 -63.71
CA TRP A 244 -10.92 -1.48 -63.33
C TRP A 244 -10.99 -0.08 -62.70
N SER A 245 -12.20 0.50 -62.53
CA SER A 245 -12.32 1.91 -62.22
C SER A 245 -11.60 2.32 -60.92
N ARG A 246 -11.53 1.43 -59.93
CA ARG A 246 -11.00 1.79 -58.62
C ARG A 246 -9.49 1.71 -58.63
N LEU A 247 -8.97 0.68 -59.32
CA LEU A 247 -7.53 0.59 -59.54
C LEU A 247 -6.95 1.84 -60.23
N ARG A 248 -7.57 2.27 -61.32
CA ARG A 248 -7.23 3.47 -62.04
C ARG A 248 -7.22 4.66 -61.11
N LYS A 249 -8.27 4.89 -60.34
CA LYS A 249 -8.28 6.02 -59.42
C LYS A 249 -7.15 5.95 -58.36
N TRP A 250 -6.96 4.74 -57.81
CA TRP A 250 -5.87 4.44 -56.89
C TRP A 250 -4.56 4.89 -57.50
N CYS A 251 -4.23 4.44 -58.72
CA CYS A 251 -2.90 4.67 -59.31
C CYS A 251 -2.67 6.14 -59.67
N GLN A 252 -3.73 6.84 -60.09
CA GLN A 252 -3.71 8.26 -60.31
C GLN A 252 -3.38 9.02 -59.03
N LEU A 253 -3.88 8.58 -57.86
CA LEU A 253 -3.53 9.19 -56.59
C LEU A 253 -2.09 8.81 -56.18
N ALA A 254 -1.63 7.56 -56.40
CA ALA A 254 -0.26 7.22 -56.01
C ALA A 254 0.78 8.05 -56.82
N GLN A 255 0.49 8.23 -58.10
CA GLN A 255 1.35 8.90 -59.05
C GLN A 255 1.49 10.38 -58.67
N GLN A 256 0.31 10.93 -58.40
CA GLN A 256 0.12 12.29 -57.95
C GLN A 256 0.73 12.48 -56.57
N SER A 257 0.67 11.51 -55.68
CA SER A 257 1.34 11.53 -54.35
C SER A 257 2.87 11.29 -54.44
N GLY A 258 3.38 10.88 -55.62
CA GLY A 258 4.82 10.70 -55.86
C GLY A 258 5.35 9.24 -55.87
N PHE A 259 4.51 8.18 -55.79
CA PHE A 259 4.97 6.77 -55.70
C PHE A 259 5.52 6.31 -57.06
N ALA A 260 6.76 5.83 -57.07
CA ALA A 260 7.41 5.37 -58.31
C ALA A 260 7.09 3.86 -58.55
N TYR A 261 6.76 3.12 -57.48
CA TYR A 261 6.53 1.69 -57.47
C TYR A 261 5.26 1.35 -56.68
N LEU A 262 4.57 0.30 -57.13
CA LEU A 262 3.47 -0.33 -56.43
C LEU A 262 3.85 -1.77 -56.13
N GLU A 263 3.35 -2.27 -55.03
CA GLU A 263 3.66 -3.57 -54.43
C GLU A 263 2.34 -4.33 -54.42
N MET A 264 2.33 -5.55 -54.99
CA MET A 264 1.09 -6.29 -55.16
C MET A 264 0.90 -7.13 -53.91
N PRO A 265 -0.34 -7.43 -53.42
CA PRO A 265 -0.49 -8.28 -52.22
C PRO A 265 -0.07 -9.73 -52.52
N PRO A 266 0.29 -10.55 -51.50
CA PRO A 266 0.42 -12.01 -51.64
C PRO A 266 -0.79 -12.70 -52.28
N LEU A 267 -0.50 -13.78 -53.08
CA LEU A 267 -1.46 -14.46 -53.95
C LEU A 267 -2.09 -15.64 -53.21
N PHE A 268 -1.39 -16.12 -52.15
CA PHE A 268 -1.88 -17.10 -51.17
C PHE A 268 -1.83 -16.58 -49.72
N THR A 269 -2.43 -17.34 -48.76
CA THR A 269 -2.57 -16.93 -47.38
C THR A 269 -1.25 -17.11 -46.60
N GLN A 270 -1.15 -16.43 -45.45
CA GLN A 270 0.10 -16.23 -44.72
C GLN A 270 0.52 -17.56 -44.08
N TRP A 271 1.83 -17.74 -43.80
CA TRP A 271 2.33 -18.84 -42.95
C TRP A 271 1.82 -20.21 -43.43
N GLY A 272 2.04 -20.53 -44.70
CA GLY A 272 1.71 -21.88 -45.13
C GLY A 272 1.18 -21.93 -46.56
N ALA A 273 0.56 -20.84 -47.00
CA ALA A 273 0.16 -20.67 -48.40
C ALA A 273 -0.89 -21.69 -48.76
N GLN A 274 -1.76 -21.97 -47.79
CA GLN A 274 -2.72 -23.05 -47.78
C GLN A 274 -3.96 -22.64 -48.58
N ALA A 275 -4.47 -21.41 -48.40
CA ALA A 275 -5.68 -20.98 -49.08
C ALA A 275 -5.45 -19.71 -49.92
N THR A 276 -6.57 -19.13 -50.33
CA THR A 276 -6.63 -18.06 -51.29
C THR A 276 -7.18 -16.80 -50.57
N PRO A 277 -6.92 -15.61 -51.16
CA PRO A 277 -7.47 -14.37 -50.64
C PRO A 277 -8.99 -14.31 -50.80
N THR A 278 -9.68 -13.57 -49.94
CA THR A 278 -11.14 -13.47 -49.96
C THR A 278 -11.62 -12.49 -51.07
N ILE A 279 -11.92 -13.07 -52.23
CA ILE A 279 -12.23 -12.28 -53.43
C ILE A 279 -13.76 -12.37 -53.62
N THR A 280 -14.44 -11.29 -53.97
CA THR A 280 -15.84 -11.39 -54.29
C THR A 280 -16.13 -10.87 -55.69
N ASP A 281 -17.36 -11.14 -56.14
CA ASP A 281 -17.89 -10.50 -57.33
C ASP A 281 -18.67 -9.30 -56.84
N THR A 282 -19.19 -8.53 -57.81
CA THR A 282 -19.90 -7.29 -57.53
C THR A 282 -21.23 -7.48 -56.78
N ALA A 283 -21.81 -8.68 -56.68
CA ALA A 283 -23.02 -8.91 -55.90
C ALA A 283 -22.66 -9.17 -54.43
N GLY A 284 -21.41 -9.63 -54.25
CA GLY A 284 -20.79 -9.87 -52.96
C GLY A 284 -20.54 -11.35 -52.73
N THR A 285 -20.60 -12.16 -53.79
CA THR A 285 -20.47 -13.61 -53.68
C THR A 285 -19.01 -14.05 -53.65
N ALA A 286 -18.59 -14.74 -52.58
CA ALA A 286 -17.21 -15.18 -52.41
C ALA A 286 -16.85 -16.06 -53.60
N LEU A 287 -15.64 -15.88 -54.13
CA LEU A 287 -15.10 -16.70 -55.20
C LEU A 287 -13.86 -17.42 -54.71
N PHE A 288 -13.01 -16.72 -53.94
CA PHE A 288 -11.90 -17.40 -53.27
C PHE A 288 -11.88 -16.97 -51.81
N GLY A 289 -10.99 -17.59 -51.01
CA GLY A 289 -11.06 -17.44 -49.56
C GLY A 289 -10.42 -18.61 -48.82
N TRP A 290 -10.78 -18.79 -47.55
CA TRP A 290 -10.18 -19.81 -46.73
C TRP A 290 -10.70 -21.20 -47.15
N HIS A 291 -11.92 -21.24 -47.75
CA HIS A 291 -12.54 -22.47 -48.26
C HIS A 291 -12.06 -22.89 -49.64
N VAL A 292 -11.12 -22.18 -50.27
CA VAL A 292 -10.59 -22.63 -51.55
C VAL A 292 -9.06 -22.66 -51.43
N PRO A 293 -8.48 -23.88 -51.30
CA PRO A 293 -7.03 -24.08 -51.24
C PRO A 293 -6.26 -23.37 -52.34
N SER A 294 -4.96 -23.16 -52.10
CA SER A 294 -4.04 -22.56 -53.06
C SER A 294 -3.96 -23.34 -54.38
N THR A 295 -4.17 -24.69 -54.36
CA THR A 295 -3.85 -25.55 -55.50
C THR A 295 -5.13 -25.76 -56.32
N ALA A 296 -6.20 -25.08 -55.91
CA ALA A 296 -7.42 -25.19 -56.68
C ALA A 296 -7.15 -24.84 -58.15
N PRO A 297 -7.43 -25.79 -59.08
CA PRO A 297 -7.52 -25.41 -60.49
C PRO A 297 -8.33 -24.15 -60.86
N ALA A 298 -9.46 -23.88 -60.17
CA ALA A 298 -10.28 -22.68 -60.48
C ALA A 298 -9.49 -21.36 -60.35
N TYR A 299 -8.54 -21.30 -59.39
CA TYR A 299 -7.70 -20.15 -59.04
C TYR A 299 -6.51 -20.00 -60.00
N ARG A 300 -5.98 -21.12 -60.52
CA ARG A 300 -5.01 -21.03 -61.60
C ARG A 300 -5.68 -20.35 -62.83
N ALA A 301 -6.96 -20.65 -63.04
CA ALA A 301 -7.69 -20.19 -64.21
C ALA A 301 -8.05 -18.74 -63.99
N PHE A 302 -8.42 -18.38 -62.78
CA PHE A 302 -8.76 -17.00 -62.45
C PHE A 302 -7.55 -16.09 -62.74
N LEU A 303 -6.37 -16.47 -62.21
CA LEU A 303 -5.14 -15.70 -62.38
C LEU A 303 -4.67 -15.69 -63.85
N GLN A 304 -4.76 -16.80 -64.58
CA GLN A 304 -4.34 -16.85 -65.98
C GLN A 304 -5.08 -15.80 -66.78
N ALA A 305 -6.37 -15.64 -66.49
CA ALA A 305 -7.16 -14.57 -67.06
C ALA A 305 -6.72 -13.18 -66.57
N LEU A 306 -6.48 -12.99 -65.26
CA LEU A 306 -6.29 -11.68 -64.61
C LEU A 306 -4.95 -11.00 -64.97
N LEU A 307 -3.85 -11.77 -64.96
CA LEU A 307 -2.50 -11.23 -64.94
C LEU A 307 -2.10 -10.52 -66.24
N PRO A 308 -2.34 -11.07 -67.46
CA PRO A 308 -2.20 -10.25 -68.68
C PRO A 308 -2.97 -8.91 -68.64
N GLN A 309 -4.25 -8.93 -68.29
CA GLN A 309 -4.99 -7.68 -68.30
C GLN A 309 -4.50 -6.70 -67.21
N LEU A 310 -4.28 -7.15 -65.97
CA LEU A 310 -3.83 -6.29 -64.88
C LEU A 310 -2.51 -5.58 -65.18
N LEU A 311 -1.52 -6.27 -65.78
CA LEU A 311 -0.30 -5.57 -66.13
C LEU A 311 -0.58 -4.46 -67.16
N ALA A 312 -1.47 -4.78 -68.12
CA ALA A 312 -1.92 -3.86 -69.14
C ALA A 312 -2.45 -2.59 -68.47
N VAL A 313 -3.38 -2.70 -67.50
CA VAL A 313 -3.97 -1.57 -66.76
C VAL A 313 -2.86 -0.79 -65.99
N LEU A 314 -1.93 -1.52 -65.36
CA LEU A 314 -0.91 -0.87 -64.53
C LEU A 314 0.04 -0.07 -65.42
N ALA A 315 0.41 -0.60 -66.61
CA ALA A 315 1.22 0.14 -67.58
C ALA A 315 0.50 1.38 -68.07
N GLU A 316 -0.82 1.29 -68.35
CA GLU A 316 -1.64 2.44 -68.77
C GLU A 316 -1.61 3.60 -67.74
N GLU A 317 -1.29 3.26 -66.48
CA GLU A 317 -1.32 4.20 -65.37
C GLU A 317 0.10 4.62 -64.98
N GLY A 318 1.11 4.15 -65.73
CA GLY A 318 2.48 4.58 -65.59
C GLY A 318 3.38 3.64 -64.78
N TYR A 319 2.96 2.41 -64.53
CA TYR A 319 3.73 1.39 -63.79
C TYR A 319 4.07 0.19 -64.71
N ASP A 320 5.27 0.20 -65.33
CA ASP A 320 5.83 -0.88 -66.15
C ASP A 320 6.23 -2.03 -65.20
N ARG A 321 6.65 -3.17 -65.77
CA ARG A 321 7.03 -4.36 -65.01
C ARG A 321 8.29 -4.14 -64.13
N ASP A 322 9.05 -3.08 -64.39
CA ASP A 322 10.26 -2.81 -63.65
C ASP A 322 9.93 -1.94 -62.45
N HIS A 323 8.65 -1.51 -62.30
CA HIS A 323 8.18 -0.56 -61.30
C HIS A 323 7.06 -1.24 -60.48
N LEU A 324 7.13 -2.56 -60.34
CA LEU A 324 6.11 -3.35 -59.69
C LEU A 324 6.79 -4.49 -58.95
N PHE A 325 6.29 -4.78 -57.72
CA PHE A 325 6.71 -5.92 -56.91
C PHE A 325 5.51 -6.82 -56.55
N PHE A 326 5.67 -8.15 -56.76
CA PHE A 326 4.64 -9.13 -56.51
C PHE A 326 5.05 -10.02 -55.34
N HIS A 327 4.04 -10.65 -54.70
CA HIS A 327 4.24 -11.59 -53.59
C HIS A 327 3.45 -12.89 -53.83
N LEU A 328 3.95 -14.05 -53.29
CA LEU A 328 3.23 -15.32 -53.31
C LEU A 328 2.55 -15.56 -51.97
N ALA A 329 3.41 -15.68 -50.94
CA ALA A 329 2.90 -15.83 -49.59
C ALA A 329 3.97 -15.42 -48.57
N ASP A 330 3.46 -14.81 -47.47
CA ASP A 330 4.27 -14.19 -46.44
C ASP A 330 4.71 -15.17 -45.33
N GLU A 331 6.04 -15.09 -45.03
CA GLU A 331 6.80 -15.51 -43.82
C GLU A 331 6.84 -17.05 -43.74
N PRO A 332 7.34 -17.75 -44.80
CA PRO A 332 7.53 -19.19 -44.71
C PRO A 332 8.84 -19.56 -43.99
N ASN A 333 8.80 -20.74 -43.33
CA ASN A 333 9.96 -21.42 -42.75
C ASN A 333 9.89 -22.90 -43.13
N ALA A 334 10.82 -23.71 -42.61
CA ALA A 334 10.98 -25.12 -42.95
C ALA A 334 9.68 -25.93 -42.83
N SER A 335 8.85 -25.61 -41.83
CA SER A 335 7.57 -26.29 -41.57
C SER A 335 6.63 -26.29 -42.78
N THR A 336 6.66 -25.17 -43.51
CA THR A 336 5.70 -24.81 -44.53
C THR A 336 6.39 -24.77 -45.91
N GLU A 337 7.63 -25.34 -46.03
CA GLU A 337 8.48 -25.35 -47.22
C GLU A 337 7.70 -25.85 -48.45
N ASP A 338 6.91 -26.93 -48.23
CA ASP A 338 6.24 -27.67 -49.28
C ASP A 338 4.90 -27.03 -49.65
N GLY A 339 4.24 -26.35 -48.71
CA GLY A 339 3.13 -25.43 -49.01
C GLY A 339 3.55 -24.30 -49.96
N TYR A 340 4.65 -23.62 -49.62
CA TYR A 340 5.20 -22.61 -50.51
C TYR A 340 5.54 -23.21 -51.89
N ARG A 341 6.34 -24.26 -51.91
CA ARG A 341 6.61 -24.99 -53.15
C ARG A 341 5.34 -25.26 -53.97
N ALA A 342 4.35 -25.90 -53.35
CA ALA A 342 3.16 -26.36 -54.06
C ALA A 342 2.38 -25.21 -54.71
N ALA A 343 2.14 -24.15 -53.93
CA ALA A 343 1.53 -22.90 -54.41
C ALA A 343 2.37 -22.22 -55.52
N ARG A 344 3.68 -22.16 -55.37
CA ARG A 344 4.47 -21.56 -56.43
C ARG A 344 4.23 -22.29 -57.75
N ALA A 345 4.25 -23.66 -57.68
CA ALA A 345 4.15 -24.53 -58.84
C ALA A 345 2.90 -24.20 -59.63
N GLN A 346 1.89 -23.65 -58.95
CA GLN A 346 0.61 -23.35 -59.57
C GLN A 346 0.66 -22.08 -60.44
N VAL A 347 1.80 -21.37 -60.45
CA VAL A 347 1.77 -19.96 -60.82
C VAL A 347 3.12 -19.45 -61.31
N ALA A 348 4.24 -20.14 -60.98
CA ALA A 348 5.57 -19.78 -61.46
C ALA A 348 5.58 -19.44 -62.96
N ASP A 349 4.99 -20.30 -63.80
CA ASP A 349 4.89 -20.09 -65.24
C ASP A 349 4.09 -18.84 -65.66
N LEU A 350 3.24 -18.26 -64.78
CA LEU A 350 2.47 -17.04 -65.03
C LEU A 350 3.24 -15.77 -64.62
N LEU A 351 4.24 -15.84 -63.75
CA LEU A 351 4.92 -14.64 -63.24
C LEU A 351 6.25 -14.35 -63.92
N ASP A 352 6.32 -14.53 -65.25
CA ASP A 352 7.57 -14.61 -66.01
C ASP A 352 8.17 -13.24 -66.21
N GLY A 353 9.42 -13.09 -65.73
CA GLY A 353 10.12 -11.81 -65.86
C GLY A 353 9.74 -10.75 -64.83
N LEU A 354 8.57 -10.87 -64.16
CA LEU A 354 8.16 -10.04 -63.02
C LEU A 354 9.13 -10.16 -61.83
N GLN A 355 9.28 -9.08 -61.04
CA GLN A 355 10.05 -9.09 -59.80
C GLN A 355 9.12 -9.58 -58.66
N VAL A 356 9.37 -10.81 -58.16
CA VAL A 356 8.63 -11.50 -57.11
C VAL A 356 9.53 -11.60 -55.88
N ILE A 357 9.03 -11.09 -54.75
CA ILE A 357 9.76 -10.99 -53.49
C ILE A 357 8.93 -11.65 -52.39
N ASP A 358 9.60 -11.93 -51.29
CA ASP A 358 8.94 -12.52 -50.15
C ASP A 358 9.90 -12.37 -48.96
N ALA A 359 9.25 -12.18 -47.80
CA ALA A 359 9.85 -11.96 -46.47
C ALA A 359 10.07 -13.30 -45.79
N LEU A 360 11.27 -13.41 -45.24
CA LEU A 360 11.86 -14.72 -45.06
C LEU A 360 12.91 -14.66 -43.94
N SER A 361 13.36 -15.82 -43.48
CA SER A 361 14.42 -15.95 -42.50
C SER A 361 15.37 -17.11 -42.86
N ASP A 362 14.85 -18.06 -43.68
CA ASP A 362 15.49 -19.33 -43.90
C ASP A 362 16.15 -19.33 -45.29
N VAL A 363 17.50 -19.35 -45.32
CA VAL A 363 18.30 -19.18 -46.53
C VAL A 363 18.06 -20.33 -47.53
N ARG A 364 17.64 -21.49 -47.02
CA ARG A 364 17.35 -22.63 -47.84
C ARG A 364 16.37 -22.25 -48.97
N PHE A 365 15.37 -21.42 -48.70
CA PHE A 365 14.39 -20.99 -49.70
C PHE A 365 15.04 -20.20 -50.87
N TYR A 366 16.25 -19.67 -50.65
CA TYR A 366 16.97 -18.86 -51.65
C TYR A 366 17.88 -19.75 -52.52
N GLU A 367 18.53 -20.74 -51.89
CA GLU A 367 19.39 -21.74 -52.53
C GLU A 367 18.58 -22.81 -53.29
N ASN A 368 17.43 -23.21 -52.71
CA ASN A 368 16.40 -23.98 -53.40
C ASN A 368 15.80 -23.19 -54.56
N GLY A 369 15.89 -21.86 -54.51
CA GLY A 369 15.44 -20.99 -55.58
C GLY A 369 13.93 -20.75 -55.54
N LEU A 370 13.28 -21.23 -54.46
CA LEU A 370 11.88 -20.95 -54.21
C LEU A 370 11.66 -19.43 -54.10
N VAL A 371 12.63 -18.71 -53.44
CA VAL A 371 12.58 -17.25 -53.19
C VAL A 371 13.86 -16.59 -53.79
N PRO A 372 13.87 -16.24 -55.12
CA PRO A 372 15.03 -15.61 -55.74
C PRO A 372 15.39 -14.22 -55.16
N HIS A 373 14.36 -13.52 -54.63
CA HIS A 373 14.42 -12.13 -54.20
C HIS A 373 13.90 -12.00 -52.76
N PRO A 374 14.74 -12.36 -51.74
CA PRO A 374 14.35 -12.38 -50.32
C PRO A 374 14.39 -11.02 -49.58
N VAL A 375 13.36 -10.77 -48.75
CA VAL A 375 13.33 -9.74 -47.72
C VAL A 375 13.64 -10.41 -46.38
N VAL A 376 14.80 -10.11 -45.79
CA VAL A 376 15.23 -10.89 -44.65
C VAL A 376 15.10 -10.15 -43.31
N ALA A 377 14.67 -10.87 -42.28
CA ALA A 377 14.61 -10.40 -40.90
C ALA A 377 15.98 -9.88 -40.47
N ASP A 378 16.01 -8.79 -39.66
CA ASP A 378 17.29 -8.08 -39.45
C ASP A 378 18.18 -8.79 -38.43
N ASP A 379 17.65 -9.86 -37.77
CA ASP A 379 18.41 -10.83 -36.93
C ASP A 379 18.75 -12.17 -37.64
N ALA A 380 18.83 -12.19 -38.97
CA ALA A 380 19.02 -13.40 -39.75
C ALA A 380 19.77 -13.07 -41.03
N LEU A 381 20.53 -11.94 -41.04
CA LEU A 381 21.09 -11.42 -42.28
C LEU A 381 22.38 -12.17 -42.65
N ALA A 382 23.16 -12.68 -41.65
CA ALA A 382 24.51 -13.21 -41.83
C ALA A 382 24.65 -14.26 -42.95
N PRO A 383 23.89 -15.38 -42.96
CA PRO A 383 23.84 -16.29 -44.11
C PRO A 383 23.57 -15.72 -45.52
N PHE A 384 22.82 -14.62 -45.60
CA PHE A 384 22.59 -14.01 -46.92
C PHE A 384 23.70 -13.07 -47.37
N LEU A 385 24.42 -12.47 -46.41
CA LEU A 385 25.65 -11.72 -46.65
C LEU A 385 26.79 -12.67 -47.02
N ALA A 386 26.98 -13.79 -46.28
CA ALA A 386 27.93 -14.83 -46.68
C ALA A 386 27.76 -15.17 -48.17
N ALA A 387 26.53 -15.50 -48.62
CA ALA A 387 26.20 -15.86 -50.00
C ALA A 387 26.17 -14.68 -50.99
N ASP A 388 26.51 -13.44 -50.58
CA ASP A 388 26.47 -12.26 -51.45
C ASP A 388 25.14 -12.12 -52.20
N ALA A 389 23.98 -12.32 -51.57
CA ALA A 389 22.72 -12.11 -52.29
C ALA A 389 22.50 -10.63 -52.64
N ALA A 390 22.23 -10.34 -53.91
CA ALA A 390 21.93 -8.99 -54.41
C ALA A 390 20.83 -9.08 -55.47
N PRO A 391 19.79 -8.21 -55.46
CA PRO A 391 19.50 -7.33 -54.31
C PRO A 391 19.13 -8.10 -53.02
N LEU A 392 19.24 -7.37 -51.90
CA LEU A 392 18.81 -7.82 -50.58
C LEU A 392 18.05 -6.69 -49.84
N TRP A 393 16.88 -7.04 -49.25
CA TRP A 393 16.09 -6.13 -48.41
C TRP A 393 16.10 -6.64 -46.99
N THR A 394 15.71 -5.80 -46.01
CA THR A 394 15.57 -6.24 -44.61
C THR A 394 14.20 -5.78 -44.08
N TYR A 395 13.74 -6.40 -42.99
CA TYR A 395 12.59 -5.95 -42.25
C TYR A 395 12.76 -6.20 -40.76
N TYR A 396 11.85 -5.61 -39.97
CA TYR A 396 11.69 -5.98 -38.58
C TYR A 396 10.21 -5.89 -38.21
N CYS A 397 9.88 -6.60 -37.10
CA CYS A 397 8.51 -6.83 -36.68
C CYS A 397 8.51 -7.15 -35.18
N CYS A 398 7.34 -7.62 -34.71
CA CYS A 398 7.16 -8.00 -33.32
C CYS A 398 8.28 -8.91 -32.83
N ALA A 399 8.88 -9.72 -33.74
CA ALA A 399 9.64 -10.91 -33.36
C ALA A 399 11.11 -10.54 -33.23
N GLN A 400 11.57 -9.38 -33.75
CA GLN A 400 12.99 -8.96 -33.67
C GLN A 400 13.29 -8.15 -32.38
N THR A 401 13.39 -8.91 -31.27
CA THR A 401 13.29 -8.43 -29.89
C THR A 401 14.66 -8.22 -29.23
N THR A 402 15.73 -8.83 -29.82
CA THR A 402 17.05 -8.99 -29.19
C THR A 402 18.17 -8.49 -30.11
N ALA A 403 18.91 -7.47 -29.65
CA ALA A 403 20.22 -7.08 -30.19
C ALA A 403 20.12 -6.26 -31.47
N VAL A 404 18.95 -6.25 -32.11
CA VAL A 404 18.79 -5.69 -33.45
C VAL A 404 17.88 -4.47 -33.45
N PRO A 405 17.94 -3.64 -34.53
CA PRO A 405 17.06 -2.48 -34.65
C PRO A 405 15.55 -2.79 -34.76
N ASN A 406 14.78 -1.85 -34.17
CA ASN A 406 13.34 -1.91 -34.01
C ASN A 406 12.92 -0.52 -33.48
N ARG A 407 11.59 -0.34 -33.36
CA ARG A 407 11.00 0.98 -33.12
C ARG A 407 10.06 0.98 -31.88
N PHE A 408 10.15 -0.03 -31.02
CA PHE A 408 9.19 -0.21 -29.92
C PHE A 408 9.22 0.98 -28.97
N PHE A 409 8.10 1.27 -28.28
CA PHE A 409 8.08 2.39 -27.30
C PHE A 409 9.14 2.25 -26.17
N ALA A 410 9.31 0.99 -25.72
CA ALA A 410 10.18 0.63 -24.60
C ALA A 410 11.68 0.48 -24.95
N LEU A 411 12.09 0.71 -26.21
CA LEU A 411 13.47 0.72 -26.68
C LEU A 411 13.92 2.17 -26.79
N ARG A 412 15.22 2.38 -26.94
CA ARG A 412 15.79 3.70 -27.21
C ARG A 412 15.46 4.08 -28.65
N SER A 413 15.23 5.38 -28.91
CA SER A 413 15.25 6.01 -30.22
C SER A 413 16.52 5.66 -31.03
N TYR A 414 17.67 5.54 -30.36
CA TYR A 414 18.88 5.13 -31.04
C TYR A 414 18.78 3.76 -31.74
N ASP A 415 18.15 2.76 -31.12
CA ASP A 415 17.84 1.47 -31.74
C ASP A 415 17.01 1.54 -33.05
N ASN A 416 16.33 2.67 -33.30
CA ASN A 416 15.57 2.93 -34.51
C ASN A 416 16.48 3.66 -35.51
N ARG A 417 17.09 4.76 -35.05
CA ARG A 417 17.89 5.59 -35.95
C ARG A 417 19.09 4.84 -36.58
N VAL A 418 19.75 3.97 -35.80
CA VAL A 418 20.93 3.19 -36.20
C VAL A 418 20.74 2.26 -37.42
N LEU A 419 19.49 1.98 -37.82
CA LEU A 419 19.16 1.33 -39.10
C LEU A 419 19.86 2.00 -40.30
N GLY A 420 19.88 3.32 -40.35
CA GLY A 420 20.36 4.06 -41.49
C GLY A 420 21.80 3.70 -41.84
N VAL A 421 22.70 3.88 -40.88
CA VAL A 421 24.11 3.59 -41.14
C VAL A 421 24.32 2.12 -41.46
N LEU A 422 23.50 1.24 -40.88
CA LEU A 422 23.68 -0.19 -41.04
C LEU A 422 23.15 -0.65 -42.42
N LEU A 423 22.06 -0.04 -42.94
CA LEU A 423 21.68 -0.25 -44.33
C LEU A 423 22.83 0.12 -45.28
N TYR A 424 23.43 1.30 -45.03
CA TYR A 424 24.59 1.76 -45.77
C TYR A 424 25.73 0.75 -45.67
N ARG A 425 26.25 0.54 -44.46
CA ARG A 425 27.49 -0.19 -44.25
C ARG A 425 27.43 -1.57 -44.92
N HIS A 426 26.26 -2.26 -44.98
CA HIS A 426 26.14 -3.62 -45.46
C HIS A 426 25.43 -3.68 -46.81
N GLN A 427 25.29 -2.54 -47.48
CA GLN A 427 24.71 -2.48 -48.80
C GLN A 427 23.36 -3.16 -48.90
N ILE A 428 22.40 -2.84 -48.02
CA ILE A 428 21.01 -3.25 -48.19
C ILE A 428 20.30 -2.28 -49.16
N GLN A 429 19.49 -2.84 -50.10
CA GLN A 429 18.82 -2.02 -51.12
C GLN A 429 17.39 -1.63 -50.69
N GLY A 430 16.82 -2.30 -49.70
CA GLY A 430 15.42 -2.04 -49.39
C GLY A 430 15.15 -2.25 -47.92
N PHE A 431 14.06 -1.61 -47.45
CA PHE A 431 13.55 -1.80 -46.08
C PHE A 431 12.01 -1.89 -46.12
N LEU A 432 11.48 -2.95 -45.47
CA LEU A 432 10.06 -3.19 -45.47
C LEU A 432 9.57 -3.23 -44.03
N HIS A 433 8.30 -2.82 -43.80
CA HIS A 433 7.63 -2.92 -42.50
C HIS A 433 6.12 -3.13 -42.69
N TRP A 434 5.54 -4.06 -41.94
CA TRP A 434 4.15 -4.51 -42.05
C TRP A 434 3.10 -3.50 -41.56
N GLY A 435 3.51 -2.49 -40.78
CA GLY A 435 2.58 -1.70 -39.98
C GLY A 435 2.77 -0.19 -40.13
N PHE A 436 2.30 0.32 -41.28
CA PHE A 436 2.11 1.77 -41.42
C PHE A 436 0.92 2.28 -40.59
N ASN A 437 -0.22 1.52 -40.56
CA ASN A 437 -1.51 1.99 -40.03
C ASN A 437 -2.44 0.81 -39.64
N PHE A 438 -1.87 -0.20 -38.95
CA PHE A 438 -2.65 -1.34 -38.48
C PHE A 438 -3.36 -0.97 -37.19
N TYR A 439 -4.66 -0.78 -37.29
CA TYR A 439 -5.55 -0.42 -36.18
C TYR A 439 -6.49 -1.58 -35.88
N ASN A 440 -5.93 -2.83 -35.92
CA ASN A 440 -6.62 -4.05 -35.49
C ASN A 440 -5.98 -4.72 -34.26
N ALA A 441 -6.78 -5.57 -33.57
CA ALA A 441 -6.22 -6.57 -32.65
C ALA A 441 -5.47 -7.63 -33.47
N GLN A 442 -4.46 -8.32 -32.93
CA GLN A 442 -3.85 -9.47 -33.60
C GLN A 442 -4.91 -10.25 -34.39
N LEU A 443 -4.56 -10.59 -35.65
CA LEU A 443 -5.33 -11.47 -36.53
C LEU A 443 -6.71 -10.86 -36.85
N SER A 444 -6.79 -9.53 -36.75
CA SER A 444 -7.95 -8.71 -37.14
C SER A 444 -9.26 -9.23 -36.55
N THR A 445 -9.25 -9.86 -35.38
CA THR A 445 -10.45 -10.28 -34.67
C THR A 445 -11.37 -9.10 -34.33
N ARG A 446 -10.81 -7.87 -34.23
CA ARG A 446 -11.65 -6.67 -34.05
C ARG A 446 -10.84 -5.37 -34.23
N PRO A 447 -11.51 -4.22 -34.46
CA PRO A 447 -10.80 -2.92 -34.56
C PRO A 447 -10.30 -2.47 -33.20
N ILE A 448 -9.19 -1.70 -33.18
CA ILE A 448 -8.87 -1.02 -31.94
C ILE A 448 -8.84 0.51 -32.17
N ASP A 449 -8.96 1.25 -31.06
CA ASP A 449 -8.68 2.67 -30.99
C ASP A 449 -7.16 2.92 -30.89
N PRO A 450 -6.41 3.40 -31.93
CA PRO A 450 -4.94 3.55 -31.81
C PRO A 450 -4.44 4.57 -30.75
N PHE A 451 -5.29 5.51 -30.32
CA PHE A 451 -4.88 6.46 -29.27
C PHE A 451 -4.88 5.80 -27.87
N ALA A 452 -5.72 4.76 -27.66
CA ALA A 452 -5.83 4.04 -26.38
C ALA A 452 -5.09 2.69 -26.33
N VAL A 453 -4.84 2.05 -27.49
CA VAL A 453 -4.24 0.73 -27.63
C VAL A 453 -3.18 0.77 -28.70
N THR A 454 -1.94 0.52 -28.26
CA THR A 454 -0.75 0.55 -29.12
C THR A 454 -0.06 -0.79 -29.28
N ASP A 455 -0.64 -1.87 -28.70
CA ASP A 455 -0.04 -3.22 -28.53
C ASP A 455 -0.88 -4.30 -29.25
N ALA A 456 -1.76 -3.89 -30.17
CA ALA A 456 -2.59 -4.81 -30.97
C ALA A 456 -3.46 -5.68 -30.07
N GLY A 457 -3.97 -5.08 -28.97
CA GLY A 457 -4.86 -5.78 -28.07
C GLY A 457 -4.09 -6.73 -27.16
N GLY A 458 -2.87 -6.39 -26.78
CA GLY A 458 -2.11 -7.17 -25.80
C GLY A 458 -1.34 -8.34 -26.45
N ALA A 459 -0.99 -8.20 -27.73
CA ALA A 459 -0.36 -9.29 -28.49
C ALA A 459 1.05 -8.86 -28.90
N PHE A 460 1.27 -7.57 -29.26
CA PHE A 460 2.54 -7.13 -29.83
C PHE A 460 3.11 -5.98 -28.97
N PRO A 461 4.47 -5.92 -28.84
CA PRO A 461 5.12 -4.80 -28.15
C PRO A 461 4.64 -3.48 -28.73
N SER A 462 4.37 -2.47 -27.89
CA SER A 462 3.80 -1.22 -28.39
C SER A 462 4.81 -0.49 -29.27
N GLY A 463 4.30 0.12 -30.37
CA GLY A 463 5.14 0.76 -31.39
C GLY A 463 5.34 -0.05 -32.69
N ASP A 464 4.83 -1.31 -32.68
CA ASP A 464 4.99 -2.28 -33.77
C ASP A 464 3.91 -2.04 -34.85
N PRO A 465 2.59 -2.03 -34.57
CA PRO A 465 1.62 -2.08 -35.66
C PRO A 465 1.26 -0.84 -36.43
N PHE A 466 1.65 0.34 -35.98
CA PHE A 466 1.31 1.56 -36.72
C PHE A 466 2.32 2.69 -36.44
N LEU A 467 2.69 3.35 -37.54
CA LEU A 467 3.64 4.46 -37.57
C LEU A 467 3.00 5.86 -37.50
N VAL A 468 1.68 5.93 -37.86
CA VAL A 468 0.89 7.13 -37.86
C VAL A 468 -0.49 6.86 -37.24
N TYR A 469 -1.01 7.96 -36.65
CA TYR A 469 -2.29 7.98 -35.96
C TYR A 469 -3.30 8.68 -36.86
N PRO A 470 -4.59 8.34 -36.77
CA PRO A 470 -5.60 8.98 -37.61
C PRO A 470 -6.23 10.20 -36.97
N GLY A 471 -5.82 11.39 -37.48
CA GLY A 471 -6.38 12.68 -37.04
C GLY A 471 -7.89 12.84 -37.29
N ALA A 472 -8.55 13.72 -36.50
CA ALA A 472 -10.02 13.84 -36.53
C ALA A 472 -10.47 14.40 -37.87
N ASP A 473 -9.64 15.25 -38.49
CA ASP A 473 -9.83 15.89 -39.78
C ASP A 473 -9.55 14.95 -41.01
N GLY A 474 -9.20 13.67 -40.81
CA GLY A 474 -8.90 12.75 -41.93
C GLY A 474 -7.45 12.82 -42.35
N GLN A 475 -6.64 13.48 -41.53
CA GLN A 475 -5.25 13.77 -41.89
C GLN A 475 -4.38 12.92 -40.96
N PRO A 476 -3.31 12.22 -41.43
CA PRO A 476 -2.50 11.42 -40.55
C PRO A 476 -1.78 12.34 -39.59
N LEU A 477 -1.59 11.89 -38.34
CA LEU A 477 -0.72 12.54 -37.38
C LEU A 477 0.60 11.78 -37.29
N ASN A 478 1.69 12.57 -37.24
CA ASN A 478 3.07 12.11 -37.16
C ASN A 478 3.36 11.41 -35.81
N SER A 479 4.48 10.65 -35.77
CA SER A 479 4.96 9.97 -34.57
C SER A 479 6.43 10.32 -34.38
N LEU A 480 6.88 10.19 -33.13
CA LEU A 480 8.29 10.28 -32.78
C LEU A 480 9.09 9.17 -33.46
N ARG A 481 8.48 7.99 -33.61
CA ARG A 481 9.19 6.86 -34.22
C ARG A 481 9.55 7.20 -35.67
N ASN A 482 8.60 7.79 -36.38
CA ASN A 482 8.83 8.26 -37.74
C ASN A 482 9.85 9.39 -37.80
N GLU A 483 9.77 10.41 -36.92
CA GLU A 483 10.73 11.48 -37.01
C GLU A 483 12.14 10.98 -36.73
N VAL A 484 12.27 10.01 -35.81
CA VAL A 484 13.56 9.36 -35.56
C VAL A 484 14.00 8.46 -36.72
N GLN A 485 13.06 7.78 -37.36
CA GLN A 485 13.46 6.97 -38.51
C GLN A 485 14.06 7.84 -39.62
N ARG A 486 13.50 9.07 -39.79
CA ARG A 486 13.98 10.11 -40.69
C ARG A 486 15.41 10.55 -40.42
N LEU A 487 15.80 10.70 -39.16
CA LEU A 487 17.17 11.04 -38.85
C LEU A 487 18.06 9.95 -39.39
N GLY A 488 17.66 8.66 -39.24
CA GLY A 488 18.46 7.52 -39.71
C GLY A 488 18.55 7.50 -41.24
N PHE A 489 17.42 7.86 -41.93
CA PHE A 489 17.40 7.99 -43.41
C PHE A 489 18.25 9.20 -43.87
N GLY A 490 18.36 10.22 -43.02
CA GLY A 490 19.19 11.34 -43.33
C GLY A 490 20.65 11.00 -43.15
N ASP A 491 20.95 10.07 -42.23
CA ASP A 491 22.30 9.50 -42.06
C ASP A 491 22.68 8.71 -43.33
N LEU A 492 21.88 7.70 -43.73
CA LEU A 492 22.06 7.01 -45.03
C LEU A 492 22.45 7.96 -46.19
N ALA A 493 21.73 9.11 -46.26
CA ALA A 493 21.74 9.94 -47.45
C ALA A 493 23.02 10.76 -47.48
N VAL A 494 23.54 11.18 -46.30
CA VAL A 494 24.77 11.98 -46.28
C VAL A 494 25.96 11.05 -46.57
N LEU A 495 25.89 9.77 -46.10
CA LEU A 495 26.89 8.72 -46.36
C LEU A 495 26.94 8.37 -47.85
N GLN A 496 25.77 8.25 -48.48
CA GLN A 496 25.67 8.05 -49.92
C GLN A 496 26.27 9.23 -50.73
N GLN A 497 25.88 10.45 -50.40
CA GLN A 497 26.45 11.68 -50.95
C GLN A 497 27.96 11.74 -50.69
N LEU A 498 28.47 11.10 -49.61
CA LEU A 498 29.90 11.22 -49.35
C LEU A 498 30.69 10.25 -50.22
N GLU A 499 30.09 9.09 -50.46
CA GLU A 499 30.57 8.03 -51.34
C GLU A 499 30.60 8.51 -52.78
N ALA A 500 29.75 9.48 -53.14
CA ALA A 500 29.81 10.07 -54.48
C ALA A 500 31.09 10.92 -54.65
N LEU A 501 31.51 11.61 -53.59
CA LEU A 501 32.72 12.42 -53.57
C LEU A 501 33.99 11.60 -53.41
N LYS A 502 34.02 10.58 -52.57
CA LYS A 502 35.26 9.88 -52.21
C LYS A 502 35.10 8.39 -52.49
N GLY A 503 36.01 7.53 -52.05
CA GLY A 503 35.65 6.09 -52.17
C GLY A 503 34.29 5.69 -51.51
N ARG A 504 33.72 4.53 -51.85
CA ARG A 504 32.98 3.77 -50.82
C ARG A 504 33.94 3.27 -49.72
N PRO A 505 35.13 2.69 -50.08
CA PRO A 505 36.20 2.42 -49.10
C PRO A 505 36.39 3.55 -48.07
N PHE A 506 36.45 4.81 -48.53
CA PHE A 506 36.69 5.96 -47.65
C PHE A 506 35.61 5.98 -46.53
N VAL A 507 34.33 5.82 -46.95
CA VAL A 507 33.18 5.97 -46.06
C VAL A 507 33.09 4.77 -45.09
N GLU A 508 33.42 3.59 -45.59
CA GLU A 508 33.50 2.40 -44.78
C GLU A 508 34.58 2.53 -43.72
N ARG A 509 35.75 3.09 -44.05
CA ARG A 509 36.82 3.30 -43.07
C ARG A 509 36.37 4.26 -41.97
N LEU A 510 35.67 5.33 -42.41
CA LEU A 510 35.18 6.39 -41.56
C LEU A 510 34.07 5.86 -40.63
N ILE A 511 33.10 5.08 -41.13
CA ILE A 511 32.12 4.49 -40.23
C ILE A 511 32.84 3.67 -39.14
N ASP A 512 33.70 2.73 -39.54
CA ASP A 512 34.31 1.73 -38.68
C ASP A 512 35.16 2.39 -37.57
N VAL A 513 35.80 3.50 -37.93
CA VAL A 513 36.75 4.15 -37.03
C VAL A 513 35.92 4.90 -35.97
N THR A 514 34.88 5.62 -36.42
CA THR A 514 33.95 6.33 -35.56
C THR A 514 33.13 5.40 -34.63
N ALA A 515 32.87 4.14 -35.05
CA ALA A 515 32.19 3.16 -34.23
C ALA A 515 33.14 2.45 -33.24
N GLY A 516 34.48 2.41 -33.54
CA GLY A 516 35.46 1.52 -32.93
C GLY A 516 35.39 0.06 -33.38
N MET A 517 34.57 -0.24 -34.41
CA MET A 517 34.21 -1.59 -34.79
C MET A 517 33.43 -1.49 -36.12
N VAL A 518 33.35 -2.64 -36.78
CA VAL A 518 32.42 -2.82 -37.88
C VAL A 518 31.02 -2.97 -37.28
N PRO A 519 30.13 -1.96 -37.42
CA PRO A 519 28.78 -2.11 -36.86
C PRO A 519 28.04 -3.22 -37.62
N GLN A 520 27.46 -4.14 -36.87
CA GLN A 520 26.66 -5.21 -37.41
C GLN A 520 25.22 -5.01 -36.94
N PHE A 521 24.24 -5.49 -37.72
CA PHE A 521 22.85 -5.42 -37.36
C PHE A 521 22.55 -6.02 -35.96
N ASP A 522 23.29 -7.07 -35.51
CA ASP A 522 23.10 -7.69 -34.20
C ASP A 522 24.27 -7.40 -33.25
N ASP A 523 24.94 -6.30 -33.48
CA ASP A 523 26.05 -5.95 -32.65
C ASP A 523 26.57 -4.57 -33.06
N TYR A 524 25.91 -3.51 -32.55
CA TYR A 524 26.29 -2.12 -32.83
C TYR A 524 26.62 -1.43 -31.49
N PRO A 525 27.39 -0.30 -31.47
CA PRO A 525 27.92 0.27 -30.22
C PRO A 525 26.82 0.52 -29.17
N PRO A 526 27.04 0.25 -27.86
CA PRO A 526 26.05 0.59 -26.81
C PRO A 526 25.68 2.07 -26.60
N ASP A 527 26.64 2.95 -26.87
CA ASP A 527 26.52 4.40 -26.82
C ASP A 527 26.08 4.95 -28.19
N ALA A 528 25.27 6.04 -28.19
CA ALA A 528 24.58 6.56 -29.37
C ALA A 528 25.32 7.77 -29.94
N GLY A 529 26.19 8.38 -29.16
CA GLY A 529 26.91 9.58 -29.56
C GLY A 529 27.75 9.42 -30.82
N TRP A 530 28.19 8.21 -31.15
CA TRP A 530 29.04 8.05 -32.33
C TRP A 530 28.30 8.42 -33.64
N LEU A 531 26.97 8.22 -33.71
CA LEU A 531 26.20 8.56 -34.90
C LEU A 531 26.24 10.05 -35.21
N THR A 532 26.07 10.89 -34.16
CA THR A 532 26.09 12.35 -34.25
C THR A 532 27.47 12.73 -34.77
N ARG A 533 28.52 12.04 -34.31
CA ARG A 533 29.87 12.38 -34.73
C ARG A 533 30.17 11.94 -36.17
N LEU A 534 29.71 10.76 -36.59
CA LEU A 534 29.81 10.40 -38.01
C LEU A 534 29.08 11.40 -38.92
N HIS A 535 27.85 11.78 -38.55
CA HIS A 535 27.03 12.65 -39.35
C HIS A 535 27.68 14.02 -39.55
N GLU A 536 28.23 14.60 -38.48
CA GLU A 536 28.93 15.89 -38.55
C GLU A 536 30.19 15.80 -39.44
N LYS A 537 30.99 14.77 -39.25
CA LYS A 537 32.18 14.63 -40.06
C LYS A 537 31.84 14.56 -41.54
N ALA A 538 30.84 13.72 -41.89
CA ALA A 538 30.38 13.59 -43.28
C ALA A 538 30.02 14.96 -43.86
N VAL A 539 29.23 15.72 -43.11
CA VAL A 539 28.68 17.00 -43.54
C VAL A 539 29.81 18.01 -43.74
N ALA A 540 30.84 18.01 -42.86
CA ALA A 540 32.00 18.91 -42.93
C ALA A 540 32.87 18.65 -44.16
N THR A 541 33.08 17.37 -44.51
CA THR A 541 33.80 16.96 -45.72
C THR A 541 33.06 17.39 -46.99
N LEU A 542 31.72 17.24 -47.05
CA LEU A 542 30.98 17.75 -48.22
C LEU A 542 30.97 19.29 -48.28
N ALA A 543 30.87 19.97 -47.15
CA ALA A 543 30.91 21.42 -47.15
C ALA A 543 32.32 21.90 -47.53
N ALA A 544 33.35 21.37 -46.88
CA ALA A 544 34.71 21.83 -47.14
C ALA A 544 35.05 21.72 -48.61
N ALA A 545 34.24 20.99 -49.38
CA ALA A 545 34.59 20.68 -50.77
C ALA A 545 33.57 21.32 -51.74
N ALA A 546 32.62 22.17 -51.28
CA ALA A 546 31.62 22.72 -52.21
C ALA A 546 32.22 23.94 -52.90
N PRO A 547 31.86 24.21 -54.19
CA PRO A 547 31.72 25.59 -54.72
C PRO A 547 30.48 26.28 -54.13
N MET B 4 1.86 -24.69 -8.78
CA MET B 4 2.87 -23.61 -8.78
C MET B 4 2.50 -22.57 -9.85
N ASP B 5 3.45 -21.69 -10.27
CA ASP B 5 3.45 -21.09 -11.60
C ASP B 5 2.65 -19.78 -11.71
N TYR B 6 1.47 -19.67 -11.05
CA TYR B 6 0.62 -18.50 -11.15
C TYR B 6 0.62 -17.80 -9.81
N GLN B 7 0.12 -16.55 -9.72
CA GLN B 7 -0.14 -15.94 -8.42
C GLN B 7 -1.49 -15.21 -8.39
N ILE B 8 -2.42 -15.80 -7.61
CA ILE B 8 -3.83 -15.52 -7.72
C ILE B 8 -4.44 -15.52 -6.31
N ASP B 9 -5.08 -14.37 -5.99
CA ASP B 9 -5.62 -14.04 -4.67
C ASP B 9 -6.86 -13.11 -4.85
N LEU B 10 -7.90 -13.28 -4.00
CA LEU B 10 -8.98 -12.31 -3.79
C LEU B 10 -8.43 -11.06 -3.10
N VAL B 11 -8.99 -9.86 -3.42
CA VAL B 11 -8.56 -8.57 -2.86
C VAL B 11 -9.78 -7.75 -2.43
N ASP B 12 -9.61 -6.83 -1.46
CA ASP B 12 -10.73 -5.98 -1.02
C ASP B 12 -11.35 -5.24 -2.20
N PRO B 13 -12.69 -5.16 -2.23
CA PRO B 13 -13.36 -4.30 -3.22
C PRO B 13 -12.86 -2.86 -3.28
N LEU B 14 -12.35 -2.34 -2.16
CA LEU B 14 -11.88 -0.93 -2.12
C LEU B 14 -10.42 -0.75 -2.50
N THR B 15 -9.79 -1.86 -2.93
CA THR B 15 -8.39 -1.78 -3.39
C THR B 15 -8.38 -1.44 -4.89
N LYS B 16 -7.40 -0.60 -5.27
CA LYS B 16 -7.10 -0.32 -6.66
C LYS B 16 -5.84 -1.10 -7.05
N VAL B 17 -6.01 -2.04 -7.98
CA VAL B 17 -4.87 -2.84 -8.41
C VAL B 17 -4.13 -2.16 -9.56
N PHE B 18 -2.92 -1.67 -9.29
CA PHE B 18 -2.10 -1.17 -10.42
C PHE B 18 -1.38 -2.35 -11.10
N ALA B 19 -1.04 -2.15 -12.39
CA ALA B 19 -0.49 -3.23 -13.22
C ALA B 19 0.96 -3.52 -12.80
N ASP B 20 1.32 -2.81 -11.76
CA ASP B 20 2.63 -2.33 -11.40
C ASP B 20 3.07 -2.97 -10.08
N GLU B 21 2.12 -3.49 -9.31
CA GLU B 21 2.23 -3.79 -7.89
C GLU B 21 1.31 -4.96 -7.61
N VAL B 22 1.73 -5.82 -6.67
CA VAL B 22 0.83 -6.84 -6.13
C VAL B 22 0.08 -6.18 -4.99
N PRO B 23 -1.26 -6.36 -4.94
CA PRO B 23 -2.08 -5.84 -3.83
C PRO B 23 -2.23 -6.83 -2.68
N ASP B 24 -2.81 -6.43 -1.55
CA ASP B 24 -2.96 -7.38 -0.45
C ASP B 24 -4.22 -8.24 -0.60
N ALA B 25 -4.10 -9.51 -0.16
CA ALA B 25 -5.14 -10.54 -0.22
C ALA B 25 -6.19 -10.23 0.85
N TRP B 26 -7.50 -10.29 0.47
CA TRP B 26 -8.68 -10.40 1.34
C TRP B 26 -8.58 -11.71 2.13
N VAL B 27 -8.62 -11.66 3.48
CA VAL B 27 -8.71 -12.90 4.26
C VAL B 27 -10.16 -13.38 4.21
N VAL B 28 -10.41 -14.60 3.69
CA VAL B 28 -11.78 -15.09 3.57
C VAL B 28 -12.48 -15.10 4.94
N ALA B 29 -13.55 -14.30 5.14
CA ALA B 29 -14.53 -14.45 6.23
C ALA B 29 -15.93 -14.81 5.66
N THR B 30 -16.85 -15.28 6.52
CA THR B 30 -18.24 -15.52 6.13
C THR B 30 -18.94 -14.17 5.83
N GLN B 31 -19.70 -14.13 4.75
CA GLN B 31 -20.35 -12.91 4.32
C GLN B 31 -21.80 -13.06 4.70
N MET B 32 -22.42 -11.97 5.08
CA MET B 32 -23.85 -12.08 5.22
C MET B 32 -24.48 -10.99 4.36
N VAL B 33 -25.52 -11.36 3.63
CA VAL B 33 -26.15 -10.37 2.78
C VAL B 33 -27.62 -10.43 3.12
N LEU B 34 -28.32 -9.29 3.14
CA LEU B 34 -29.77 -9.35 3.05
C LEU B 34 -30.12 -9.90 1.66
N GLN B 35 -31.33 -10.44 1.49
CA GLN B 35 -31.77 -10.98 0.19
C GLN B 35 -32.08 -9.86 -0.84
N GLY B 36 -31.50 -9.94 -2.05
CA GLY B 36 -31.46 -8.84 -3.01
C GLY B 36 -30.08 -8.17 -3.13
N GLU B 37 -29.29 -8.21 -2.06
CA GLU B 37 -27.99 -7.54 -1.99
C GLU B 37 -26.92 -8.45 -2.62
N PRO B 38 -26.23 -8.01 -3.70
CA PRO B 38 -25.10 -8.76 -4.25
C PRO B 38 -23.90 -8.89 -3.35
N LEU B 39 -23.24 -10.07 -3.42
CA LEU B 39 -21.86 -10.17 -2.94
C LEU B 39 -20.90 -9.70 -4.05
N VAL B 40 -19.95 -8.80 -3.64
CA VAL B 40 -18.98 -8.20 -4.57
C VAL B 40 -17.57 -8.57 -4.13
N LEU B 41 -16.83 -9.22 -5.04
CA LEU B 41 -15.43 -9.58 -4.84
C LEU B 41 -14.57 -9.03 -5.98
N GLN B 42 -13.26 -8.94 -5.71
CA GLN B 42 -12.26 -8.60 -6.69
C GLN B 42 -11.17 -9.68 -6.67
N LEU B 43 -10.66 -10.10 -7.86
CA LEU B 43 -9.66 -11.15 -7.99
C LEU B 43 -8.47 -10.71 -8.87
N ALA B 44 -7.30 -10.60 -8.25
CA ALA B 44 -6.06 -10.20 -8.91
C ALA B 44 -5.25 -11.45 -9.32
N TYR B 45 -4.45 -11.32 -10.41
CA TYR B 45 -3.83 -12.47 -11.08
C TYR B 45 -2.66 -12.05 -11.98
N GLN B 46 -1.75 -13.02 -12.11
CA GLN B 46 -0.45 -12.87 -12.74
C GLN B 46 0.14 -14.27 -12.95
N ARG B 47 0.89 -14.49 -14.06
CA ARG B 47 1.66 -15.72 -14.28
C ARG B 47 3.10 -15.46 -13.88
N LEU B 48 3.63 -16.31 -12.97
CA LEU B 48 5.02 -16.20 -12.48
C LEU B 48 6.03 -16.90 -13.40
N ARG B 49 5.62 -18.00 -14.07
CA ARG B 49 6.43 -18.78 -15.01
C ARG B 49 6.81 -17.86 -16.17
N ASP B 50 8.14 -17.78 -16.37
CA ASP B 50 8.78 -16.93 -17.37
C ASP B 50 9.08 -17.66 -18.69
N ASP B 51 8.04 -18.18 -19.38
CA ASP B 51 8.18 -18.91 -20.63
C ASP B 51 8.33 -17.93 -21.81
N ASP B 52 8.05 -18.40 -23.04
CA ASP B 52 8.24 -17.61 -24.26
C ASP B 52 6.95 -16.96 -24.79
N ALA B 53 5.76 -17.41 -24.35
CA ALA B 53 4.50 -16.69 -24.47
C ALA B 53 4.37 -15.56 -23.42
N SER B 54 3.80 -14.42 -23.83
CA SER B 54 3.54 -13.27 -22.96
C SER B 54 2.46 -13.63 -21.95
N PHE B 55 1.49 -14.47 -22.31
CA PHE B 55 0.39 -14.84 -21.41
C PHE B 55 -0.07 -16.31 -21.56
N SER B 56 -0.91 -16.77 -20.63
CA SER B 56 -1.47 -18.12 -20.63
C SER B 56 -2.93 -17.96 -20.29
N GLU B 57 -3.79 -18.49 -21.13
CA GLU B 57 -5.22 -18.41 -20.94
C GLU B 57 -5.69 -19.27 -19.77
N LEU B 58 -6.58 -18.70 -18.92
CA LEU B 58 -7.26 -19.38 -17.82
C LEU B 58 -8.78 -19.34 -18.04
N THR B 59 -9.50 -20.35 -17.49
CA THR B 59 -10.96 -20.37 -17.56
C THR B 59 -11.49 -20.18 -16.14
N LEU B 60 -12.59 -19.44 -16.02
CA LEU B 60 -13.20 -19.13 -14.73
C LEU B 60 -14.46 -19.99 -14.54
N ALA B 61 -14.56 -20.58 -13.34
CA ALA B 61 -15.82 -21.20 -12.93
C ALA B 61 -16.16 -20.66 -11.53
N THR B 62 -17.49 -20.45 -11.30
CA THR B 62 -18.00 -20.18 -9.96
C THR B 62 -19.14 -21.15 -9.60
N SER B 63 -19.26 -21.62 -8.33
CA SER B 63 -20.40 -22.46 -7.89
C SER B 63 -21.79 -21.84 -8.16
N LEU B 64 -21.90 -20.48 -8.06
CA LEU B 64 -23.15 -19.74 -8.25
C LEU B 64 -22.90 -18.76 -9.39
N SER B 65 -23.99 -18.40 -10.08
CA SER B 65 -24.01 -17.41 -11.14
C SER B 65 -23.38 -16.07 -10.72
N ALA B 66 -22.37 -15.62 -11.51
CA ALA B 66 -21.65 -14.38 -11.30
C ALA B 66 -21.72 -13.49 -12.55
N GLN B 67 -21.88 -12.16 -12.38
CA GLN B 67 -21.51 -11.25 -13.47
C GLN B 67 -20.06 -10.84 -13.29
N CYS B 68 -19.23 -11.09 -14.33
CA CYS B 68 -17.78 -10.93 -14.18
C CYS B 68 -17.24 -9.92 -15.19
N PHE B 69 -16.29 -9.09 -14.76
CA PHE B 69 -15.76 -8.02 -15.60
C PHE B 69 -14.24 -8.02 -15.46
N GLU B 70 -13.56 -7.74 -16.56
CA GLU B 70 -12.15 -7.40 -16.46
C GLU B 70 -12.01 -5.90 -16.22
N ILE B 71 -11.07 -5.59 -15.34
CA ILE B 71 -10.78 -4.21 -14.96
C ILE B 71 -9.63 -3.72 -15.84
N ASN B 72 -9.87 -2.59 -16.50
CA ASN B 72 -9.04 -2.02 -17.58
C ASN B 72 -8.26 -0.82 -17.09
N GLN B 73 -6.95 -0.82 -17.38
CA GLN B 73 -6.09 0.29 -17.03
C GLN B 73 -6.28 1.40 -18.06
N VAL B 74 -6.47 2.67 -17.59
CA VAL B 74 -6.80 3.82 -18.43
C VAL B 74 -5.82 5.00 -18.18
N PRO B 75 -5.36 5.74 -19.21
CA PRO B 75 -4.41 6.82 -19.00
C PRO B 75 -4.94 8.08 -18.32
N SER B 76 -4.09 8.71 -17.47
CA SER B 76 -4.30 10.05 -16.91
C SER B 76 -3.05 10.91 -17.09
N GLN B 77 -3.22 12.08 -17.78
CA GLN B 77 -2.23 13.15 -17.88
C GLN B 77 -2.36 14.18 -16.74
N LEU B 78 -3.48 14.21 -16.01
CA LEU B 78 -3.65 15.14 -14.89
C LEU B 78 -4.39 14.45 -13.76
N PRO B 79 -3.65 13.69 -12.92
CA PRO B 79 -4.26 12.93 -11.83
C PRO B 79 -4.80 13.68 -10.62
N THR B 80 -4.15 14.84 -10.37
CA THR B 80 -4.54 15.78 -9.33
C THR B 80 -4.47 17.24 -9.80
N TRP B 81 -5.17 18.11 -9.07
CA TRP B 81 -5.01 19.56 -9.11
C TRP B 81 -3.89 19.99 -8.15
N PRO B 82 -3.56 21.29 -8.03
CA PRO B 82 -2.41 21.69 -7.20
C PRO B 82 -2.52 21.34 -5.70
N HIS B 83 -1.42 20.89 -5.06
CA HIS B 83 -1.29 20.73 -3.61
C HIS B 83 -2.07 19.51 -3.12
N PRO B 84 -1.90 18.35 -3.78
CA PRO B 84 -2.60 17.14 -3.32
C PRO B 84 -2.33 16.77 -1.86
N ASP B 85 -3.39 16.44 -1.06
CA ASP B 85 -3.24 15.90 0.29
C ASP B 85 -2.76 14.44 0.20
N ALA B 86 -2.45 13.83 1.35
CA ALA B 86 -1.75 12.56 1.39
C ALA B 86 -2.67 11.35 1.18
N ARG B 87 -4.00 11.54 0.96
CA ARG B 87 -4.96 10.47 0.63
C ARG B 87 -4.73 9.90 -0.77
N TYR B 88 -4.17 10.74 -1.66
CA TYR B 88 -3.93 10.47 -3.08
C TYR B 88 -2.87 9.36 -3.20
N LEU B 89 -3.18 8.34 -4.01
CA LEU B 89 -2.45 7.09 -4.14
C LEU B 89 -1.16 7.30 -4.95
N ARG B 90 -1.32 7.94 -6.12
CA ARG B 90 -0.25 8.41 -7.00
C ARG B 90 -0.63 9.79 -7.53
N THR B 91 0.39 10.57 -7.89
CA THR B 91 0.19 11.97 -8.23
C THR B 91 0.91 12.43 -9.51
N THR B 92 1.41 11.50 -10.38
CA THR B 92 2.01 11.82 -11.66
C THR B 92 1.29 11.05 -12.78
N PRO B 93 1.41 11.51 -14.06
CA PRO B 93 0.82 10.74 -15.19
C PRO B 93 1.21 9.25 -15.21
N GLY B 94 0.24 8.38 -15.38
CA GLY B 94 0.42 6.94 -15.50
C GLY B 94 -0.91 6.29 -15.92
N LEU B 95 -1.06 5.01 -15.63
CA LEU B 95 -2.28 4.27 -15.94
C LEU B 95 -3.07 4.05 -14.64
N PHE B 96 -4.41 4.12 -14.73
CA PHE B 96 -5.20 3.91 -13.53
C PHE B 96 -6.29 2.88 -13.85
N PRO B 97 -6.61 1.96 -12.90
CA PRO B 97 -7.66 0.97 -13.09
C PRO B 97 -9.01 1.69 -13.01
N ASP B 98 -9.83 1.55 -14.09
CA ASP B 98 -11.15 2.16 -14.10
C ASP B 98 -12.21 1.47 -14.98
N LEU B 99 -11.90 1.19 -16.25
CA LEU B 99 -12.89 0.72 -17.22
C LEU B 99 -13.22 -0.74 -16.98
N LEU B 100 -14.54 -1.07 -16.96
CA LEU B 100 -15.01 -2.43 -16.83
C LEU B 100 -15.57 -2.96 -18.18
N THR B 101 -14.99 -4.09 -18.65
CA THR B 101 -15.45 -4.76 -19.86
C THR B 101 -16.00 -6.14 -19.51
N PRO B 102 -17.19 -6.53 -20.04
CA PRO B 102 -17.75 -7.85 -19.77
C PRO B 102 -16.71 -8.95 -20.09
N LEU B 103 -16.58 -9.95 -19.20
CA LEU B 103 -15.70 -11.08 -19.48
C LEU B 103 -16.46 -12.09 -20.33
N THR B 104 -16.10 -12.22 -21.60
CA THR B 104 -16.87 -13.02 -22.52
C THR B 104 -16.03 -14.25 -22.92
N GLY B 105 -14.86 -14.48 -22.33
CA GLY B 105 -14.10 -15.67 -22.72
C GLY B 105 -13.06 -16.06 -21.70
N PRO B 106 -11.95 -16.71 -22.06
CA PRO B 106 -10.88 -16.99 -21.09
C PRO B 106 -10.14 -15.73 -20.67
N VAL B 107 -9.48 -15.78 -19.49
CA VAL B 107 -8.74 -14.65 -18.95
C VAL B 107 -7.27 -14.89 -19.29
N ARG B 108 -6.58 -13.80 -19.64
CA ARG B 108 -5.19 -13.85 -20.05
C ARG B 108 -4.30 -13.40 -18.89
N ALA B 109 -3.58 -14.34 -18.28
CA ALA B 109 -2.62 -14.07 -17.21
C ALA B 109 -1.28 -13.87 -17.84
N TYR B 110 -0.74 -12.66 -17.64
CA TYR B 110 0.48 -12.19 -18.25
C TYR B 110 1.61 -12.34 -17.24
N HIS B 111 2.84 -12.54 -17.75
CA HIS B 111 4.05 -12.43 -16.94
C HIS B 111 4.47 -10.97 -16.88
N GLY B 112 4.95 -10.55 -15.71
CA GLY B 112 5.50 -9.23 -15.56
C GLY B 112 4.48 -8.12 -15.25
N GLN B 113 3.23 -8.46 -14.92
CA GLN B 113 2.15 -7.47 -14.80
C GLN B 113 0.92 -8.13 -14.15
N VAL B 114 0.27 -7.32 -13.30
CA VAL B 114 -0.89 -7.76 -12.51
C VAL B 114 -2.16 -7.17 -13.13
N ARG B 115 -3.23 -7.97 -13.10
CA ARG B 115 -4.54 -7.65 -13.67
C ARG B 115 -5.62 -8.15 -12.69
N ALA B 116 -6.83 -7.55 -12.78
CA ALA B 116 -7.92 -7.89 -11.85
C ALA B 116 -9.27 -8.01 -12.57
N LEU B 117 -10.16 -8.80 -11.91
CA LEU B 117 -11.55 -8.99 -12.31
C LEU B 117 -12.44 -8.39 -11.23
N TRP B 118 -13.60 -7.89 -11.64
CA TRP B 118 -14.65 -7.56 -10.69
C TRP B 118 -15.73 -8.63 -10.79
N LEU B 119 -16.15 -9.21 -9.65
CA LEU B 119 -17.14 -10.30 -9.59
C LEU B 119 -18.33 -9.91 -8.71
N LYS B 120 -19.53 -10.11 -9.22
CA LYS B 120 -20.71 -9.91 -8.39
C LYS B 120 -21.60 -11.15 -8.48
N ILE B 121 -22.09 -11.57 -7.30
CA ILE B 121 -22.95 -12.73 -7.22
C ILE B 121 -24.34 -12.22 -6.87
N PRO B 122 -25.33 -12.21 -7.80
CA PRO B 122 -26.69 -11.75 -7.44
C PRO B 122 -27.32 -12.75 -6.47
N THR B 123 -28.31 -12.28 -5.71
CA THR B 123 -28.77 -12.93 -4.49
C THR B 123 -30.30 -12.91 -4.47
N GLU B 124 -30.84 -12.22 -5.47
CA GLU B 124 -32.25 -11.89 -5.60
C GLU B 124 -33.10 -13.15 -5.81
N SER B 125 -32.49 -14.26 -6.31
CA SER B 125 -33.13 -15.54 -6.62
C SER B 125 -32.70 -16.67 -5.68
N LEU B 126 -31.67 -16.49 -4.84
CA LEU B 126 -31.36 -17.44 -3.79
C LEU B 126 -32.39 -17.37 -2.66
N THR B 127 -33.05 -18.50 -2.30
CA THR B 127 -33.85 -18.52 -1.09
C THR B 127 -32.91 -18.55 0.13
N PRO B 128 -33.34 -17.93 1.25
CA PRO B 128 -32.50 -17.79 2.45
C PRO B 128 -31.76 -19.04 2.89
N GLY B 129 -30.54 -18.92 3.45
CA GLY B 129 -29.81 -20.10 3.91
C GLY B 129 -28.30 -19.86 3.89
N SER B 130 -27.56 -20.98 3.87
CA SER B 130 -26.10 -20.99 3.82
C SER B 130 -25.71 -21.56 2.48
N TYR B 131 -24.89 -20.79 1.74
CA TYR B 131 -24.33 -21.28 0.48
C TYR B 131 -22.82 -21.27 0.60
N GLU B 132 -22.24 -21.94 -0.40
CA GLU B 132 -20.83 -22.22 -0.51
C GLU B 132 -20.47 -21.81 -1.94
N LEU B 133 -19.85 -20.62 -2.02
CA LEU B 133 -19.38 -20.06 -3.28
C LEU B 133 -17.95 -20.46 -3.50
N THR B 134 -17.76 -21.30 -4.52
CA THR B 134 -16.42 -21.71 -4.95
C THR B 134 -16.07 -21.03 -6.27
N ILE B 135 -14.83 -20.52 -6.22
CA ILE B 135 -14.25 -19.79 -7.35
C ILE B 135 -12.99 -20.51 -7.78
N THR B 136 -12.92 -20.83 -9.09
CA THR B 136 -11.78 -21.56 -9.60
C THR B 136 -11.32 -20.99 -10.96
N LEU B 137 -10.00 -21.06 -11.14
CA LEU B 137 -9.35 -20.87 -12.43
C LEU B 137 -8.60 -22.15 -12.84
N THR B 138 -8.84 -22.57 -14.08
CA THR B 138 -8.22 -23.74 -14.71
C THR B 138 -7.34 -23.29 -15.88
N GLU B 139 -6.05 -23.67 -15.91
CA GLU B 139 -5.19 -23.39 -17.09
C GLU B 139 -5.73 -24.08 -18.38
N THR B 140 -6.07 -23.32 -19.42
CA THR B 140 -6.80 -23.87 -20.55
C THR B 140 -5.90 -24.88 -21.28
N ALA B 141 -4.58 -24.63 -21.31
CA ALA B 141 -3.65 -25.49 -22.03
C ALA B 141 -3.62 -26.88 -21.39
N SER B 142 -3.44 -26.93 -20.06
CA SER B 142 -3.09 -28.17 -19.38
C SER B 142 -4.29 -28.78 -18.64
N GLY B 143 -5.53 -28.26 -18.80
CA GLY B 143 -6.68 -28.67 -17.99
C GLY B 143 -6.45 -28.77 -16.46
N GLN B 144 -5.29 -28.34 -15.91
CA GLN B 144 -5.02 -28.26 -14.47
C GLN B 144 -5.60 -26.99 -13.81
N VAL B 145 -6.15 -27.20 -12.61
CA VAL B 145 -6.73 -26.18 -11.74
C VAL B 145 -5.57 -25.54 -10.98
N VAL B 146 -5.43 -24.19 -11.03
CA VAL B 146 -4.31 -23.45 -10.45
C VAL B 146 -4.80 -22.46 -9.37
N PHE B 147 -6.13 -22.35 -9.13
CA PHE B 147 -6.68 -21.48 -8.09
C PHE B 147 -8.03 -22.05 -7.63
N SER B 148 -8.18 -22.25 -6.30
CA SER B 148 -9.49 -22.54 -5.74
C SER B 148 -9.66 -21.90 -4.36
N GLN B 149 -10.73 -21.10 -4.22
CA GLN B 149 -11.09 -20.51 -2.94
C GLN B 149 -12.61 -20.62 -2.83
N THR B 150 -13.05 -20.86 -1.57
CA THR B 150 -14.46 -21.01 -1.21
C THR B 150 -14.79 -20.04 -0.08
N VAL B 151 -15.82 -19.23 -0.36
CA VAL B 151 -16.25 -18.15 0.52
C VAL B 151 -17.64 -18.52 1.03
N PRO B 152 -17.85 -18.60 2.36
CA PRO B 152 -19.20 -18.91 2.83
C PRO B 152 -20.12 -17.71 2.62
N LEU B 153 -21.38 -18.00 2.34
CA LEU B 153 -22.33 -16.95 2.09
C LEU B 153 -23.70 -17.27 2.73
N THR B 154 -24.13 -16.38 3.65
CA THR B 154 -25.46 -16.40 4.26
C THR B 154 -26.37 -15.31 3.69
N VAL B 155 -27.57 -15.77 3.38
CA VAL B 155 -28.62 -14.97 2.78
C VAL B 155 -29.76 -14.97 3.82
N ALA B 156 -29.99 -13.79 4.45
CA ALA B 156 -31.04 -13.57 5.42
C ALA B 156 -32.40 -13.63 4.73
N ALA B 157 -33.46 -13.96 5.49
CA ALA B 157 -34.84 -13.86 5.04
C ALA B 157 -35.26 -12.39 4.91
N ALA B 158 -34.63 -11.53 5.74
CA ALA B 158 -34.75 -10.08 5.56
C ALA B 158 -34.33 -9.64 4.13
N VAL B 159 -35.21 -8.87 3.45
CA VAL B 159 -35.05 -8.34 2.09
C VAL B 159 -34.47 -6.92 2.10
N ALA B 160 -33.38 -6.78 1.33
CA ALA B 160 -32.69 -5.52 1.03
C ALA B 160 -33.66 -4.50 0.42
N GLN B 161 -34.02 -3.42 1.17
CA GLN B 161 -34.78 -2.27 0.64
C GLN B 161 -33.84 -1.28 -0.08
N PRO B 162 -34.31 -0.58 -1.16
CA PRO B 162 -33.44 0.32 -1.93
C PRO B 162 -33.18 1.66 -1.24
N PRO B 163 -32.11 2.43 -1.60
CA PRO B 163 -31.81 3.66 -0.88
C PRO B 163 -32.82 4.75 -1.24
N ARG B 164 -33.06 5.69 -0.34
CA ARG B 164 -33.96 6.81 -0.56
C ARG B 164 -33.12 8.07 -0.62
N LEU B 165 -33.14 8.81 -1.72
CA LEU B 165 -32.23 9.88 -2.02
C LEU B 165 -32.46 10.35 -3.45
N HIS B 166 -32.51 11.66 -3.68
CA HIS B 166 -32.41 12.22 -5.03
C HIS B 166 -30.98 12.15 -5.54
N HIS B 167 -30.78 11.62 -6.74
CA HIS B 167 -29.48 11.51 -7.33
C HIS B 167 -29.59 11.85 -8.82
N THR B 168 -28.90 12.91 -9.28
CA THR B 168 -28.77 13.24 -10.70
C THR B 168 -27.28 13.39 -11.06
N GLU B 169 -26.89 12.82 -12.19
CA GLU B 169 -25.58 12.90 -12.78
C GLU B 169 -25.86 13.47 -14.19
N TRP B 170 -25.47 14.74 -14.49
CA TRP B 170 -25.74 15.41 -15.77
C TRP B 170 -25.32 14.63 -17.03
N PHE B 171 -26.35 14.47 -17.88
CA PHE B 171 -26.37 13.76 -19.14
C PHE B 171 -26.11 14.71 -20.34
N SER B 172 -25.21 14.27 -21.29
CA SER B 172 -24.87 15.04 -22.49
C SER B 172 -25.23 14.27 -23.77
N VAL B 173 -26.29 14.73 -24.43
CA VAL B 173 -26.71 14.12 -25.68
C VAL B 173 -25.70 14.51 -26.79
N ASP B 174 -25.22 15.74 -26.75
CA ASP B 174 -24.21 16.21 -27.70
C ASP B 174 -22.94 15.31 -27.70
N CYS B 175 -22.56 14.75 -26.54
CA CYS B 175 -21.37 13.94 -26.45
C CYS B 175 -21.59 12.57 -27.12
N LEU B 176 -22.82 11.99 -27.04
CA LEU B 176 -23.17 10.74 -27.76
C LEU B 176 -23.30 10.97 -29.26
N ALA B 177 -24.01 12.03 -29.64
CA ALA B 177 -24.14 12.50 -31.01
C ALA B 177 -22.76 12.58 -31.64
N ASP B 178 -21.82 13.33 -31.00
CA ASP B 178 -20.50 13.51 -31.61
C ASP B 178 -19.63 12.24 -31.62
N TYR B 179 -19.54 11.50 -30.52
CA TYR B 179 -18.74 10.27 -30.46
C TYR B 179 -19.18 9.18 -31.45
N TYR B 180 -20.49 8.90 -31.55
CA TYR B 180 -21.01 7.86 -32.42
C TYR B 180 -21.34 8.40 -33.82
N HIS B 181 -21.25 9.73 -34.05
CA HIS B 181 -21.31 10.30 -35.40
C HIS B 181 -22.75 10.14 -35.91
N GLU B 182 -23.72 10.59 -35.11
CA GLU B 182 -25.15 10.52 -35.39
C GLU B 182 -25.73 11.91 -35.20
N ALA B 183 -26.32 12.48 -36.25
CA ALA B 183 -27.04 13.74 -36.14
C ALA B 183 -28.13 13.64 -35.07
N PRO B 184 -28.34 14.67 -34.19
CA PRO B 184 -29.62 14.79 -33.49
C PRO B 184 -30.77 14.90 -34.51
N TYR B 185 -31.85 14.07 -34.48
CA TYR B 185 -32.02 12.90 -33.63
C TYR B 185 -32.43 11.71 -34.51
N THR B 186 -31.46 10.88 -34.92
CA THR B 186 -31.71 9.72 -35.74
C THR B 186 -32.26 8.56 -34.90
N PRO B 187 -32.92 7.54 -35.54
CA PRO B 187 -33.28 6.30 -34.83
C PRO B 187 -32.13 5.63 -34.05
N ARG B 188 -30.92 5.57 -34.61
CA ARG B 188 -29.80 4.92 -33.95
C ARG B 188 -29.30 5.73 -32.71
N LEU B 189 -29.47 7.07 -32.75
CA LEU B 189 -29.15 7.91 -31.61
C LEU B 189 -30.18 7.72 -30.50
N TRP B 190 -31.46 7.58 -30.82
CA TRP B 190 -32.51 7.30 -29.82
C TRP B 190 -32.25 5.98 -29.06
N ALA B 191 -31.93 4.91 -29.81
CA ALA B 191 -31.57 3.62 -29.25
C ALA B 191 -30.32 3.73 -28.33
N ILE B 192 -29.29 4.47 -28.74
CA ILE B 192 -28.10 4.68 -27.91
C ILE B 192 -28.40 5.45 -26.62
N ILE B 193 -29.17 6.55 -26.76
CA ILE B 193 -29.68 7.33 -25.62
C ILE B 193 -30.42 6.39 -24.66
N GLY B 194 -31.35 5.61 -25.16
CA GLY B 194 -32.06 4.61 -24.35
C GLY B 194 -31.13 3.70 -23.54
N ASN B 195 -30.12 3.12 -24.21
CA ASN B 195 -29.10 2.29 -23.54
C ASN B 195 -28.47 3.05 -22.34
N PHE B 196 -28.08 4.34 -22.55
CA PHE B 196 -27.47 5.15 -21.53
C PHE B 196 -28.49 5.44 -20.42
N MET B 197 -29.74 5.70 -20.82
CA MET B 197 -30.78 6.02 -19.84
C MET B 197 -31.06 4.86 -18.89
N VAL B 198 -31.02 3.61 -19.41
CA VAL B 198 -31.20 2.37 -18.62
C VAL B 198 -30.01 2.09 -17.70
N PHE B 199 -28.79 2.29 -18.17
CA PHE B 199 -27.64 2.23 -17.27
C PHE B 199 -27.78 3.26 -16.14
N ALA B 200 -28.07 4.51 -16.51
CA ALA B 200 -28.16 5.54 -15.50
C ALA B 200 -29.12 5.17 -14.35
N HIS B 201 -30.36 4.72 -14.65
CA HIS B 201 -31.31 4.38 -13.57
C HIS B 201 -30.84 3.15 -12.79
N ASP B 202 -30.74 2.04 -13.48
CA ASP B 202 -30.52 0.72 -12.86
C ASP B 202 -29.11 0.49 -12.33
N GLU B 203 -28.08 1.00 -13.01
CA GLU B 203 -26.67 0.74 -12.72
C GLU B 203 -25.99 1.93 -12.03
N ALA B 204 -26.43 3.20 -12.26
CA ALA B 204 -25.84 4.33 -11.55
C ALA B 204 -26.72 4.79 -10.38
N LEU B 205 -27.91 4.16 -10.21
CA LEU B 205 -28.88 4.50 -9.13
C LEU B 205 -29.32 5.98 -9.15
N MET B 206 -29.66 6.48 -10.33
CA MET B 206 -30.27 7.80 -10.51
C MET B 206 -31.81 7.74 -10.54
N ASP B 207 -32.48 8.72 -9.87
CA ASP B 207 -33.93 8.94 -9.98
C ASP B 207 -34.30 10.19 -10.83
N THR B 208 -33.28 10.92 -11.33
CA THR B 208 -33.50 12.26 -11.84
C THR B 208 -32.64 12.42 -13.09
N LEU B 209 -33.23 12.89 -14.19
CA LEU B 209 -32.55 13.02 -15.49
C LEU B 209 -32.57 14.45 -15.98
N LEU B 210 -31.37 15.02 -16.31
CA LEU B 210 -31.24 16.25 -17.06
C LEU B 210 -31.76 16.08 -18.48
N THR B 211 -32.80 16.89 -18.78
CA THR B 211 -33.62 16.86 -20.00
C THR B 211 -33.37 18.11 -20.88
N PRO B 212 -32.69 17.97 -22.07
CA PRO B 212 -32.37 19.14 -22.89
C PRO B 212 -33.56 19.76 -23.64
N ILE B 213 -34.54 20.34 -22.92
CA ILE B 213 -35.52 21.25 -23.54
C ILE B 213 -34.86 22.08 -24.66
N PHE B 214 -33.71 22.68 -24.29
CA PHE B 214 -32.80 23.33 -25.22
C PHE B 214 -31.41 22.82 -24.83
N THR B 215 -30.49 23.02 -25.75
CA THR B 215 -29.09 22.69 -25.49
C THR B 215 -28.70 23.39 -24.19
N PRO B 216 -28.29 22.60 -23.15
CA PRO B 216 -27.89 23.18 -21.86
C PRO B 216 -26.87 24.33 -21.93
N PRO B 217 -27.10 25.49 -21.28
CA PRO B 217 -26.06 26.52 -21.26
C PRO B 217 -24.98 26.18 -20.23
N LEU B 218 -24.20 25.12 -20.48
CA LEU B 218 -23.18 24.63 -19.54
C LEU B 218 -21.88 24.26 -20.28
N ASP B 219 -20.75 24.45 -19.59
CA ASP B 219 -19.43 24.16 -20.10
C ASP B 219 -19.32 24.55 -21.57
N THR B 220 -19.56 25.81 -21.85
CA THR B 220 -19.49 26.37 -23.21
C THR B 220 -18.65 27.66 -23.15
N ALA B 221 -17.60 27.80 -23.97
CA ALA B 221 -16.81 29.03 -24.02
C ALA B 221 -17.76 30.13 -24.51
N VAL B 222 -17.62 31.32 -23.92
CA VAL B 222 -18.33 32.54 -24.28
C VAL B 222 -18.24 32.70 -25.80
N GLY B 223 -19.41 32.81 -26.46
CA GLY B 223 -19.43 32.97 -27.91
C GLY B 223 -19.37 31.64 -28.69
N ALA B 224 -19.25 30.45 -28.07
CA ALA B 224 -19.15 29.16 -28.77
C ALA B 224 -20.48 28.40 -28.65
N THR B 225 -20.53 27.17 -29.18
CA THR B 225 -21.73 26.39 -29.53
C THR B 225 -21.32 24.90 -29.55
N ARG B 226 -22.01 24.06 -28.73
CA ARG B 226 -22.06 22.61 -28.88
C ARG B 226 -23.13 22.21 -29.91
N THR B 227 -23.03 21.00 -30.56
CA THR B 227 -24.08 20.37 -31.35
C THR B 227 -25.45 20.60 -30.70
N ASN B 228 -26.44 20.96 -31.54
CA ASN B 228 -27.75 21.39 -31.06
C ASN B 228 -28.54 20.10 -30.74
N VAL B 229 -29.12 19.97 -29.54
CA VAL B 229 -29.86 18.78 -29.11
C VAL B 229 -31.25 19.14 -28.59
N GLN B 230 -31.71 20.38 -28.85
CA GLN B 230 -32.96 20.88 -28.29
C GLN B 230 -34.11 19.97 -28.69
N LEU B 231 -34.83 19.51 -27.67
CA LEU B 231 -36.04 18.68 -27.79
C LEU B 231 -37.31 19.45 -28.18
N VAL B 232 -37.40 20.73 -27.81
CA VAL B 232 -38.47 21.61 -28.26
C VAL B 232 -37.98 22.37 -29.49
N GLN B 233 -38.72 22.15 -30.59
CA GLN B 233 -38.52 22.78 -31.85
C GLN B 233 -39.50 23.95 -32.02
N ILE B 234 -38.98 25.04 -32.58
CA ILE B 234 -39.74 26.27 -32.76
C ILE B 234 -39.94 26.49 -34.26
N LEU B 235 -41.20 26.62 -34.70
CA LEU B 235 -41.48 27.06 -36.08
C LEU B 235 -41.24 28.58 -36.27
N PRO B 236 -40.69 28.98 -37.44
CA PRO B 236 -40.46 30.39 -37.79
C PRO B 236 -41.62 31.40 -37.60
N GLY B 237 -41.35 32.61 -37.09
CA GLY B 237 -42.42 33.61 -36.97
C GLY B 237 -42.84 33.87 -35.52
N THR B 238 -43.50 35.01 -35.25
CA THR B 238 -43.37 35.61 -33.91
C THR B 238 -44.48 35.17 -32.96
N PRO B 239 -45.71 34.77 -33.42
CA PRO B 239 -46.63 34.08 -32.50
C PRO B 239 -46.11 32.64 -32.50
N TYR B 240 -45.54 32.23 -31.34
CA TYR B 240 -44.69 31.04 -31.14
C TYR B 240 -45.44 29.72 -31.24
N ARG B 241 -45.11 28.91 -32.26
CA ARG B 241 -45.57 27.54 -32.43
C ARG B 241 -44.42 26.56 -32.18
N PHE B 242 -44.74 25.43 -31.49
CA PHE B 242 -43.79 24.49 -30.91
C PHE B 242 -44.03 23.07 -31.42
N ASP B 243 -42.97 22.30 -31.47
CA ASP B 243 -43.02 20.92 -31.90
C ASP B 243 -42.34 20.10 -30.81
N TRP B 244 -43.19 19.19 -30.22
CA TRP B 244 -43.03 18.45 -28.97
C TRP B 244 -42.52 17.04 -29.26
N SER B 245 -42.23 16.70 -30.53
CA SER B 245 -42.09 15.30 -30.89
C SER B 245 -40.86 14.66 -30.27
N ARG B 246 -39.75 15.38 -30.33
CA ARG B 246 -38.49 14.96 -29.73
C ARG B 246 -38.62 14.78 -28.22
N LEU B 247 -39.30 15.74 -27.58
CA LEU B 247 -39.55 15.69 -26.12
C LEU B 247 -40.49 14.56 -25.68
N ARG B 248 -41.55 14.25 -26.44
CA ARG B 248 -42.41 13.09 -26.19
C ARG B 248 -41.60 11.79 -26.19
N LYS B 249 -40.73 11.65 -27.17
CA LYS B 249 -39.87 10.49 -27.29
C LYS B 249 -38.89 10.37 -26.11
N TRP B 250 -38.33 11.51 -25.73
CA TRP B 250 -37.37 11.53 -24.64
C TRP B 250 -38.04 10.99 -23.38
N CYS B 251 -39.23 11.52 -23.10
CA CYS B 251 -39.94 11.27 -21.84
C CYS B 251 -40.44 9.82 -21.81
N GLN B 252 -40.78 9.25 -22.99
CA GLN B 252 -41.16 7.83 -23.09
C GLN B 252 -39.98 6.94 -22.77
N LEU B 253 -38.81 7.21 -23.33
CA LEU B 253 -37.66 6.42 -22.91
C LEU B 253 -37.28 6.61 -21.45
N ALA B 254 -37.46 7.82 -20.92
CA ALA B 254 -37.12 8.15 -19.52
C ALA B 254 -38.02 7.34 -18.59
N GLN B 255 -39.31 7.32 -18.91
CA GLN B 255 -40.31 6.69 -18.06
C GLN B 255 -40.17 5.15 -18.14
N GLN B 256 -39.94 4.62 -19.33
CA GLN B 256 -39.70 3.18 -19.46
C GLN B 256 -38.38 2.75 -18.83
N SER B 257 -37.44 3.65 -18.58
CA SER B 257 -36.21 3.28 -17.89
C SER B 257 -36.30 3.41 -16.36
N GLY B 258 -37.39 4.02 -15.84
CA GLY B 258 -37.73 4.08 -14.42
C GLY B 258 -37.53 5.45 -13.75
N PHE B 259 -37.23 6.52 -14.50
CA PHE B 259 -37.01 7.83 -13.88
C PHE B 259 -38.35 8.43 -13.40
N ALA B 260 -38.33 8.83 -12.11
CA ALA B 260 -39.41 9.45 -11.35
C ALA B 260 -39.39 10.97 -11.54
N TYR B 261 -38.20 11.55 -11.74
CA TYR B 261 -38.02 13.01 -11.86
C TYR B 261 -37.19 13.37 -13.09
N LEU B 262 -37.52 14.53 -13.68
CA LEU B 262 -36.75 15.14 -14.74
C LEU B 262 -36.23 16.48 -14.25
N GLU B 263 -35.07 16.87 -14.76
CA GLU B 263 -34.44 18.12 -14.36
C GLU B 263 -34.30 18.96 -15.63
N MET B 264 -34.76 20.22 -15.56
CA MET B 264 -34.66 21.17 -16.66
C MET B 264 -33.33 21.93 -16.57
N PRO B 265 -32.74 22.32 -17.71
CA PRO B 265 -31.50 23.09 -17.73
C PRO B 265 -31.71 24.56 -17.31
N PRO B 266 -30.60 25.20 -16.92
CA PRO B 266 -30.64 26.62 -16.56
C PRO B 266 -31.26 27.45 -17.69
N LEU B 267 -31.98 28.51 -17.26
CA LEU B 267 -32.63 29.43 -18.18
C LEU B 267 -31.63 30.44 -18.70
N PHE B 268 -30.49 30.55 -18.01
CA PHE B 268 -29.44 31.52 -18.32
C PHE B 268 -28.06 30.85 -18.35
N THR B 269 -27.15 31.60 -18.97
CA THR B 269 -25.77 31.22 -19.15
C THR B 269 -25.01 31.11 -17.82
N GLN B 270 -23.99 30.25 -17.86
CA GLN B 270 -23.25 29.77 -16.69
C GLN B 270 -22.46 30.91 -16.04
N TRP B 271 -22.45 30.92 -14.69
CA TRP B 271 -21.59 31.78 -13.87
C TRP B 271 -22.21 33.19 -13.72
N GLY B 272 -22.04 34.08 -14.74
CA GLY B 272 -22.56 35.45 -14.82
C GLY B 272 -24.08 35.61 -15.05
N ALA B 273 -24.74 34.61 -15.69
CA ALA B 273 -26.16 34.63 -16.05
C ALA B 273 -26.47 35.80 -16.99
N GLN B 274 -25.51 36.07 -17.88
CA GLN B 274 -25.43 37.29 -18.67
C GLN B 274 -26.33 37.19 -19.90
N ALA B 275 -26.34 36.00 -20.52
CA ALA B 275 -27.02 35.77 -21.79
C ALA B 275 -27.94 34.54 -21.67
N THR B 276 -28.48 34.10 -22.82
CA THR B 276 -29.52 33.09 -22.92
C THR B 276 -28.93 31.81 -23.57
N PRO B 277 -29.70 30.70 -23.60
CA PRO B 277 -29.20 29.46 -24.20
C PRO B 277 -29.29 29.59 -25.70
N THR B 278 -28.45 28.87 -26.45
CA THR B 278 -28.47 28.89 -27.92
C THR B 278 -29.67 28.06 -28.39
N ILE B 279 -30.76 28.75 -28.78
CA ILE B 279 -32.02 28.17 -29.25
C ILE B 279 -32.17 28.63 -30.70
N THR B 280 -32.49 27.71 -31.61
CA THR B 280 -32.82 28.06 -32.96
C THR B 280 -34.25 27.62 -33.26
N ASP B 281 -34.71 27.95 -34.48
CA ASP B 281 -36.00 27.56 -35.05
C ASP B 281 -35.73 26.37 -35.97
N THR B 282 -36.77 25.77 -36.55
CA THR B 282 -36.65 24.67 -37.51
C THR B 282 -35.85 25.01 -38.79
N ALA B 283 -35.70 26.28 -39.17
CA ALA B 283 -34.95 26.66 -40.36
C ALA B 283 -33.46 26.73 -40.03
N GLY B 284 -33.14 26.85 -38.75
CA GLY B 284 -31.76 26.88 -38.34
C GLY B 284 -31.39 28.29 -37.88
N THR B 285 -32.36 29.20 -37.71
CA THR B 285 -32.08 30.60 -37.35
C THR B 285 -32.01 30.80 -35.81
N ALA B 286 -30.93 31.47 -35.37
CA ALA B 286 -30.62 31.80 -33.99
C ALA B 286 -31.71 32.72 -33.45
N LEU B 287 -32.38 32.33 -32.35
CA LEU B 287 -33.44 33.13 -31.72
C LEU B 287 -32.88 33.70 -30.41
N PHE B 288 -32.14 32.87 -29.69
CA PHE B 288 -31.42 33.26 -28.50
C PHE B 288 -29.99 32.65 -28.53
N GLY B 289 -29.15 33.08 -27.57
CA GLY B 289 -27.76 32.70 -27.55
C GLY B 289 -26.91 33.75 -26.84
N TRP B 290 -25.60 33.72 -27.07
CA TRP B 290 -24.62 34.62 -26.47
C TRP B 290 -24.84 36.10 -26.81
N HIS B 291 -25.40 36.36 -28.02
CA HIS B 291 -25.76 37.68 -28.53
C HIS B 291 -27.14 38.20 -28.09
N VAL B 292 -27.87 37.46 -27.25
CA VAL B 292 -29.09 37.98 -26.64
C VAL B 292 -29.01 38.01 -25.10
N PRO B 293 -28.91 39.20 -24.43
CA PRO B 293 -28.90 39.29 -22.96
C PRO B 293 -30.08 38.66 -22.20
N SER B 294 -29.82 38.24 -20.96
CA SER B 294 -30.86 37.65 -20.11
C SER B 294 -32.08 38.57 -19.88
N THR B 295 -31.82 39.88 -19.91
CA THR B 295 -32.80 40.92 -19.61
C THR B 295 -33.57 41.32 -20.88
N ALA B 296 -33.41 40.56 -21.97
CA ALA B 296 -34.11 40.81 -23.23
C ALA B 296 -35.60 40.60 -23.07
N PRO B 297 -36.40 41.65 -23.37
CA PRO B 297 -37.85 41.49 -23.40
C PRO B 297 -38.37 40.33 -24.24
N ALA B 298 -37.71 40.02 -25.36
CA ALA B 298 -38.09 38.94 -26.28
C ALA B 298 -38.03 37.59 -25.56
N TYR B 299 -36.91 37.29 -24.85
CA TYR B 299 -36.68 36.06 -24.08
C TYR B 299 -37.72 35.92 -22.96
N ARG B 300 -38.07 37.02 -22.27
CA ARG B 300 -39.15 37.00 -21.29
C ARG B 300 -40.49 36.61 -21.97
N ALA B 301 -40.75 37.21 -23.13
CA ALA B 301 -41.93 36.89 -23.93
C ALA B 301 -41.97 35.40 -24.29
N PHE B 302 -40.82 34.86 -24.81
CA PHE B 302 -40.64 33.46 -25.21
C PHE B 302 -41.01 32.46 -24.10
N LEU B 303 -40.58 32.75 -22.85
CA LEU B 303 -40.83 31.91 -21.68
C LEU B 303 -42.26 32.00 -21.16
N GLN B 304 -42.90 33.18 -21.30
CA GLN B 304 -44.33 33.30 -21.01
C GLN B 304 -45.12 32.47 -21.99
N ALA B 305 -44.64 32.30 -23.24
CA ALA B 305 -45.31 31.38 -24.17
C ALA B 305 -44.96 29.93 -23.80
N LEU B 306 -43.66 29.64 -23.54
CA LEU B 306 -43.17 28.26 -23.47
C LEU B 306 -43.62 27.48 -22.23
N LEU B 307 -43.55 28.09 -21.01
CA LEU B 307 -43.67 27.42 -19.71
C LEU B 307 -45.07 26.84 -19.44
N PRO B 308 -46.20 27.54 -19.67
CA PRO B 308 -47.50 26.86 -19.63
C PRO B 308 -47.62 25.70 -20.61
N GLN B 309 -47.10 25.83 -21.83
CA GLN B 309 -47.31 24.76 -22.79
C GLN B 309 -46.45 23.50 -22.51
N LEU B 310 -45.23 23.70 -21.99
CA LEU B 310 -44.28 22.64 -21.64
C LEU B 310 -44.72 21.85 -20.39
N LEU B 311 -45.16 22.55 -19.32
CA LEU B 311 -45.77 21.90 -18.17
C LEU B 311 -46.94 21.02 -18.58
N ALA B 312 -47.82 21.51 -19.45
CA ALA B 312 -48.95 20.70 -19.89
C ALA B 312 -48.42 19.40 -20.55
N VAL B 313 -47.38 19.50 -21.39
CA VAL B 313 -46.86 18.37 -22.15
C VAL B 313 -46.13 17.35 -21.26
N LEU B 314 -45.31 17.87 -20.33
CA LEU B 314 -44.63 16.98 -19.41
C LEU B 314 -45.63 16.22 -18.54
N ALA B 315 -46.70 16.88 -18.12
CA ALA B 315 -47.76 16.23 -17.34
C ALA B 315 -48.42 15.12 -18.14
N GLU B 316 -48.66 15.32 -19.46
CA GLU B 316 -49.06 14.23 -20.35
C GLU B 316 -48.02 13.07 -20.44
N GLU B 317 -46.74 13.31 -20.16
CA GLU B 317 -45.77 12.25 -20.18
C GLU B 317 -45.56 11.69 -18.78
N GLY B 318 -46.18 12.33 -17.78
CA GLY B 318 -46.36 11.68 -16.51
C GLY B 318 -45.27 12.21 -15.62
N TYR B 319 -45.06 13.52 -15.71
CA TYR B 319 -44.17 14.30 -14.86
C TYR B 319 -44.92 15.58 -14.50
N ASP B 320 -45.55 15.59 -13.30
CA ASP B 320 -46.31 16.72 -12.76
C ASP B 320 -45.31 17.70 -12.15
N ARG B 321 -45.79 18.84 -11.61
CA ARG B 321 -44.98 19.94 -11.05
C ARG B 321 -44.16 19.56 -9.80
N ASP B 322 -44.58 18.50 -9.09
CA ASP B 322 -43.87 17.98 -7.93
C ASP B 322 -42.87 16.89 -8.31
N HIS B 323 -42.71 16.60 -9.62
CA HIS B 323 -41.74 15.65 -10.16
C HIS B 323 -40.77 16.32 -11.14
N LEU B 324 -40.62 17.66 -10.99
CA LEU B 324 -39.79 18.44 -11.91
C LEU B 324 -38.86 19.32 -11.12
N PHE B 325 -37.58 19.41 -11.56
CA PHE B 325 -36.64 20.38 -11.01
C PHE B 325 -36.17 21.39 -12.06
N PHE B 326 -36.08 22.69 -11.70
CA PHE B 326 -35.73 23.79 -12.58
C PHE B 326 -34.49 24.47 -12.03
N HIS B 327 -33.73 25.06 -12.96
CA HIS B 327 -32.46 25.72 -12.75
C HIS B 327 -32.57 27.12 -13.34
N LEU B 328 -31.89 28.05 -12.67
CA LEU B 328 -31.79 29.45 -13.06
C LEU B 328 -30.45 29.66 -13.75
N ALA B 329 -29.35 29.34 -13.06
CA ALA B 329 -28.03 29.60 -13.62
C ALA B 329 -26.95 28.88 -12.82
N ASP B 330 -26.10 28.08 -13.49
CA ASP B 330 -25.13 27.35 -12.68
C ASP B 330 -24.03 28.28 -12.12
N GLU B 331 -23.77 28.09 -10.81
CA GLU B 331 -22.54 28.40 -10.08
C GLU B 331 -22.28 29.91 -9.98
N PRO B 332 -23.22 30.72 -9.42
CA PRO B 332 -22.94 32.10 -9.09
C PRO B 332 -22.03 32.20 -7.85
N ASN B 333 -21.23 33.27 -7.81
CA ASN B 333 -20.33 33.53 -6.70
C ASN B 333 -20.48 35.03 -6.37
N ALA B 334 -19.73 35.52 -5.35
CA ALA B 334 -19.95 36.85 -4.77
C ALA B 334 -19.95 37.95 -5.84
N SER B 335 -18.99 37.86 -6.79
CA SER B 335 -18.81 38.87 -7.82
C SER B 335 -19.87 38.82 -8.93
N THR B 336 -20.58 37.68 -9.14
CA THR B 336 -21.67 37.62 -10.13
C THR B 336 -23.08 37.77 -9.51
N GLU B 337 -23.16 38.10 -8.21
CA GLU B 337 -24.39 38.09 -7.43
C GLU B 337 -25.51 38.95 -8.04
N ASP B 338 -25.17 40.10 -8.65
CA ASP B 338 -26.14 41.01 -9.22
C ASP B 338 -26.75 40.51 -10.54
N GLY B 339 -25.92 39.87 -11.39
CA GLY B 339 -26.35 39.19 -12.61
C GLY B 339 -27.37 38.09 -12.35
N TYR B 340 -27.17 37.32 -11.27
CA TYR B 340 -28.16 36.36 -10.78
C TYR B 340 -29.42 37.13 -10.34
N ARG B 341 -29.28 38.21 -9.56
CA ARG B 341 -30.47 38.97 -9.16
C ARG B 341 -31.24 39.46 -10.39
N ALA B 342 -30.54 40.12 -11.34
CA ALA B 342 -31.19 40.73 -12.51
C ALA B 342 -31.96 39.70 -13.37
N ALA B 343 -31.35 38.53 -13.59
CA ALA B 343 -31.97 37.40 -14.28
C ALA B 343 -33.11 36.82 -13.45
N ARG B 344 -32.86 36.62 -12.16
CA ARG B 344 -33.91 36.20 -11.26
C ARG B 344 -35.17 37.01 -11.50
N ALA B 345 -35.05 38.35 -11.43
CA ALA B 345 -36.19 39.26 -11.39
C ALA B 345 -36.93 39.31 -12.72
N GLN B 346 -36.33 38.87 -13.82
CA GLN B 346 -37.07 38.73 -15.07
C GLN B 346 -38.07 37.55 -15.15
N VAL B 347 -37.89 36.51 -14.33
CA VAL B 347 -38.59 35.25 -14.55
C VAL B 347 -39.17 34.71 -13.25
N ALA B 348 -38.88 35.36 -12.10
CA ALA B 348 -39.27 34.78 -10.83
C ALA B 348 -40.79 34.58 -10.78
N ASP B 349 -41.56 35.48 -11.43
CA ASP B 349 -43.01 35.49 -11.40
C ASP B 349 -43.60 34.31 -12.17
N LEU B 350 -42.81 33.68 -13.07
CA LEU B 350 -43.23 32.58 -13.95
C LEU B 350 -42.89 31.22 -13.35
N LEU B 351 -42.21 31.24 -12.21
CA LEU B 351 -41.70 30.06 -11.54
C LEU B 351 -42.37 29.85 -10.18
N ASP B 352 -43.52 30.49 -9.89
CA ASP B 352 -44.28 30.26 -8.67
C ASP B 352 -44.82 28.82 -8.66
N GLY B 353 -44.48 28.06 -7.59
CA GLY B 353 -44.98 26.71 -7.37
C GLY B 353 -44.17 25.60 -8.07
N LEU B 354 -43.08 26.00 -8.77
CA LEU B 354 -42.07 25.09 -9.30
C LEU B 354 -40.92 24.95 -8.29
N GLN B 355 -40.34 23.75 -8.21
CA GLN B 355 -39.16 23.51 -7.41
C GLN B 355 -37.92 23.94 -8.20
N VAL B 356 -37.35 25.10 -7.87
CA VAL B 356 -36.18 25.71 -8.50
C VAL B 356 -34.97 25.50 -7.57
N ILE B 357 -33.82 25.11 -8.13
CA ILE B 357 -32.65 24.75 -7.35
C ILE B 357 -31.43 25.30 -8.07
N ASP B 358 -30.35 25.59 -7.34
CA ASP B 358 -29.09 25.89 -8.01
C ASP B 358 -27.91 25.61 -7.09
N ALA B 359 -26.76 25.41 -7.71
CA ALA B 359 -25.60 24.89 -7.02
C ALA B 359 -24.65 26.05 -6.66
N LEU B 360 -24.28 26.05 -5.35
CA LEU B 360 -23.55 27.08 -4.60
C LEU B 360 -22.31 26.51 -3.85
N SER B 361 -21.34 27.38 -3.55
CA SER B 361 -20.42 27.23 -2.42
C SER B 361 -20.56 28.36 -1.39
N ASP B 362 -21.01 29.56 -1.82
CA ASP B 362 -21.22 30.72 -0.96
C ASP B 362 -22.55 30.54 -0.23
N VAL B 363 -22.53 30.59 1.13
CA VAL B 363 -23.73 30.57 1.97
C VAL B 363 -24.47 31.90 1.86
N ARG B 364 -23.80 32.95 1.33
CA ARG B 364 -24.35 34.30 1.32
C ARG B 364 -25.58 34.39 0.40
N PHE B 365 -25.63 33.61 -0.70
CA PHE B 365 -26.81 33.57 -1.58
C PHE B 365 -27.99 32.90 -0.90
N TYR B 366 -27.72 32.06 0.10
CA TYR B 366 -28.79 31.54 0.95
C TYR B 366 -29.27 32.60 1.95
N GLU B 367 -28.33 33.29 2.65
CA GLU B 367 -28.62 34.35 3.62
C GLU B 367 -29.48 35.50 3.02
N ASN B 368 -29.30 35.81 1.70
CA ASN B 368 -30.05 36.81 0.91
C ASN B 368 -31.45 36.42 0.42
N GLY B 369 -31.84 35.13 0.54
CA GLY B 369 -33.03 34.59 -0.11
C GLY B 369 -32.92 34.43 -1.64
N LEU B 370 -31.78 34.81 -2.25
CA LEU B 370 -31.56 34.63 -3.69
C LEU B 370 -31.66 33.16 -4.11
N VAL B 371 -31.08 32.20 -3.33
CA VAL B 371 -31.18 30.77 -3.61
C VAL B 371 -31.75 30.01 -2.42
N PRO B 372 -33.10 29.95 -2.35
CA PRO B 372 -33.79 29.25 -1.29
C PRO B 372 -33.48 27.75 -1.25
N HIS B 373 -33.15 27.06 -2.38
CA HIS B 373 -33.01 25.58 -2.38
C HIS B 373 -31.65 25.20 -2.92
N PRO B 374 -30.65 25.34 -2.04
CA PRO B 374 -29.24 25.29 -2.42
C PRO B 374 -28.74 23.83 -2.66
N VAL B 375 -27.90 23.60 -3.68
CA VAL B 375 -27.08 22.40 -3.87
C VAL B 375 -25.64 22.78 -3.53
N VAL B 376 -25.11 22.24 -2.44
CA VAL B 376 -23.97 22.85 -1.77
C VAL B 376 -22.75 21.96 -1.91
N ALA B 377 -21.64 22.56 -2.27
CA ALA B 377 -20.38 21.83 -2.41
C ALA B 377 -20.05 21.12 -1.10
N ASP B 378 -19.63 19.85 -1.22
CA ASP B 378 -19.40 19.03 -0.03
C ASP B 378 -18.20 19.44 0.83
N ASP B 379 -17.39 20.39 0.41
CA ASP B 379 -16.40 21.06 1.27
C ASP B 379 -16.96 22.41 1.70
N ALA B 380 -18.29 22.67 1.63
CA ALA B 380 -18.82 23.99 1.99
C ALA B 380 -20.08 23.83 2.86
N LEU B 381 -20.34 22.61 3.34
CA LEU B 381 -21.61 22.32 4.01
C LEU B 381 -21.82 23.01 5.37
N ALA B 382 -20.77 23.29 6.14
CA ALA B 382 -20.89 23.52 7.59
C ALA B 382 -21.79 24.71 7.93
N PRO B 383 -21.65 25.87 7.23
CA PRO B 383 -22.51 27.03 7.49
C PRO B 383 -23.99 26.83 7.11
N PHE B 384 -24.27 25.85 6.23
CA PHE B 384 -25.63 25.58 5.84
C PHE B 384 -26.29 24.61 6.81
N LEU B 385 -25.50 23.62 7.29
CA LEU B 385 -25.96 22.69 8.31
C LEU B 385 -26.28 23.48 9.57
N ALA B 386 -25.35 24.37 9.96
CA ALA B 386 -25.52 25.22 11.14
C ALA B 386 -26.76 26.12 10.97
N ALA B 387 -26.98 26.78 9.80
CA ALA B 387 -28.16 27.63 9.52
C ALA B 387 -29.44 26.81 9.28
N ASP B 388 -29.60 25.67 9.98
CA ASP B 388 -30.38 24.49 9.62
C ASP B 388 -31.24 24.62 8.35
N ALA B 389 -30.56 24.58 7.18
CA ALA B 389 -31.19 24.56 5.86
C ALA B 389 -31.71 23.14 5.55
N ALA B 390 -32.93 23.05 4.98
CA ALA B 390 -33.63 21.79 4.62
C ALA B 390 -34.76 22.11 3.63
N PRO B 391 -34.96 21.38 2.50
CA PRO B 391 -34.00 20.40 1.95
C PRO B 391 -32.58 20.88 1.60
N LEU B 392 -31.62 19.97 1.65
CA LEU B 392 -30.22 20.25 1.32
C LEU B 392 -29.74 19.12 0.38
N TRP B 393 -29.18 19.51 -0.78
CA TRP B 393 -28.42 18.61 -1.60
C TRP B 393 -26.95 19.00 -1.51
N THR B 394 -26.06 18.12 -1.99
CA THR B 394 -24.62 18.34 -2.05
C THR B 394 -24.09 17.83 -3.41
N TYR B 395 -22.91 18.32 -3.78
CA TYR B 395 -22.28 17.91 -5.02
C TYR B 395 -20.77 17.90 -4.80
N TYR B 396 -20.03 17.36 -5.79
CA TYR B 396 -18.58 17.50 -5.81
C TYR B 396 -18.17 17.56 -7.28
N CYS B 397 -17.02 18.20 -7.57
CA CYS B 397 -16.51 18.41 -8.92
C CYS B 397 -14.99 18.55 -8.84
N CYS B 398 -14.31 19.02 -9.89
CA CYS B 398 -12.88 19.26 -9.90
C CYS B 398 -12.38 19.97 -8.64
N ALA B 399 -13.27 20.86 -8.09
CA ALA B 399 -12.77 21.92 -7.20
C ALA B 399 -12.77 21.42 -5.75
N GLN B 400 -13.35 20.22 -5.46
CA GLN B 400 -13.29 19.50 -4.16
C GLN B 400 -12.09 18.50 -4.04
N THR B 401 -10.88 19.08 -3.84
CA THR B 401 -9.59 18.40 -3.86
C THR B 401 -9.08 17.91 -2.47
N THR B 402 -9.61 18.47 -1.37
CA THR B 402 -9.05 18.39 -0.03
C THR B 402 -10.07 17.87 0.99
N ALA B 403 -9.73 16.79 1.68
CA ALA B 403 -10.34 16.30 2.91
C ALA B 403 -11.78 15.80 2.72
N VAL B 404 -12.34 15.86 1.48
CA VAL B 404 -13.75 15.54 1.24
C VAL B 404 -13.95 14.45 0.16
N PRO B 405 -15.13 13.77 0.23
CA PRO B 405 -15.46 12.70 -0.73
C PRO B 405 -15.30 13.23 -2.16
N ASN B 406 -14.82 12.34 -3.05
CA ASN B 406 -14.78 12.53 -4.51
C ASN B 406 -14.43 11.17 -5.16
N ARG B 407 -14.21 11.16 -6.49
CA ARG B 407 -14.16 9.93 -7.27
C ARG B 407 -12.94 9.84 -8.18
N PHE B 408 -12.02 10.75 -8.04
CA PHE B 408 -10.89 10.83 -8.95
C PHE B 408 -10.14 9.51 -8.95
N PHE B 409 -9.64 9.17 -10.16
CA PHE B 409 -8.80 8.00 -10.39
C PHE B 409 -7.78 7.90 -9.29
N ALA B 410 -7.11 9.04 -8.95
CA ALA B 410 -5.96 9.00 -8.03
C ALA B 410 -6.33 9.05 -6.52
N LEU B 411 -7.62 9.22 -6.14
CA LEU B 411 -8.03 9.09 -4.75
C LEU B 411 -8.33 7.63 -4.43
N ARG B 412 -8.52 7.33 -3.15
CA ARG B 412 -8.89 5.97 -2.76
C ARG B 412 -10.38 5.74 -3.09
N SER B 413 -10.73 4.47 -3.30
CA SER B 413 -12.10 4.07 -3.54
C SER B 413 -12.92 4.35 -2.30
N TYR B 414 -12.27 4.27 -1.14
CA TYR B 414 -12.83 4.64 0.17
C TYR B 414 -13.43 6.05 0.14
N ASP B 415 -12.71 7.00 -0.50
CA ASP B 415 -13.08 8.42 -0.52
C ASP B 415 -14.34 8.63 -1.37
N ASN B 416 -14.67 7.59 -2.17
CA ASN B 416 -15.89 7.56 -2.97
C ASN B 416 -17.04 6.92 -2.17
N ARG B 417 -16.74 5.83 -1.44
CA ARG B 417 -17.75 4.96 -0.88
C ARG B 417 -18.31 5.58 0.40
N VAL B 418 -17.42 6.29 1.15
CA VAL B 418 -17.77 6.95 2.39
C VAL B 418 -18.93 7.94 2.22
N LEU B 419 -19.20 8.41 0.99
CA LEU B 419 -20.17 9.44 0.73
C LEU B 419 -21.51 8.99 1.31
N GLY B 420 -21.78 7.70 1.22
CA GLY B 420 -23.09 7.15 1.58
C GLY B 420 -23.43 7.30 3.06
N VAL B 421 -22.50 6.94 3.95
CA VAL B 421 -22.74 7.12 5.37
C VAL B 421 -22.88 8.61 5.73
N LEU B 422 -22.09 9.49 5.08
CA LEU B 422 -22.14 10.93 5.38
C LEU B 422 -23.47 11.59 4.95
N LEU B 423 -24.01 11.22 3.77
CA LEU B 423 -25.37 11.61 3.42
C LEU B 423 -26.36 11.21 4.53
N TYR B 424 -26.34 9.93 4.94
CA TYR B 424 -27.14 9.46 6.07
C TYR B 424 -26.95 10.35 7.31
N ARG B 425 -25.71 10.46 7.76
CA ARG B 425 -25.46 10.96 9.09
C ARG B 425 -25.90 12.43 9.20
N HIS B 426 -25.73 13.20 8.09
CA HIS B 426 -26.01 14.63 8.10
C HIS B 426 -27.31 14.97 7.38
N GLN B 427 -28.17 13.98 7.12
CA GLN B 427 -29.50 14.17 6.54
C GLN B 427 -29.48 14.97 5.25
N ILE B 428 -28.57 14.63 4.36
CA ILE B 428 -28.55 15.26 3.05
C ILE B 428 -29.57 14.49 2.22
N GLN B 429 -30.41 15.20 1.46
CA GLN B 429 -31.53 14.58 0.73
C GLN B 429 -31.21 14.25 -0.74
N GLY B 430 -30.16 14.87 -1.34
CA GLY B 430 -29.83 14.61 -2.74
C GLY B 430 -28.35 14.78 -3.01
N PHE B 431 -27.90 14.18 -4.11
CA PHE B 431 -26.52 14.25 -4.58
C PHE B 431 -26.55 14.51 -6.10
N LEU B 432 -25.82 15.54 -6.52
CA LEU B 432 -25.75 15.94 -7.94
C LEU B 432 -24.30 15.87 -8.41
N HIS B 433 -24.06 15.42 -9.63
CA HIS B 433 -22.75 15.45 -10.22
C HIS B 433 -22.94 15.88 -11.66
N TRP B 434 -22.03 16.75 -12.13
CA TRP B 434 -22.06 17.35 -13.46
C TRP B 434 -21.63 16.38 -14.59
N GLY B 435 -20.96 15.22 -14.32
CA GLY B 435 -20.26 14.44 -15.34
C GLY B 435 -20.66 12.96 -15.42
N PHE B 436 -21.85 12.71 -15.95
CA PHE B 436 -22.20 11.34 -16.33
C PHE B 436 -21.37 10.92 -17.55
N ASN B 437 -21.25 11.81 -18.59
CA ASN B 437 -20.70 11.42 -19.87
C ASN B 437 -20.26 12.60 -20.72
N PHE B 438 -19.37 13.44 -20.16
CA PHE B 438 -18.89 14.60 -20.87
C PHE B 438 -17.68 14.18 -21.66
N TYR B 439 -17.81 14.04 -22.98
CA TYR B 439 -16.73 13.54 -23.81
C TYR B 439 -16.07 14.69 -24.59
N ASN B 440 -16.00 15.88 -23.99
CA ASN B 440 -15.38 17.08 -24.57
C ASN B 440 -14.16 17.57 -23.79
N ALA B 441 -13.38 18.45 -24.43
CA ALA B 441 -12.37 19.25 -23.75
C ALA B 441 -13.07 20.37 -22.96
N GLN B 442 -12.37 20.86 -21.93
CA GLN B 442 -12.91 21.91 -21.09
C GLN B 442 -13.51 23.00 -21.99
N LEU B 443 -14.65 23.52 -21.52
CA LEU B 443 -15.45 24.55 -22.19
C LEU B 443 -15.92 24.11 -23.57
N SER B 444 -15.85 22.80 -23.90
CA SER B 444 -16.35 22.20 -25.16
C SER B 444 -15.74 22.84 -26.41
N THR B 445 -14.44 23.20 -26.37
CA THR B 445 -13.70 23.73 -27.52
C THR B 445 -13.45 22.62 -28.57
N ARG B 446 -13.58 21.34 -28.16
CA ARG B 446 -13.59 20.23 -29.11
C ARG B 446 -13.99 18.97 -28.36
N PRO B 447 -14.39 17.90 -29.09
CA PRO B 447 -14.53 16.54 -28.50
C PRO B 447 -13.19 15.83 -28.19
N ILE B 448 -13.23 14.92 -27.21
CA ILE B 448 -12.09 14.09 -26.85
C ILE B 448 -12.49 12.60 -26.96
N ASP B 449 -11.46 11.76 -27.05
CA ASP B 449 -11.53 10.32 -27.00
C ASP B 449 -11.52 9.93 -25.53
N PRO B 450 -12.67 9.54 -24.94
CA PRO B 450 -12.70 9.26 -23.50
C PRO B 450 -11.88 8.03 -23.05
N PHE B 451 -11.48 7.12 -23.98
CA PHE B 451 -10.65 5.96 -23.67
C PHE B 451 -9.16 6.37 -23.61
N ALA B 452 -8.80 7.42 -24.34
CA ALA B 452 -7.42 7.92 -24.39
C ALA B 452 -7.22 9.17 -23.50
N VAL B 453 -8.25 9.98 -23.23
CA VAL B 453 -8.11 11.24 -22.54
C VAL B 453 -9.21 11.36 -21.48
N THR B 454 -8.82 11.31 -20.18
CA THR B 454 -9.72 11.22 -19.04
C THR B 454 -9.76 12.48 -18.15
N ASP B 455 -9.14 13.55 -18.59
CA ASP B 455 -8.92 14.75 -17.80
C ASP B 455 -9.38 16.03 -18.52
N ALA B 456 -10.26 15.89 -19.52
CA ALA B 456 -10.89 16.95 -20.30
C ALA B 456 -9.82 17.76 -21.04
N GLY B 457 -8.84 17.08 -21.70
CA GLY B 457 -7.75 17.74 -22.36
C GLY B 457 -6.77 18.41 -21.38
N GLY B 458 -6.39 17.76 -20.28
CA GLY B 458 -5.48 18.33 -19.30
C GLY B 458 -6.03 19.53 -18.50
N ALA B 459 -7.36 19.58 -18.25
CA ALA B 459 -7.92 20.65 -17.45
C ALA B 459 -8.50 20.14 -16.11
N PHE B 460 -8.95 18.89 -16.00
CA PHE B 460 -9.66 18.44 -14.79
C PHE B 460 -9.05 17.12 -14.32
N PRO B 461 -8.91 16.87 -13.01
CA PRO B 461 -8.28 15.63 -12.54
C PRO B 461 -9.07 14.43 -13.02
N SER B 462 -8.34 13.40 -13.48
CA SER B 462 -8.96 12.30 -14.19
C SER B 462 -9.98 11.60 -13.28
N GLY B 463 -11.14 11.29 -13.89
CA GLY B 463 -12.25 10.63 -13.22
C GLY B 463 -13.39 11.61 -12.91
N ASP B 464 -13.11 12.91 -13.21
CA ASP B 464 -14.10 13.97 -13.00
C ASP B 464 -15.17 14.01 -14.11
N PRO B 465 -14.78 14.18 -15.40
CA PRO B 465 -15.74 14.43 -16.47
C PRO B 465 -16.78 13.40 -16.93
N PHE B 466 -16.50 12.09 -16.78
CA PHE B 466 -17.48 11.06 -17.07
C PHE B 466 -17.39 9.85 -16.11
N LEU B 467 -18.55 9.19 -15.90
CA LEU B 467 -18.70 8.00 -15.08
C LEU B 467 -18.72 6.70 -15.89
N VAL B 468 -19.26 6.82 -17.12
CA VAL B 468 -19.40 5.72 -18.06
C VAL B 468 -18.61 6.01 -19.35
N TYR B 469 -18.24 4.90 -20.03
CA TYR B 469 -17.52 5.00 -21.31
C TYR B 469 -18.45 4.54 -22.42
N PRO B 470 -18.19 5.03 -23.65
CA PRO B 470 -19.02 4.64 -24.82
C PRO B 470 -18.52 3.36 -25.54
N GLY B 471 -19.20 2.21 -25.28
CA GLY B 471 -18.89 0.96 -25.96
C GLY B 471 -19.23 1.02 -27.46
N ALA B 472 -18.59 0.16 -28.21
CA ALA B 472 -18.67 0.20 -29.67
C ALA B 472 -20.02 -0.34 -30.18
N ASP B 473 -20.65 -1.28 -29.50
CA ASP B 473 -22.03 -1.64 -29.71
C ASP B 473 -23.02 -0.49 -29.39
N GLY B 474 -22.59 0.69 -28.94
CA GLY B 474 -23.55 1.72 -28.52
C GLY B 474 -24.12 1.55 -27.10
N GLN B 475 -23.49 0.75 -26.26
CA GLN B 475 -23.96 0.51 -24.91
C GLN B 475 -22.93 1.12 -23.97
N PRO B 476 -23.36 1.69 -22.83
CA PRO B 476 -22.38 2.24 -21.90
C PRO B 476 -21.52 1.10 -21.32
N LEU B 477 -20.20 1.34 -21.13
CA LEU B 477 -19.39 0.45 -20.31
C LEU B 477 -19.19 1.02 -18.88
N ASN B 478 -19.37 0.15 -17.89
CA ASN B 478 -19.34 0.48 -16.47
C ASN B 478 -17.93 0.95 -16.05
N SER B 479 -17.86 1.53 -14.82
CA SER B 479 -16.60 1.94 -14.20
C SER B 479 -16.54 1.40 -12.76
N LEU B 480 -15.30 1.27 -12.33
CA LEU B 480 -14.96 1.02 -10.95
C LEU B 480 -15.51 2.13 -10.05
N ARG B 481 -15.29 3.38 -10.45
CA ARG B 481 -15.87 4.50 -9.72
C ARG B 481 -17.38 4.31 -9.52
N ASN B 482 -18.14 3.79 -10.48
CA ASN B 482 -19.57 3.62 -10.28
C ASN B 482 -19.87 2.48 -9.32
N GLU B 483 -19.07 1.39 -9.50
CA GLU B 483 -19.29 0.18 -8.73
C GLU B 483 -19.05 0.50 -7.25
N VAL B 484 -17.98 1.26 -6.97
CA VAL B 484 -17.65 1.65 -5.61
C VAL B 484 -18.72 2.56 -4.99
N GLN B 485 -19.22 3.52 -5.73
CA GLN B 485 -20.27 4.42 -5.24
C GLN B 485 -21.61 3.67 -4.98
N ARG B 486 -21.88 2.58 -5.74
CA ARG B 486 -23.01 1.70 -5.49
C ARG B 486 -22.92 1.02 -4.11
N LEU B 487 -21.72 0.69 -3.64
CA LEU B 487 -21.46 0.19 -2.30
C LEU B 487 -21.88 1.23 -1.27
N GLY B 488 -21.63 2.52 -1.54
CA GLY B 488 -21.93 3.63 -0.65
C GLY B 488 -23.43 3.85 -0.53
N PHE B 489 -24.12 3.69 -1.68
CA PHE B 489 -25.58 3.70 -1.69
C PHE B 489 -26.16 2.49 -0.94
N GLY B 490 -25.44 1.32 -0.95
CA GLY B 490 -25.82 0.12 -0.22
C GLY B 490 -25.73 0.34 1.28
N ASP B 491 -24.66 1.06 1.70
CA ASP B 491 -24.53 1.52 3.07
C ASP B 491 -25.72 2.40 3.49
N LEU B 492 -26.01 3.45 2.74
CA LEU B 492 -27.12 4.37 3.03
C LEU B 492 -28.47 3.63 3.17
N ALA B 493 -28.67 2.63 2.30
CA ALA B 493 -29.89 1.81 2.26
C ALA B 493 -30.04 0.98 3.56
N VAL B 494 -29.00 0.22 3.95
CA VAL B 494 -29.16 -0.56 5.18
C VAL B 494 -29.35 0.32 6.43
N LEU B 495 -28.66 1.47 6.47
CA LEU B 495 -28.81 2.37 7.60
C LEU B 495 -30.22 2.98 7.58
N GLN B 496 -30.77 3.32 6.41
CA GLN B 496 -32.16 3.77 6.32
C GLN B 496 -33.14 2.70 6.79
N GLN B 497 -32.87 1.45 6.42
CA GLN B 497 -33.67 0.30 6.78
C GLN B 497 -33.60 0.02 8.28
N LEU B 498 -32.41 0.34 8.87
CA LEU B 498 -32.16 0.12 10.31
C LEU B 498 -32.87 1.15 11.17
N GLU B 499 -32.90 2.41 10.72
CA GLU B 499 -33.65 3.52 11.26
C GLU B 499 -35.16 3.27 11.14
N ALA B 500 -35.63 2.51 10.12
CA ALA B 500 -37.05 2.11 10.09
C ALA B 500 -37.42 1.23 11.32
N LEU B 501 -36.45 0.45 11.80
CA LEU B 501 -36.64 -0.53 12.86
C LEU B 501 -36.39 0.07 14.24
N LYS B 502 -35.33 0.86 14.39
CA LYS B 502 -35.00 1.58 15.62
C LYS B 502 -35.21 3.07 15.35
N GLY B 503 -34.84 3.99 16.19
CA GLY B 503 -35.02 5.34 15.59
C GLY B 503 -33.80 5.78 14.76
N ARG B 504 -33.75 7.07 14.42
CA ARG B 504 -32.58 7.70 13.86
C ARG B 504 -31.50 7.81 14.93
N PRO B 505 -31.83 8.25 16.17
CA PRO B 505 -30.83 8.36 17.27
C PRO B 505 -30.01 7.09 17.50
N PHE B 506 -30.70 5.96 17.45
CA PHE B 506 -30.08 4.64 17.56
C PHE B 506 -28.99 4.42 16.50
N VAL B 507 -29.27 4.81 15.25
CA VAL B 507 -28.44 4.54 14.09
C VAL B 507 -27.22 5.49 14.08
N GLU B 508 -27.53 6.78 14.24
CA GLU B 508 -26.54 7.81 14.45
C GLU B 508 -25.53 7.37 15.51
N ARG B 509 -26.05 6.85 16.64
CA ARG B 509 -25.21 6.37 17.72
C ARG B 509 -24.33 5.18 17.31
N LEU B 510 -24.86 4.27 16.51
CA LEU B 510 -24.07 3.14 16.05
C LEU B 510 -22.95 3.60 15.08
N ILE B 511 -23.29 4.56 14.20
CA ILE B 511 -22.34 5.09 13.22
C ILE B 511 -21.13 5.62 14.04
N ASP B 512 -21.44 6.42 15.07
CA ASP B 512 -20.49 7.27 15.76
C ASP B 512 -19.55 6.40 16.60
N VAL B 513 -20.12 5.41 17.26
CA VAL B 513 -19.35 4.49 18.10
C VAL B 513 -18.47 3.59 17.25
N THR B 514 -18.99 3.14 16.09
CA THR B 514 -18.26 2.26 15.16
C THR B 514 -17.12 2.99 14.49
N ALA B 515 -17.32 4.29 14.17
CA ALA B 515 -16.31 5.19 13.64
C ALA B 515 -15.32 5.66 14.72
N GLY B 516 -15.66 5.63 16.01
CA GLY B 516 -14.83 6.28 17.01
C GLY B 516 -15.07 7.81 17.17
N MET B 517 -16.02 8.40 16.42
CA MET B 517 -16.21 9.84 16.26
C MET B 517 -17.48 10.06 15.45
N VAL B 518 -18.04 11.29 15.48
CA VAL B 518 -18.98 11.84 14.48
C VAL B 518 -18.21 12.17 13.21
N PRO B 519 -18.46 11.36 12.15
CA PRO B 519 -17.84 11.58 10.86
C PRO B 519 -18.42 12.79 10.13
N GLN B 520 -17.54 13.64 9.57
CA GLN B 520 -17.92 14.84 8.83
C GLN B 520 -17.39 14.71 7.42
N PHE B 521 -17.96 15.51 6.51
CA PHE B 521 -17.52 15.56 5.15
C PHE B 521 -16.04 15.90 5.04
N ASP B 522 -15.55 16.78 5.93
CA ASP B 522 -14.14 17.14 5.86
C ASP B 522 -13.33 16.47 6.97
N ASP B 523 -13.82 15.38 7.58
CA ASP B 523 -13.14 14.77 8.71
C ASP B 523 -13.79 13.43 8.99
N TYR B 524 -13.31 12.36 8.33
CA TYR B 524 -13.88 11.03 8.52
C TYR B 524 -12.75 10.06 8.80
N PRO B 525 -13.00 8.87 9.40
CA PRO B 525 -11.91 8.02 9.90
C PRO B 525 -10.89 7.80 8.80
N PRO B 526 -9.59 7.65 9.20
CA PRO B 526 -8.52 7.28 8.25
C PRO B 526 -8.56 5.93 7.51
N ASP B 527 -9.11 4.86 8.11
CA ASP B 527 -9.10 3.50 7.50
C ASP B 527 -10.55 3.17 7.09
N ALA B 528 -10.74 2.32 6.07
CA ALA B 528 -12.08 1.95 5.56
C ALA B 528 -12.82 0.88 6.38
N GLY B 529 -12.07 0.08 7.14
CA GLY B 529 -12.57 -1.11 7.81
C GLY B 529 -13.88 -0.85 8.52
N TRP B 530 -13.98 0.31 9.16
CA TRP B 530 -15.16 0.62 9.98
C TRP B 530 -16.48 0.57 9.18
N LEU B 531 -16.42 0.90 7.87
CA LEU B 531 -17.57 0.86 6.98
C LEU B 531 -18.08 -0.58 6.81
N THR B 532 -17.15 -1.53 6.53
CA THR B 532 -17.47 -2.97 6.58
C THR B 532 -18.16 -3.39 7.89
N ARG B 533 -17.58 -3.09 9.08
CA ARG B 533 -18.17 -3.49 10.37
C ARG B 533 -19.55 -2.92 10.65
N LEU B 534 -19.77 -1.67 10.28
CA LEU B 534 -21.07 -1.03 10.44
C LEU B 534 -22.07 -1.66 9.46
N HIS B 535 -21.65 -1.97 8.23
CA HIS B 535 -22.50 -2.65 7.29
C HIS B 535 -22.94 -4.04 7.80
N GLU B 536 -21.98 -4.81 8.34
CA GLU B 536 -22.22 -6.06 9.03
C GLU B 536 -23.10 -5.91 10.28
N LYS B 537 -22.76 -4.96 11.14
CA LYS B 537 -23.61 -4.80 12.30
C LYS B 537 -25.07 -4.54 11.91
N ALA B 538 -25.30 -3.64 10.92
CA ALA B 538 -26.66 -3.23 10.59
C ALA B 538 -27.47 -4.33 9.92
N VAL B 539 -26.73 -5.23 9.21
CA VAL B 539 -27.32 -6.37 8.57
C VAL B 539 -27.68 -7.48 9.61
N ALA B 540 -26.78 -7.75 10.55
CA ALA B 540 -27.06 -8.81 11.53
C ALA B 540 -28.33 -8.46 12.31
N THR B 541 -28.41 -7.18 12.71
CA THR B 541 -29.49 -6.69 13.54
C THR B 541 -30.86 -6.82 12.84
N LEU B 542 -30.89 -6.39 11.55
CA LEU B 542 -32.06 -6.47 10.68
C LEU B 542 -32.50 -7.92 10.43
N ALA B 543 -31.53 -8.84 10.24
CA ALA B 543 -31.82 -10.25 9.98
C ALA B 543 -32.46 -10.91 11.22
N ALA B 544 -31.89 -10.63 12.39
CA ALA B 544 -32.32 -11.08 13.68
C ALA B 544 -33.72 -10.59 13.98
N ALA B 545 -34.17 -9.44 13.42
CA ALA B 545 -35.54 -8.98 13.63
C ALA B 545 -36.55 -9.69 12.73
N ALA B 546 -36.13 -10.52 11.74
CA ALA B 546 -37.07 -11.13 10.80
C ALA B 546 -37.60 -12.47 11.37
N MET C 4 -23.53 12.88 24.68
CA MET C 4 -22.71 11.67 24.89
C MET C 4 -21.34 11.85 24.22
N ASP C 5 -20.38 12.29 25.03
CA ASP C 5 -19.03 12.41 24.56
C ASP C 5 -18.29 11.07 24.68
N TYR C 6 -18.94 10.09 25.36
CA TYR C 6 -18.37 8.83 25.75
C TYR C 6 -19.23 7.65 25.33
N GLN C 7 -18.59 6.49 25.07
CA GLN C 7 -19.24 5.19 24.88
C GLN C 7 -18.79 4.32 26.05
N ILE C 8 -19.68 4.06 27.05
CA ILE C 8 -19.34 3.24 28.20
C ILE C 8 -20.43 2.19 28.44
N ASP C 9 -20.06 0.92 28.68
CA ASP C 9 -21.03 -0.19 28.70
C ASP C 9 -20.46 -1.35 29.51
N LEU C 10 -21.34 -2.06 30.21
CA LEU C 10 -21.06 -3.41 30.74
C LEU C 10 -21.00 -4.45 29.60
N VAL C 11 -20.11 -5.40 29.69
CA VAL C 11 -20.05 -6.44 28.68
C VAL C 11 -19.99 -7.78 29.40
N ASP C 12 -20.29 -8.87 28.65
CA ASP C 12 -20.22 -10.20 29.23
C ASP C 12 -18.78 -10.48 29.69
N PRO C 13 -18.57 -11.18 30.81
CA PRO C 13 -17.19 -11.50 31.21
C PRO C 13 -16.44 -12.50 30.32
N LEU C 14 -17.10 -13.13 29.35
CA LEU C 14 -16.39 -14.01 28.39
C LEU C 14 -16.10 -13.34 27.02
N THR C 15 -16.53 -12.10 26.84
CA THR C 15 -16.13 -11.27 25.72
C THR C 15 -14.68 -10.78 25.85
N LYS C 16 -13.94 -10.87 24.73
CA LYS C 16 -12.59 -10.30 24.61
C LYS C 16 -12.67 -8.91 23.97
N VAL C 17 -12.39 -7.86 24.75
CA VAL C 17 -12.42 -6.52 24.17
C VAL C 17 -11.10 -6.24 23.45
N PHE C 18 -11.20 -6.13 22.11
CA PHE C 18 -10.11 -5.67 21.28
C PHE C 18 -10.22 -4.15 21.06
N ALA C 19 -9.05 -3.50 20.88
CA ALA C 19 -8.93 -2.06 20.91
C ALA C 19 -9.57 -1.43 19.68
N ASP C 20 -9.74 -2.20 18.61
CA ASP C 20 -10.15 -1.68 17.33
C ASP C 20 -11.58 -2.11 16.97
N GLU C 21 -12.40 -2.57 17.93
CA GLU C 21 -13.73 -3.06 17.66
C GLU C 21 -14.66 -2.77 18.83
N VAL C 22 -15.95 -2.50 18.53
CA VAL C 22 -16.88 -2.24 19.61
C VAL C 22 -17.46 -3.56 20.14
N PRO C 23 -17.30 -3.95 21.40
CA PRO C 23 -17.94 -5.19 21.86
C PRO C 23 -19.46 -5.06 22.04
N ASP C 24 -20.19 -6.18 22.11
CA ASP C 24 -21.61 -6.16 22.41
C ASP C 24 -21.83 -5.91 23.90
N ALA C 25 -22.79 -5.01 24.18
CA ALA C 25 -23.24 -4.63 25.51
C ALA C 25 -24.00 -5.82 26.14
N TRP C 26 -23.81 -6.11 27.44
CA TRP C 26 -24.59 -7.10 28.20
C TRP C 26 -25.89 -6.40 28.57
N VAL C 27 -27.01 -7.10 28.27
CA VAL C 27 -28.33 -6.77 28.80
C VAL C 27 -28.34 -7.08 30.29
N VAL C 28 -28.60 -6.03 31.09
CA VAL C 28 -28.60 -6.02 32.55
C VAL C 28 -29.82 -6.80 33.04
N ALA C 29 -29.61 -7.69 34.04
CA ALA C 29 -30.66 -8.55 34.58
C ALA C 29 -30.30 -8.77 36.04
N THR C 30 -31.29 -9.04 36.91
CA THR C 30 -31.03 -9.46 38.30
C THR C 30 -29.98 -10.57 38.33
N GLN C 31 -29.03 -10.43 39.26
CA GLN C 31 -27.96 -11.39 39.51
C GLN C 31 -28.23 -12.08 40.85
N MET C 32 -27.92 -13.40 40.95
CA MET C 32 -27.99 -14.05 42.24
C MET C 32 -26.69 -14.83 42.51
N VAL C 33 -26.15 -14.70 43.72
CA VAL C 33 -24.92 -15.40 44.09
C VAL C 33 -25.13 -16.03 45.48
N LEU C 34 -24.51 -17.21 45.66
CA LEU C 34 -24.32 -17.78 46.98
C LEU C 34 -23.52 -16.81 47.85
N GLN C 35 -23.58 -16.93 49.18
CA GLN C 35 -22.78 -16.04 50.01
C GLN C 35 -21.32 -16.48 50.02
N GLY C 36 -20.41 -15.55 49.62
CA GLY C 36 -19.00 -15.83 49.37
C GLY C 36 -18.61 -15.90 47.88
N GLU C 37 -19.61 -16.06 47.00
CA GLU C 37 -19.43 -15.90 45.58
C GLU C 37 -19.32 -14.42 45.17
N PRO C 38 -18.19 -13.99 44.52
CA PRO C 38 -18.15 -12.63 43.97
C PRO C 38 -19.04 -12.44 42.72
N LEU C 39 -19.69 -11.26 42.59
CA LEU C 39 -20.20 -10.82 41.31
C LEU C 39 -19.06 -10.30 40.43
N VAL C 40 -18.88 -10.91 39.27
CA VAL C 40 -17.89 -10.55 38.28
C VAL C 40 -18.55 -9.80 37.13
N LEU C 41 -17.95 -8.65 36.75
CA LEU C 41 -18.47 -7.80 35.67
C LEU C 41 -17.30 -7.31 34.80
N GLN C 42 -17.56 -7.15 33.47
CA GLN C 42 -16.62 -6.46 32.56
C GLN C 42 -17.25 -5.13 32.07
N LEU C 43 -16.45 -4.04 32.10
CA LEU C 43 -16.84 -2.68 31.73
C LEU C 43 -15.88 -2.08 30.68
N ALA C 44 -16.41 -1.76 29.51
CA ALA C 44 -15.69 -1.32 28.33
C ALA C 44 -15.97 0.16 28.09
N TYR C 45 -14.99 0.89 27.52
CA TYR C 45 -15.05 2.37 27.58
C TYR C 45 -14.19 2.99 26.47
N GLN C 46 -14.70 4.13 26.00
CA GLN C 46 -14.11 4.93 24.91
C GLN C 46 -14.61 6.38 25.07
N ARG C 47 -13.79 7.38 24.67
CA ARG C 47 -14.18 8.78 24.54
C ARG C 47 -14.43 9.13 23.08
N LEU C 48 -15.68 9.43 22.71
CA LEU C 48 -16.05 9.74 21.34
C LEU C 48 -15.65 11.18 20.98
N ARG C 49 -15.69 12.09 21.97
CA ARG C 49 -15.37 13.49 21.76
C ARG C 49 -13.92 13.65 21.24
N ASP C 50 -13.75 14.52 20.25
CA ASP C 50 -12.51 14.63 19.51
C ASP C 50 -11.77 15.93 19.85
N ASP C 51 -11.31 16.08 21.11
CA ASP C 51 -10.47 17.20 21.59
C ASP C 51 -9.00 17.05 21.16
N ASP C 52 -8.16 18.01 21.59
CA ASP C 52 -6.72 17.90 21.42
C ASP C 52 -5.99 17.04 22.47
N ALA C 53 -6.68 16.61 23.56
CA ALA C 53 -6.18 15.60 24.50
C ALA C 53 -6.46 14.17 23.96
N SER C 54 -5.49 13.22 24.13
CA SER C 54 -5.63 11.84 23.74
C SER C 54 -6.64 11.10 24.59
N PHE C 55 -6.77 11.51 25.85
CA PHE C 55 -7.64 10.85 26.81
C PHE C 55 -8.16 11.91 27.81
N SER C 56 -9.20 11.54 28.57
CA SER C 56 -9.77 12.33 29.65
C SER C 56 -9.85 11.37 30.85
N GLU C 57 -9.68 11.91 32.07
CA GLU C 57 -9.60 11.10 33.25
C GLU C 57 -11.02 10.89 33.75
N LEU C 58 -11.34 9.69 34.29
CA LEU C 58 -12.66 9.41 34.86
C LEU C 58 -12.47 8.81 36.25
N THR C 59 -13.36 9.17 37.17
CA THR C 59 -13.36 8.62 38.51
C THR C 59 -14.42 7.50 38.57
N LEU C 60 -14.02 6.31 39.06
CA LEU C 60 -14.93 5.20 39.29
C LEU C 60 -15.44 5.17 40.72
N ALA C 61 -16.73 4.88 40.91
CA ALA C 61 -17.29 4.76 42.24
C ALA C 61 -18.16 3.53 42.19
N THR C 62 -18.26 2.73 43.27
CA THR C 62 -19.17 1.60 43.41
C THR C 62 -19.92 1.67 44.74
N SER C 63 -21.22 1.38 44.73
CA SER C 63 -22.05 1.27 45.89
C SER C 63 -21.48 0.31 46.90
N LEU C 64 -20.89 -0.80 46.42
CA LEU C 64 -20.38 -1.86 47.31
C LEU C 64 -18.90 -1.96 47.01
N SER C 65 -18.11 -2.33 48.00
CA SER C 65 -16.67 -2.42 47.81
C SER C 65 -16.41 -3.33 46.62
N ALA C 66 -15.44 -2.95 45.76
CA ALA C 66 -15.05 -3.79 44.63
C ALA C 66 -13.53 -3.89 44.46
N GLN C 67 -13.06 -4.91 43.77
CA GLN C 67 -11.66 -4.98 43.33
C GLN C 67 -11.70 -4.72 41.84
N CYS C 68 -10.86 -3.80 41.33
CA CYS C 68 -10.96 -3.37 39.95
C CYS C 68 -9.61 -3.56 39.31
N PHE C 69 -9.58 -4.18 38.11
CA PHE C 69 -8.36 -4.31 37.31
C PHE C 69 -8.49 -3.59 35.96
N GLU C 70 -7.41 -2.96 35.52
CA GLU C 70 -7.31 -2.68 34.10
C GLU C 70 -6.99 -3.96 33.30
N ILE C 71 -7.62 -4.09 32.12
CA ILE C 71 -7.26 -5.18 31.20
C ILE C 71 -6.31 -4.66 30.13
N ASN C 72 -5.14 -5.30 30.05
CA ASN C 72 -4.06 -4.80 29.19
C ASN C 72 -3.83 -5.69 27.95
N GLN C 73 -3.80 -5.05 26.76
CA GLN C 73 -3.55 -5.68 25.48
C GLN C 73 -2.08 -6.08 25.48
N VAL C 74 -1.75 -7.38 25.15
CA VAL C 74 -0.35 -7.79 25.09
C VAL C 74 -0.05 -8.34 23.68
N PRO C 75 1.22 -8.29 23.22
CA PRO C 75 1.58 -8.88 21.92
C PRO C 75 1.51 -10.40 21.78
N SER C 76 1.13 -10.83 20.56
CA SER C 76 1.28 -12.23 20.11
C SER C 76 1.87 -12.32 18.71
N GLN C 77 2.95 -13.10 18.47
CA GLN C 77 3.45 -13.28 17.09
C GLN C 77 3.18 -14.70 16.56
N LEU C 78 2.54 -15.52 17.41
CA LEU C 78 2.14 -16.86 17.03
C LEU C 78 0.86 -17.17 17.75
N PRO C 79 -0.24 -16.56 17.29
CA PRO C 79 -1.57 -16.81 17.90
C PRO C 79 -2.17 -18.20 17.78
N THR C 80 -1.92 -18.92 16.68
CA THR C 80 -2.34 -20.30 16.42
C THR C 80 -1.20 -21.21 15.92
N TRP C 81 -1.39 -22.53 16.11
CA TRP C 81 -0.66 -23.59 15.41
C TRP C 81 -1.32 -23.83 14.04
N PRO C 82 -0.70 -24.63 13.14
CA PRO C 82 -1.33 -24.83 11.83
C PRO C 82 -2.77 -25.32 11.79
N HIS C 83 -3.50 -24.95 10.74
CA HIS C 83 -4.82 -25.53 10.48
C HIS C 83 -5.77 -25.14 11.60
N PRO C 84 -5.91 -23.85 11.98
CA PRO C 84 -6.78 -23.48 13.10
C PRO C 84 -8.26 -23.57 12.72
N ASP C 85 -9.08 -24.18 13.59
CA ASP C 85 -10.48 -24.43 13.40
C ASP C 85 -11.21 -23.11 13.56
N ALA C 86 -12.53 -23.14 13.53
CA ALA C 86 -13.37 -21.98 13.31
C ALA C 86 -13.67 -21.21 14.61
N ARG C 87 -13.28 -21.77 15.77
CA ARG C 87 -13.43 -21.13 17.08
C ARG C 87 -12.47 -19.94 17.24
N TYR C 88 -11.31 -19.99 16.56
CA TYR C 88 -10.26 -19.00 16.74
C TYR C 88 -10.77 -17.62 16.31
N LEU C 89 -10.55 -16.63 17.19
CA LEU C 89 -11.10 -15.30 16.98
C LEU C 89 -10.27 -14.57 15.91
N ARG C 90 -8.93 -14.78 15.92
CA ARG C 90 -7.98 -14.09 15.04
C ARG C 90 -6.82 -15.05 14.90
N THR C 91 -6.12 -14.96 13.76
CA THR C 91 -5.10 -15.94 13.42
C THR C 91 -3.79 -15.28 13.01
N THR C 92 -3.74 -13.94 12.89
CA THR C 92 -2.51 -13.17 12.60
C THR C 92 -1.97 -12.45 13.83
N PRO C 93 -0.63 -12.20 13.83
CA PRO C 93 0.02 -11.39 14.86
C PRO C 93 -0.63 -10.04 15.16
N GLY C 94 -0.76 -9.73 16.45
CA GLY C 94 -1.41 -8.51 16.87
C GLY C 94 -1.42 -8.46 18.38
N LEU C 95 -2.30 -7.60 18.92
CA LEU C 95 -2.46 -7.43 20.35
C LEU C 95 -3.71 -8.19 20.78
N PHE C 96 -3.66 -8.79 21.97
CA PHE C 96 -4.74 -9.56 22.59
C PHE C 96 -4.84 -9.19 24.06
N PRO C 97 -6.08 -9.14 24.63
CA PRO C 97 -6.28 -8.85 26.05
C PRO C 97 -5.90 -10.04 26.96
N ASP C 98 -5.21 -9.71 28.07
CA ASP C 98 -4.84 -10.74 28.98
C ASP C 98 -4.42 -10.20 30.35
N LEU C 99 -3.38 -9.34 30.42
CA LEU C 99 -2.70 -9.01 31.68
C LEU C 99 -3.57 -8.06 32.51
N LEU C 100 -3.68 -8.29 33.82
CA LEU C 100 -4.53 -7.47 34.68
C LEU C 100 -3.64 -6.71 35.67
N THR C 101 -3.79 -5.36 35.68
CA THR C 101 -3.13 -4.50 36.66
C THR C 101 -4.20 -3.86 37.59
N PRO C 102 -3.98 -3.88 38.93
CA PRO C 102 -4.90 -3.24 39.90
C PRO C 102 -5.18 -1.81 39.46
N LEU C 103 -6.43 -1.36 39.53
CA LEU C 103 -6.72 0.04 39.24
C LEU C 103 -6.43 0.89 40.49
N THR C 104 -5.47 1.85 40.42
CA THR C 104 -5.04 2.60 41.59
C THR C 104 -5.33 4.12 41.47
N GLY C 105 -5.85 4.63 40.37
CA GLY C 105 -6.20 6.05 40.32
C GLY C 105 -7.41 6.21 39.42
N PRO C 106 -7.53 7.33 38.67
CA PRO C 106 -8.61 7.47 37.67
C PRO C 106 -8.29 6.71 36.38
N VAL C 107 -9.35 6.24 35.71
CA VAL C 107 -9.26 5.55 34.46
C VAL C 107 -9.23 6.58 33.29
N ARG C 108 -8.38 6.30 32.32
CA ARG C 108 -8.12 7.17 31.20
C ARG C 108 -8.88 6.66 29.99
N ALA C 109 -9.95 7.41 29.63
CA ALA C 109 -10.79 7.08 28.50
C ALA C 109 -10.17 7.69 27.27
N TYR C 110 -9.81 6.86 26.26
CA TYR C 110 -9.06 7.32 25.09
C TYR C 110 -9.98 7.48 23.87
N HIS C 111 -9.63 8.44 23.01
CA HIS C 111 -10.30 8.60 21.73
C HIS C 111 -9.67 7.65 20.72
N GLY C 112 -10.52 6.96 19.95
CA GLY C 112 -10.02 6.17 18.81
C GLY C 112 -9.66 4.72 19.16
N GLN C 113 -9.91 4.30 20.40
CA GLN C 113 -9.65 2.94 20.83
C GLN C 113 -10.45 2.60 22.08
N VAL C 114 -10.75 1.30 22.25
CA VAL C 114 -11.61 0.79 23.32
C VAL C 114 -10.73 0.06 24.36
N ARG C 115 -11.10 0.27 25.66
CA ARG C 115 -10.44 -0.35 26.81
C ARG C 115 -11.49 -0.90 27.78
N ALA C 116 -11.04 -1.75 28.74
CA ALA C 116 -11.93 -2.52 29.60
C ALA C 116 -11.33 -2.68 31.00
N LEU C 117 -12.25 -2.75 31.98
CA LEU C 117 -11.90 -3.04 33.35
C LEU C 117 -12.51 -4.41 33.70
N TRP C 118 -11.89 -5.13 34.66
CA TRP C 118 -12.45 -6.29 35.31
C TRP C 118 -12.84 -5.89 36.73
N LEU C 119 -14.15 -6.12 37.07
CA LEU C 119 -14.69 -5.78 38.39
C LEU C 119 -15.15 -7.04 39.13
N LYS C 120 -14.82 -7.07 40.43
CA LYS C 120 -15.20 -8.13 41.32
C LYS C 120 -15.79 -7.49 42.57
N ILE C 121 -17.01 -7.93 42.94
CA ILE C 121 -17.67 -7.48 44.15
C ILE C 121 -17.65 -8.64 45.13
N PRO C 122 -16.79 -8.62 46.18
CA PRO C 122 -16.85 -9.69 47.21
C PRO C 122 -18.20 -9.68 47.93
N THR C 123 -18.60 -10.81 48.53
CA THR C 123 -19.97 -11.04 49.01
C THR C 123 -19.92 -11.78 50.36
N GLU C 124 -18.72 -12.13 50.89
CA GLU C 124 -18.68 -12.99 52.07
C GLU C 124 -19.11 -12.18 53.28
N SER C 125 -18.94 -10.86 53.24
CA SER C 125 -19.34 -9.96 54.32
C SER C 125 -20.78 -9.50 54.16
N LEU C 126 -21.48 -9.83 53.08
CA LEU C 126 -22.82 -9.29 52.92
C LEU C 126 -23.83 -10.24 53.58
N THR C 127 -24.69 -9.66 54.42
CA THR C 127 -25.85 -10.34 54.97
C THR C 127 -26.75 -10.71 53.79
N PRO C 128 -27.27 -11.96 53.68
CA PRO C 128 -28.23 -12.31 52.64
C PRO C 128 -29.35 -11.29 52.61
N GLY C 129 -29.99 -11.18 51.46
CA GLY C 129 -30.82 -10.04 51.09
C GLY C 129 -30.59 -9.61 49.64
N SER C 130 -31.29 -8.53 49.26
CA SER C 130 -31.29 -7.90 47.95
C SER C 130 -30.47 -6.62 47.99
N TYR C 131 -29.68 -6.35 46.94
CA TYR C 131 -28.84 -5.16 46.92
C TYR C 131 -29.04 -4.46 45.58
N GLU C 132 -28.67 -3.19 45.61
CA GLU C 132 -28.61 -2.39 44.41
C GLU C 132 -27.15 -1.93 44.22
N LEU C 133 -26.45 -2.51 43.23
CA LEU C 133 -25.10 -2.12 42.90
C LEU C 133 -25.14 -0.97 41.89
N THR C 134 -24.77 0.25 42.35
CA THR C 134 -24.63 1.35 41.43
C THR C 134 -23.15 1.56 41.10
N ILE C 135 -22.89 1.67 39.79
CA ILE C 135 -21.59 1.94 39.20
C ILE C 135 -21.62 3.27 38.43
N THR C 136 -20.69 4.16 38.80
CA THR C 136 -20.61 5.52 38.30
C THR C 136 -19.19 5.83 37.81
N LEU C 137 -19.15 6.57 36.70
CA LEU C 137 -17.98 7.27 36.21
C LEU C 137 -18.26 8.78 36.04
N THR C 138 -17.36 9.53 36.65
CA THR C 138 -17.40 10.97 36.65
C THR C 138 -16.12 11.45 35.95
N GLU C 139 -16.35 12.35 34.96
CA GLU C 139 -15.32 13.18 34.32
C GLU C 139 -14.69 14.09 35.38
N THR C 140 -13.41 13.77 35.71
CA THR C 140 -12.70 14.35 36.84
C THR C 140 -12.53 15.85 36.63
N ALA C 141 -12.33 16.31 35.37
CA ALA C 141 -12.15 17.72 35.02
C ALA C 141 -13.42 18.55 35.27
N SER C 142 -14.59 18.01 34.93
CA SER C 142 -15.80 18.81 34.89
C SER C 142 -16.68 18.52 36.11
N GLY C 143 -16.36 17.50 36.92
CA GLY C 143 -17.29 17.00 37.90
C GLY C 143 -18.57 16.43 37.27
N GLN C 144 -18.65 16.21 35.94
CA GLN C 144 -19.92 15.73 35.35
C GLN C 144 -19.98 14.20 35.35
N VAL C 145 -21.19 13.66 35.59
CA VAL C 145 -21.46 12.22 35.69
C VAL C 145 -21.75 11.69 34.27
N VAL C 146 -20.95 10.71 33.80
CA VAL C 146 -21.01 10.39 32.38
C VAL C 146 -21.43 8.93 32.18
N PHE C 147 -21.64 8.17 33.27
CA PHE C 147 -22.10 6.80 33.18
C PHE C 147 -22.62 6.38 34.55
N SER C 148 -23.89 5.95 34.64
CA SER C 148 -24.47 5.40 35.87
C SER C 148 -25.36 4.21 35.51
N GLN C 149 -25.21 3.13 36.22
CA GLN C 149 -25.88 1.87 35.94
C GLN C 149 -26.06 1.19 37.29
N THR C 150 -27.24 0.63 37.49
CA THR C 150 -27.53 -0.16 38.68
C THR C 150 -27.79 -1.62 38.28
N VAL C 151 -27.21 -2.56 39.05
CA VAL C 151 -27.39 -3.99 38.85
C VAL C 151 -28.00 -4.53 40.14
N PRO C 152 -29.24 -5.09 40.10
CA PRO C 152 -29.84 -5.74 41.28
C PRO C 152 -29.07 -7.02 41.59
N LEU C 153 -28.61 -7.15 42.83
CA LEU C 153 -27.81 -8.30 43.22
C LEU C 153 -28.50 -8.95 44.40
N THR C 154 -28.86 -10.24 44.31
CA THR C 154 -29.33 -11.02 45.45
C THR C 154 -28.24 -11.92 46.05
N VAL C 155 -28.05 -11.82 47.37
CA VAL C 155 -27.16 -12.71 48.12
C VAL C 155 -28.01 -13.76 48.87
N ALA C 156 -27.78 -15.01 48.46
CA ALA C 156 -28.46 -16.17 49.03
C ALA C 156 -27.94 -16.47 50.44
N ALA C 157 -28.74 -17.28 51.18
CA ALA C 157 -28.46 -17.64 52.57
C ALA C 157 -27.47 -18.80 52.56
N ALA C 158 -27.55 -19.63 51.52
CA ALA C 158 -26.64 -20.76 51.32
C ALA C 158 -25.26 -20.23 50.90
N VAL C 159 -24.23 -20.88 51.46
CA VAL C 159 -22.86 -20.43 51.37
C VAL C 159 -22.15 -21.19 50.25
N ALA C 160 -21.33 -20.45 49.49
CA ALA C 160 -20.49 -20.97 48.43
C ALA C 160 -19.43 -21.85 49.05
N GLN C 161 -19.15 -22.97 48.38
CA GLN C 161 -18.17 -23.92 48.84
C GLN C 161 -17.13 -24.07 47.73
N PRO C 162 -15.84 -24.30 48.07
CA PRO C 162 -14.79 -24.37 47.05
C PRO C 162 -14.91 -25.68 46.29
N PRO C 163 -14.43 -25.79 45.04
CA PRO C 163 -14.57 -27.05 44.29
C PRO C 163 -13.70 -28.17 44.87
N ARG C 164 -14.02 -29.42 44.58
CA ARG C 164 -13.20 -30.58 44.94
C ARG C 164 -12.57 -31.11 43.65
N LEU C 165 -11.25 -30.99 43.56
CA LEU C 165 -10.51 -31.30 42.35
C LEU C 165 -9.03 -31.12 42.65
N HIS C 166 -8.18 -32.09 42.26
CA HIS C 166 -6.73 -31.90 42.35
C HIS C 166 -6.29 -30.99 41.21
N HIS C 167 -5.42 -30.03 41.44
CA HIS C 167 -5.08 -29.13 40.34
C HIS C 167 -3.65 -28.67 40.55
N THR C 168 -2.81 -28.84 39.53
CA THR C 168 -1.43 -28.40 39.56
C THR C 168 -1.17 -27.70 38.23
N GLU C 169 -0.42 -26.61 38.31
CA GLU C 169 0.14 -25.87 37.18
C GLU C 169 1.67 -25.86 37.48
N TRP C 170 2.44 -26.52 36.64
CA TRP C 170 3.85 -26.61 36.94
C TRP C 170 4.56 -25.25 37.15
N PHE C 171 5.48 -25.31 38.11
CA PHE C 171 6.08 -24.15 38.72
C PHE C 171 7.56 -24.17 38.39
N SER C 172 8.10 -23.05 37.83
CA SER C 172 9.49 -22.88 37.44
C SER C 172 10.19 -21.90 38.36
N VAL C 173 11.03 -22.41 39.25
CA VAL C 173 11.86 -21.63 40.12
C VAL C 173 12.90 -20.88 39.29
N ASP C 174 13.39 -21.51 38.20
CA ASP C 174 14.48 -20.91 37.42
C ASP C 174 14.01 -19.66 36.69
N CYS C 175 12.75 -19.66 36.25
CA CYS C 175 12.19 -18.50 35.58
C CYS C 175 12.08 -17.28 36.51
N LEU C 176 11.83 -17.52 37.79
CA LEU C 176 11.82 -16.45 38.81
C LEU C 176 13.21 -15.91 39.11
N ALA C 177 14.14 -16.83 39.28
CA ALA C 177 15.55 -16.54 39.52
C ALA C 177 16.08 -15.69 38.37
N ASP C 178 15.89 -16.09 37.10
CA ASP C 178 16.44 -15.41 35.93
C ASP C 178 15.77 -14.05 35.76
N TYR C 179 14.45 -13.98 35.65
CA TYR C 179 13.74 -12.71 35.49
C TYR C 179 14.04 -11.67 36.58
N TYR C 180 14.18 -12.09 37.84
CA TYR C 180 14.37 -11.21 38.98
C TYR C 180 15.83 -11.09 39.37
N HIS C 181 16.73 -11.82 38.72
CA HIS C 181 18.18 -11.67 38.88
C HIS C 181 18.61 -12.10 40.29
N GLU C 182 18.11 -13.22 40.79
CA GLU C 182 18.45 -13.74 42.12
C GLU C 182 18.96 -15.16 41.97
N ALA C 183 20.12 -15.47 42.55
CA ALA C 183 20.67 -16.84 42.59
C ALA C 183 19.82 -17.78 43.45
N PRO C 184 19.54 -19.04 43.00
CA PRO C 184 19.10 -20.13 43.90
C PRO C 184 20.12 -20.38 45.02
N TYR C 185 19.77 -20.14 46.32
CA TYR C 185 18.48 -19.72 46.87
C TYR C 185 18.74 -18.59 47.90
N THR C 186 18.27 -17.38 47.59
CA THR C 186 18.66 -16.15 48.25
C THR C 186 17.47 -15.78 49.10
N PRO C 187 17.67 -15.02 50.20
CA PRO C 187 16.52 -14.52 50.98
C PRO C 187 15.39 -13.89 50.12
N ARG C 188 15.73 -13.04 49.14
CA ARG C 188 14.74 -12.38 48.34
C ARG C 188 14.13 -13.36 47.31
N LEU C 189 14.86 -14.40 46.89
CA LEU C 189 14.22 -15.38 46.04
C LEU C 189 13.15 -16.16 46.83
N TRP C 190 13.44 -16.40 48.11
CA TRP C 190 12.50 -17.10 48.96
C TRP C 190 11.24 -16.29 49.17
N ALA C 191 11.43 -14.98 49.37
CA ALA C 191 10.29 -14.09 49.51
C ALA C 191 9.45 -14.17 48.22
N ILE C 192 10.09 -14.10 47.04
CA ILE C 192 9.36 -14.06 45.78
C ILE C 192 8.62 -15.38 45.54
N ILE C 193 9.23 -16.46 46.01
CA ILE C 193 8.62 -17.74 45.78
C ILE C 193 7.33 -17.87 46.61
N GLY C 194 7.41 -17.49 47.91
CA GLY C 194 6.20 -17.48 48.73
C GLY C 194 5.07 -16.67 48.07
N ASN C 195 5.48 -15.50 47.51
CA ASN C 195 4.55 -14.62 46.80
C ASN C 195 3.79 -15.43 45.73
N PHE C 196 4.54 -16.06 44.80
CA PHE C 196 3.99 -16.82 43.70
C PHE C 196 3.21 -18.06 44.19
N MET C 197 3.67 -18.71 45.29
CA MET C 197 2.96 -19.81 45.95
C MET C 197 1.59 -19.41 46.50
N VAL C 198 1.46 -18.26 47.20
CA VAL C 198 0.21 -17.74 47.68
C VAL C 198 -0.82 -17.46 46.58
N PHE C 199 -0.40 -16.80 45.50
CA PHE C 199 -1.27 -16.66 44.34
C PHE C 199 -1.69 -18.05 43.80
N ALA C 200 -0.71 -18.97 43.65
CA ALA C 200 -0.96 -20.31 43.15
C ALA C 200 -2.10 -20.98 43.90
N HIS C 201 -2.03 -21.00 45.23
CA HIS C 201 -3.09 -21.57 46.05
C HIS C 201 -4.36 -20.73 46.01
N ASP C 202 -4.33 -19.46 46.40
CA ASP C 202 -5.58 -18.71 46.66
C ASP C 202 -6.29 -18.20 45.42
N GLU C 203 -5.52 -17.98 44.35
CA GLU C 203 -5.98 -17.28 43.13
C GLU C 203 -6.00 -18.19 41.89
N ALA C 204 -5.00 -19.08 41.71
CA ALA C 204 -5.09 -20.10 40.67
C ALA C 204 -5.83 -21.37 41.14
N LEU C 205 -6.22 -21.46 42.44
CA LEU C 205 -6.95 -22.58 43.03
C LEU C 205 -6.19 -23.89 42.79
N MET C 206 -4.90 -23.91 43.10
CA MET C 206 -4.11 -25.13 43.10
C MET C 206 -4.05 -25.73 44.50
N ASP C 207 -4.04 -27.09 44.56
CA ASP C 207 -3.89 -27.84 45.83
C ASP C 207 -2.56 -28.60 45.84
N THR C 208 -1.90 -28.70 44.66
CA THR C 208 -0.73 -29.53 44.49
C THR C 208 0.40 -28.69 43.90
N LEU C 209 1.62 -28.80 44.44
CA LEU C 209 2.74 -27.99 43.97
C LEU C 209 3.96 -28.80 43.47
N LEU C 210 4.42 -28.53 42.23
CA LEU C 210 5.67 -29.12 41.73
C LEU C 210 6.87 -28.56 42.50
N THR C 211 7.68 -29.53 43.01
CA THR C 211 8.73 -29.34 44.03
C THR C 211 10.09 -29.80 43.46
N PRO C 212 11.02 -28.87 43.21
CA PRO C 212 12.27 -29.18 42.51
C PRO C 212 13.31 -29.84 43.41
N ILE C 213 13.00 -31.07 43.90
CA ILE C 213 13.89 -32.04 44.56
C ILE C 213 15.28 -32.02 43.92
N PHE C 214 15.27 -32.10 42.59
CA PHE C 214 16.41 -31.80 41.75
C PHE C 214 15.77 -30.96 40.65
N THR C 215 16.63 -30.32 39.86
CA THR C 215 16.24 -29.56 38.67
C THR C 215 15.36 -30.41 37.75
N PRO C 216 14.05 -30.06 37.59
CA PRO C 216 13.13 -30.88 36.77
C PRO C 216 13.69 -31.16 35.37
N PRO C 217 13.69 -32.45 34.92
CA PRO C 217 14.10 -32.84 33.55
C PRO C 217 12.99 -32.61 32.51
N LEU C 218 12.74 -31.32 32.21
CA LEU C 218 11.64 -30.84 31.38
C LEU C 218 12.10 -29.59 30.60
N ASP C 219 11.63 -29.47 29.34
CA ASP C 219 11.81 -28.30 28.47
C ASP C 219 13.27 -27.92 28.35
N THR C 220 14.10 -28.96 28.19
CA THR C 220 15.55 -28.86 28.07
C THR C 220 16.02 -29.61 26.80
N ALA C 221 16.92 -28.95 26.08
CA ALA C 221 17.58 -29.43 24.87
C ALA C 221 18.54 -30.55 25.32
N VAL C 222 18.43 -31.67 24.58
CA VAL C 222 19.40 -32.74 24.69
C VAL C 222 20.79 -32.09 24.81
N GLY C 223 21.50 -32.33 25.93
CA GLY C 223 22.82 -31.76 26.15
C GLY C 223 22.81 -30.50 27.00
N ALA C 224 21.73 -29.70 26.99
CA ALA C 224 21.78 -28.39 27.66
C ALA C 224 21.48 -28.54 29.16
N THR C 225 21.44 -27.42 29.91
CA THR C 225 21.05 -27.43 31.32
C THR C 225 20.39 -26.10 31.71
N ARG C 226 19.27 -26.13 32.46
CA ARG C 226 18.61 -24.93 32.97
C ARG C 226 19.27 -24.44 34.28
N THR C 227 18.95 -23.24 34.79
CA THR C 227 19.54 -22.85 36.08
C THR C 227 19.29 -23.93 37.13
N ASN C 228 20.32 -24.23 37.94
CA ASN C 228 20.26 -25.33 38.89
C ASN C 228 19.44 -24.85 40.09
N VAL C 229 18.34 -25.59 40.41
CA VAL C 229 17.41 -25.23 41.45
C VAL C 229 17.17 -26.39 42.44
N GLN C 230 18.12 -27.35 42.56
CA GLN C 230 17.87 -28.53 43.35
C GLN C 230 17.77 -28.17 44.84
N LEU C 231 16.67 -28.63 45.48
CA LEU C 231 16.44 -28.44 46.93
C LEU C 231 17.18 -29.47 47.80
N VAL C 232 17.37 -30.66 47.23
CA VAL C 232 18.20 -31.66 47.87
C VAL C 232 19.64 -31.50 47.42
N GLN C 233 20.49 -31.15 48.38
CA GLN C 233 21.92 -31.05 48.13
C GLN C 233 22.67 -32.30 48.61
N ILE C 234 23.84 -32.50 48.01
CA ILE C 234 24.53 -33.75 48.14
C ILE C 234 26.00 -33.41 48.34
N LEU C 235 26.59 -33.89 49.45
CA LEU C 235 28.01 -33.69 49.71
C LEU C 235 28.85 -34.62 48.82
N PRO C 236 30.11 -34.23 48.49
CA PRO C 236 30.92 -35.01 47.56
C PRO C 236 31.22 -36.36 48.24
N GLY C 237 31.29 -37.42 47.42
CA GLY C 237 31.67 -38.74 47.86
C GLY C 237 30.46 -39.64 48.07
N THR C 238 30.72 -40.95 48.08
CA THR C 238 29.75 -42.00 48.36
C THR C 238 30.35 -42.86 49.47
N PRO C 239 29.68 -43.32 50.58
CA PRO C 239 28.26 -43.12 50.89
C PRO C 239 27.65 -41.72 50.74
N TYR C 240 26.42 -41.70 50.22
CA TYR C 240 25.68 -40.49 49.87
C TYR C 240 25.15 -39.77 51.11
N ARG C 241 25.57 -38.53 51.38
CA ARG C 241 25.07 -37.74 52.51
C ARG C 241 24.30 -36.51 52.01
N PHE C 242 23.06 -36.35 52.51
CA PHE C 242 22.17 -35.33 51.99
C PHE C 242 22.06 -34.10 52.89
N ASP C 243 21.83 -32.91 52.33
CA ASP C 243 21.51 -31.75 53.14
C ASP C 243 20.09 -31.31 52.77
N TRP C 244 19.17 -31.21 53.76
CA TRP C 244 17.73 -31.04 53.48
C TRP C 244 17.26 -29.62 53.77
N SER C 245 18.19 -28.69 54.13
CA SER C 245 17.79 -27.41 54.63
C SER C 245 16.86 -26.66 53.66
N ARG C 246 17.15 -26.69 52.36
CA ARG C 246 16.37 -25.95 51.36
C ARG C 246 14.98 -26.57 51.13
N LEU C 247 14.88 -27.90 51.23
CA LEU C 247 13.61 -28.60 51.14
C LEU C 247 12.74 -28.34 52.36
N ARG C 248 13.34 -28.36 53.55
CA ARG C 248 12.57 -27.94 54.71
C ARG C 248 11.95 -26.57 54.46
N LYS C 249 12.75 -25.53 54.33
CA LYS C 249 12.22 -24.20 54.02
C LYS C 249 11.12 -24.22 52.93
N TRP C 250 11.37 -24.99 51.82
CA TRP C 250 10.42 -25.04 50.72
C TRP C 250 9.04 -25.46 51.23
N CYS C 251 9.03 -26.59 51.96
CA CYS C 251 7.82 -27.21 52.45
C CYS C 251 7.18 -26.31 53.51
N GLN C 252 7.99 -25.61 54.33
CA GLN C 252 7.45 -24.68 55.35
C GLN C 252 6.65 -23.57 54.65
N LEU C 253 7.17 -23.03 53.54
CA LEU C 253 6.46 -22.02 52.78
C LEU C 253 5.23 -22.61 52.10
N ALA C 254 5.31 -23.81 51.56
CA ALA C 254 4.16 -24.38 50.86
C ALA C 254 3.04 -24.67 51.84
N GLN C 255 3.44 -25.21 52.98
CA GLN C 255 2.52 -25.53 54.07
C GLN C 255 1.85 -24.24 54.51
N GLN C 256 2.61 -23.19 54.60
CA GLN C 256 2.07 -21.91 55.08
C GLN C 256 1.24 -21.23 54.00
N SER C 257 1.42 -21.55 52.72
CA SER C 257 0.74 -20.97 51.56
C SER C 257 -0.58 -21.68 51.34
N GLY C 258 -0.71 -22.88 51.97
CA GLY C 258 -1.94 -23.70 52.00
C GLY C 258 -1.91 -25.01 51.19
N PHE C 259 -0.72 -25.50 50.75
CA PHE C 259 -0.63 -26.66 49.85
C PHE C 259 -0.81 -27.95 50.65
N ALA C 260 -1.83 -28.74 50.31
CA ALA C 260 -2.06 -30.08 50.90
C ALA C 260 -1.14 -31.19 50.31
N TYR C 261 -0.62 -31.00 49.08
CA TYR C 261 0.02 -32.05 48.29
C TYR C 261 1.24 -31.45 47.57
N LEU C 262 2.29 -32.27 47.43
CA LEU C 262 3.51 -31.93 46.68
C LEU C 262 3.74 -32.99 45.60
N GLU C 263 4.24 -32.52 44.46
CA GLU C 263 4.42 -33.30 43.24
C GLU C 263 5.92 -33.36 42.96
N MET C 264 6.46 -34.56 42.75
CA MET C 264 7.92 -34.67 42.57
C MET C 264 8.20 -34.59 41.07
N PRO C 265 9.40 -34.12 40.66
CA PRO C 265 9.68 -34.04 39.23
C PRO C 265 9.93 -35.44 38.66
N PRO C 266 9.79 -35.65 37.32
CA PRO C 266 10.13 -36.93 36.69
C PRO C 266 11.55 -37.39 37.01
N LEU C 267 11.73 -38.71 37.12
CA LEU C 267 13.02 -39.27 37.51
C LEU C 267 13.93 -39.51 36.30
N PHE C 268 13.40 -39.53 35.09
CA PHE C 268 14.17 -39.63 33.85
C PHE C 268 13.92 -38.46 32.87
N THR C 269 14.74 -38.41 31.81
CA THR C 269 14.68 -37.32 30.85
C THR C 269 13.47 -37.47 29.94
N GLN C 270 13.12 -36.37 29.28
CA GLN C 270 11.84 -36.22 28.60
C GLN C 270 11.90 -36.97 27.25
N TRP C 271 10.72 -37.41 26.76
CA TRP C 271 10.63 -37.94 25.40
C TRP C 271 11.64 -39.06 25.16
N GLY C 272 11.48 -40.23 25.80
CA GLY C 272 12.47 -41.31 25.67
C GLY C 272 12.83 -42.04 26.98
N ALA C 273 12.96 -41.28 28.08
CA ALA C 273 13.37 -41.77 29.39
C ALA C 273 14.77 -42.39 29.29
N GLN C 274 15.58 -41.80 28.39
CA GLN C 274 16.86 -42.31 27.94
C GLN C 274 17.98 -42.03 28.95
N ALA C 275 17.90 -40.90 29.70
CA ALA C 275 18.93 -40.47 30.64
C ALA C 275 18.30 -39.98 31.97
N THR C 276 19.01 -39.12 32.67
CA THR C 276 18.78 -38.82 34.07
C THR C 276 18.79 -37.29 34.26
N PRO C 277 18.19 -36.78 35.36
CA PRO C 277 18.19 -35.34 35.62
C PRO C 277 19.64 -34.87 35.83
N THR C 278 19.88 -33.59 35.52
CA THR C 278 21.16 -32.99 35.83
C THR C 278 21.21 -32.73 37.33
N ILE C 279 22.00 -33.55 38.04
CA ILE C 279 22.16 -33.42 39.48
C ILE C 279 23.63 -33.22 39.82
N THR C 280 23.91 -32.33 40.78
CA THR C 280 25.28 -32.03 41.17
C THR C 280 25.46 -32.16 42.69
N ASP C 281 26.72 -32.40 43.10
CA ASP C 281 27.15 -32.23 44.50
C ASP C 281 27.32 -30.74 44.82
N THR C 282 27.63 -30.47 46.09
CA THR C 282 27.76 -29.09 46.53
C THR C 282 29.01 -28.41 45.97
N ALA C 283 29.96 -29.15 45.37
CA ALA C 283 31.15 -28.58 44.75
C ALA C 283 30.86 -28.19 43.30
N GLY C 284 29.70 -28.66 42.75
CA GLY C 284 29.21 -28.34 41.42
C GLY C 284 29.49 -29.45 40.43
N THR C 285 30.14 -30.54 40.87
CA THR C 285 30.36 -31.72 40.04
C THR C 285 29.06 -32.43 39.67
N ALA C 286 28.87 -32.66 38.36
CA ALA C 286 27.68 -33.34 37.89
C ALA C 286 27.80 -34.83 38.22
N LEU C 287 26.71 -35.36 38.78
CA LEU C 287 26.63 -36.74 39.18
C LEU C 287 25.73 -37.51 38.21
N PHE C 288 24.64 -36.89 37.71
CA PHE C 288 23.79 -37.50 36.69
C PHE C 288 23.43 -36.38 35.72
N GLY C 289 22.80 -36.75 34.62
CA GLY C 289 22.63 -35.83 33.53
C GLY C 289 22.44 -36.57 32.20
N TRP C 290 22.56 -35.81 31.13
CA TRP C 290 22.45 -36.31 29.78
C TRP C 290 23.48 -37.43 29.47
N HIS C 291 24.68 -37.37 30.06
CA HIS C 291 25.73 -38.34 29.74
C HIS C 291 25.72 -39.56 30.67
N VAL C 292 24.71 -39.67 31.56
CA VAL C 292 24.42 -40.88 32.33
C VAL C 292 23.06 -41.46 31.97
N PRO C 293 23.05 -42.65 31.30
CA PRO C 293 21.80 -43.28 30.84
C PRO C 293 20.94 -43.73 32.02
N SER C 294 19.62 -43.91 31.81
CA SER C 294 18.72 -44.31 32.89
C SER C 294 19.06 -45.68 33.52
N THR C 295 19.73 -46.56 32.77
CA THR C 295 19.96 -47.95 33.15
C THR C 295 21.25 -48.02 33.96
N ALA C 296 21.99 -46.93 34.02
CA ALA C 296 23.23 -46.88 34.76
C ALA C 296 22.95 -47.42 36.16
N PRO C 297 23.70 -48.43 36.60
CA PRO C 297 23.55 -48.96 37.96
C PRO C 297 23.71 -47.91 39.06
N ALA C 298 24.61 -46.93 38.81
CA ALA C 298 24.88 -45.79 39.69
C ALA C 298 23.57 -45.07 40.09
N TYR C 299 22.68 -44.85 39.09
CA TYR C 299 21.45 -44.11 39.30
C TYR C 299 20.46 -44.86 40.18
N ARG C 300 20.31 -46.18 40.00
CA ARG C 300 19.45 -46.94 40.91
C ARG C 300 19.99 -46.92 42.35
N ALA C 301 21.32 -47.03 42.53
CA ALA C 301 21.95 -47.07 43.83
C ALA C 301 21.81 -45.73 44.55
N PHE C 302 21.84 -44.62 43.79
CA PHE C 302 21.60 -43.26 44.29
C PHE C 302 20.16 -43.07 44.84
N LEU C 303 19.19 -43.58 44.07
CA LEU C 303 17.76 -43.54 44.42
C LEU C 303 17.40 -44.46 45.58
N GLN C 304 18.07 -45.63 45.69
CA GLN C 304 17.87 -46.50 46.85
C GLN C 304 18.29 -45.78 48.14
N ALA C 305 19.39 -44.99 48.14
CA ALA C 305 19.75 -44.20 49.30
C ALA C 305 18.78 -43.01 49.52
N LEU C 306 18.44 -42.28 48.45
CA LEU C 306 17.61 -41.08 48.63
C LEU C 306 16.19 -41.36 49.12
N LEU C 307 15.44 -42.22 48.40
CA LEU C 307 13.98 -42.31 48.55
C LEU C 307 13.54 -42.58 49.99
N PRO C 308 14.10 -43.58 50.72
CA PRO C 308 13.80 -43.70 52.15
C PRO C 308 14.02 -42.43 52.96
N GLN C 309 15.15 -41.72 52.71
CA GLN C 309 15.44 -40.54 53.48
C GLN C 309 14.53 -39.38 53.06
N LEU C 310 14.29 -39.22 51.75
CA LEU C 310 13.42 -38.15 51.28
C LEU C 310 11.98 -38.29 51.80
N LEU C 311 11.40 -39.50 51.80
CA LEU C 311 10.08 -39.72 52.40
C LEU C 311 10.01 -39.41 53.90
N ALA C 312 11.03 -39.80 54.68
CA ALA C 312 11.10 -39.40 56.08
C ALA C 312 11.01 -37.88 56.20
N VAL C 313 11.85 -37.14 55.45
CA VAL C 313 11.93 -35.67 55.54
C VAL C 313 10.58 -35.06 55.14
N LEU C 314 9.96 -35.58 54.07
CA LEU C 314 8.69 -35.01 53.61
C LEU C 314 7.58 -35.20 54.66
N ALA C 315 7.58 -36.35 55.34
CA ALA C 315 6.63 -36.62 56.41
C ALA C 315 6.85 -35.66 57.58
N GLU C 316 8.13 -35.48 58.00
CA GLU C 316 8.47 -34.53 59.08
C GLU C 316 7.97 -33.14 58.73
N GLU C 317 7.78 -32.84 57.42
CA GLU C 317 7.30 -31.53 57.01
C GLU C 317 5.78 -31.47 56.79
N GLY C 318 5.05 -32.56 57.09
CA GLY C 318 3.60 -32.55 57.08
C GLY C 318 3.03 -33.22 55.82
N TYR C 319 3.86 -33.97 55.10
CA TYR C 319 3.54 -34.49 53.76
C TYR C 319 3.78 -36.02 53.78
N ASP C 320 2.73 -36.75 54.20
CA ASP C 320 2.78 -38.21 54.23
C ASP C 320 2.58 -38.76 52.81
N ARG C 321 2.60 -40.11 52.64
CA ARG C 321 2.65 -40.79 51.34
C ARG C 321 1.35 -40.62 50.53
N ASP C 322 0.24 -40.39 51.23
CA ASP C 322 -1.08 -40.09 50.69
C ASP C 322 -1.20 -38.63 50.23
N HIS C 323 -0.13 -37.82 50.44
CA HIS C 323 -0.09 -36.40 50.07
C HIS C 323 1.06 -36.13 49.06
N LEU C 324 1.56 -37.16 48.36
CA LEU C 324 2.63 -36.93 47.40
C LEU C 324 2.29 -37.63 46.08
N PHE C 325 2.66 -36.96 44.95
CA PHE C 325 2.65 -37.54 43.60
C PHE C 325 4.08 -37.61 43.04
N PHE C 326 4.36 -38.71 42.35
CA PHE C 326 5.65 -39.04 41.77
C PHE C 326 5.48 -39.21 40.27
N HIS C 327 6.57 -38.93 39.54
CA HIS C 327 6.59 -38.94 38.07
C HIS C 327 7.78 -39.81 37.71
N LEU C 328 7.68 -40.56 36.59
CA LEU C 328 8.80 -41.26 35.99
C LEU C 328 9.36 -40.46 34.83
N ALA C 329 8.49 -40.18 33.84
CA ALA C 329 8.87 -39.45 32.63
C ALA C 329 7.64 -39.21 31.74
N ASP C 330 7.75 -38.19 30.87
CA ASP C 330 6.61 -37.52 30.26
C ASP C 330 6.28 -38.05 28.84
N GLU C 331 5.32 -39.02 28.74
CA GLU C 331 4.54 -39.29 27.52
C GLU C 331 4.92 -40.59 26.80
N PRO C 332 4.52 -41.83 27.24
CA PRO C 332 4.80 -43.06 26.48
C PRO C 332 4.02 -43.33 25.18
N ASN C 333 4.78 -43.39 24.07
CA ASN C 333 4.29 -43.51 22.70
C ASN C 333 4.64 -44.92 22.21
N ALA C 334 4.18 -45.30 21.01
CA ALA C 334 4.72 -46.48 20.34
C ALA C 334 6.26 -46.43 20.36
N SER C 335 6.78 -45.24 20.02
CA SER C 335 8.21 -45.00 19.89
C SER C 335 8.93 -45.34 21.19
N THR C 336 8.60 -44.52 22.20
CA THR C 336 9.48 -44.35 23.35
C THR C 336 9.16 -45.46 24.35
N GLU C 337 8.45 -46.51 23.87
CA GLU C 337 7.78 -47.49 24.73
C GLU C 337 8.79 -48.35 25.47
N ASP C 338 9.80 -48.87 24.74
CA ASP C 338 10.78 -49.79 25.28
C ASP C 338 11.75 -49.02 26.19
N GLY C 339 11.74 -47.69 26.07
CA GLY C 339 12.58 -46.81 26.86
C GLY C 339 11.94 -46.55 28.23
N TYR C 340 10.64 -46.22 28.20
CA TYR C 340 9.85 -46.04 29.40
C TYR C 340 9.92 -47.31 30.27
N ARG C 341 9.57 -48.46 29.65
CA ARG C 341 9.60 -49.81 30.21
C ARG C 341 10.95 -50.11 30.89
N ALA C 342 12.08 -49.87 30.16
CA ALA C 342 13.45 -50.16 30.59
C ALA C 342 13.82 -49.30 31.81
N ALA C 343 13.46 -48.02 31.71
CA ALA C 343 13.65 -47.05 32.79
C ALA C 343 12.77 -47.43 33.99
N ARG C 344 11.50 -47.77 33.75
CA ARG C 344 10.58 -48.12 34.84
C ARG C 344 11.09 -49.31 35.64
N ALA C 345 11.69 -50.26 34.90
CA ALA C 345 12.09 -51.53 35.49
C ALA C 345 13.11 -51.31 36.60
N GLN C 346 13.92 -50.26 36.40
CA GLN C 346 15.02 -49.92 37.28
C GLN C 346 14.57 -49.38 38.61
N VAL C 347 13.33 -48.89 38.70
CA VAL C 347 12.94 -48.23 39.93
C VAL C 347 11.56 -48.70 40.37
N ALA C 348 10.85 -49.58 39.64
CA ALA C 348 9.43 -49.85 40.00
C ALA C 348 9.28 -50.37 41.44
N ASP C 349 10.28 -51.15 41.88
CA ASP C 349 10.26 -51.77 43.19
C ASP C 349 10.59 -50.75 44.28
N LEU C 350 11.35 -49.68 43.96
CA LEU C 350 11.60 -48.56 44.90
C LEU C 350 10.33 -47.70 45.10
N LEU C 351 9.35 -47.75 44.21
CA LEU C 351 8.22 -46.84 44.24
C LEU C 351 6.93 -47.51 44.72
N ASP C 352 7.01 -48.73 45.32
CA ASP C 352 5.83 -49.48 45.78
C ASP C 352 5.22 -48.77 46.99
N GLY C 353 3.90 -48.60 47.00
CA GLY C 353 3.24 -47.81 48.01
C GLY C 353 2.97 -46.33 47.65
N LEU C 354 3.65 -45.73 46.63
CA LEU C 354 3.56 -44.28 46.36
C LEU C 354 2.60 -44.04 45.19
N GLN C 355 1.85 -42.93 45.14
CA GLN C 355 1.02 -42.64 43.99
C GLN C 355 1.97 -42.13 42.88
N VAL C 356 2.20 -42.95 41.82
CA VAL C 356 2.91 -42.55 40.61
C VAL C 356 1.93 -42.19 39.48
N ILE C 357 2.08 -40.95 38.92
CA ILE C 357 1.27 -40.43 37.82
C ILE C 357 2.15 -40.04 36.63
N ASP C 358 1.58 -40.06 35.43
CA ASP C 358 2.29 -39.63 34.23
C ASP C 358 1.24 -39.38 33.13
N ALA C 359 1.62 -38.49 32.18
CA ALA C 359 0.93 -38.12 30.94
C ALA C 359 0.91 -39.27 29.94
N LEU C 360 -0.29 -39.45 29.38
CA LEU C 360 -0.50 -40.64 28.58
C LEU C 360 -1.59 -40.33 27.59
N SER C 361 -1.38 -40.75 26.33
CA SER C 361 -2.40 -40.62 25.30
C SER C 361 -2.97 -41.96 24.83
N ASP C 362 -2.26 -43.07 25.08
CA ASP C 362 -2.62 -44.42 24.63
C ASP C 362 -3.15 -45.30 25.78
N VAL C 363 -4.43 -45.69 25.70
CA VAL C 363 -5.07 -46.45 26.77
C VAL C 363 -4.35 -47.79 27.04
N ARG C 364 -3.61 -48.33 26.07
CA ARG C 364 -2.99 -49.62 26.24
C ARG C 364 -1.86 -49.56 27.29
N PHE C 365 -1.16 -48.45 27.47
CA PHE C 365 -0.10 -48.48 28.47
C PHE C 365 -0.70 -48.27 29.85
N TYR C 366 -2.02 -48.11 29.91
CA TYR C 366 -2.76 -48.10 31.16
C TYR C 366 -3.20 -49.54 31.54
N GLU C 367 -3.73 -50.30 30.57
CA GLU C 367 -4.16 -51.69 30.76
C GLU C 367 -2.97 -52.60 31.08
N ASN C 368 -1.97 -52.52 30.22
CA ASN C 368 -0.60 -52.92 30.42
C ASN C 368 -0.18 -52.71 31.89
N GLY C 369 -0.47 -51.57 32.56
CA GLY C 369 0.08 -51.24 33.88
C GLY C 369 1.45 -50.54 33.81
N LEU C 370 1.84 -50.08 32.66
CA LEU C 370 3.04 -49.27 32.59
C LEU C 370 2.76 -47.91 33.25
N VAL C 371 1.53 -47.39 33.02
CA VAL C 371 1.04 -46.15 33.65
C VAL C 371 -0.26 -46.43 34.43
N PRO C 372 -0.19 -46.84 35.72
CA PRO C 372 -1.42 -47.22 36.42
C PRO C 372 -2.32 -46.00 36.72
N HIS C 373 -1.75 -44.77 36.83
CA HIS C 373 -2.51 -43.57 37.15
C HIS C 373 -2.34 -42.50 36.08
N PRO C 374 -3.19 -42.45 35.03
CA PRO C 374 -2.94 -41.58 33.86
C PRO C 374 -3.51 -40.15 33.90
N VAL C 375 -2.66 -39.22 33.43
CA VAL C 375 -3.04 -37.85 33.10
C VAL C 375 -3.25 -37.74 31.59
N VAL C 376 -4.53 -37.68 31.16
CA VAL C 376 -4.85 -37.85 29.74
C VAL C 376 -5.03 -36.48 29.05
N ALA C 377 -4.37 -36.31 27.90
CA ALA C 377 -4.70 -35.14 27.06
C ALA C 377 -6.23 -35.03 26.85
N ASP C 378 -6.75 -33.79 26.75
CA ASP C 378 -8.18 -33.55 26.76
C ASP C 378 -8.80 -33.81 25.39
N ASP C 379 -7.96 -34.03 24.38
CA ASP C 379 -8.35 -34.58 23.07
C ASP C 379 -8.00 -36.08 22.92
N ALA C 380 -8.07 -36.90 23.98
CA ALA C 380 -7.70 -38.30 23.92
C ALA C 380 -8.48 -39.15 24.93
N LEU C 381 -9.54 -38.59 25.54
CA LEU C 381 -10.15 -39.15 26.71
C LEU C 381 -11.15 -40.26 26.38
N ALA C 382 -11.68 -40.36 25.14
CA ALA C 382 -12.86 -41.22 24.91
C ALA C 382 -12.57 -42.67 25.26
N PRO C 383 -11.42 -43.24 24.77
CA PRO C 383 -11.07 -44.63 25.06
C PRO C 383 -10.87 -44.91 26.54
N PHE C 384 -10.22 -43.99 27.27
CA PHE C 384 -10.09 -44.12 28.72
C PHE C 384 -11.41 -44.07 29.49
N LEU C 385 -12.40 -43.32 28.99
CA LEU C 385 -13.66 -43.24 29.71
C LEU C 385 -14.36 -44.58 29.51
N ALA C 386 -14.28 -45.09 28.26
CA ALA C 386 -14.84 -46.35 27.79
C ALA C 386 -14.40 -47.53 28.67
N ALA C 387 -13.13 -47.56 29.09
CA ALA C 387 -12.60 -48.54 30.02
C ALA C 387 -12.86 -48.21 31.48
N ASP C 388 -13.52 -47.08 31.79
CA ASP C 388 -13.88 -46.73 33.17
C ASP C 388 -12.63 -46.57 34.03
N ALA C 389 -11.54 -45.94 33.50
CA ALA C 389 -10.34 -45.73 34.29
C ALA C 389 -10.58 -44.81 35.47
N ALA C 390 -10.02 -45.12 36.65
CA ALA C 390 -10.27 -44.29 37.83
C ALA C 390 -9.15 -44.52 38.85
N PRO C 391 -8.58 -43.49 39.54
CA PRO C 391 -8.75 -42.07 39.15
C PRO C 391 -8.20 -41.75 37.75
N LEU C 392 -8.75 -40.66 37.20
CA LEU C 392 -8.47 -40.09 35.88
C LEU C 392 -8.23 -38.58 36.06
N TRP C 393 -7.07 -38.09 35.50
CA TRP C 393 -6.74 -36.67 35.41
C TRP C 393 -6.69 -36.26 33.96
N THR C 394 -6.77 -34.95 33.66
CA THR C 394 -6.58 -34.43 32.29
C THR C 394 -5.63 -33.22 32.28
N TYR C 395 -5.09 -32.95 31.09
CA TYR C 395 -4.24 -31.82 30.84
C TYR C 395 -4.50 -31.28 29.45
N TYR C 396 -3.91 -30.09 29.22
CA TYR C 396 -3.84 -29.49 27.91
C TYR C 396 -2.60 -28.58 27.81
N CYS C 397 -2.12 -28.49 26.56
CA CYS C 397 -0.90 -27.78 26.21
C CYS C 397 -1.00 -27.30 24.76
N CYS C 398 0.19 -26.98 24.17
CA CYS C 398 0.27 -26.48 22.79
C CYS C 398 -0.46 -27.32 21.74
N ALA C 399 -0.45 -28.66 21.98
CA ALA C 399 -0.81 -29.61 20.95
C ALA C 399 -2.31 -29.87 20.94
N GLN C 400 -3.07 -29.43 21.96
CA GLN C 400 -4.54 -29.54 21.97
C GLN C 400 -5.24 -28.34 21.30
N THR C 401 -5.21 -28.32 19.96
CA THR C 401 -5.52 -27.15 19.16
C THR C 401 -6.94 -27.16 18.57
N THR C 402 -7.56 -28.37 18.46
CA THR C 402 -8.79 -28.60 17.70
C THR C 402 -9.86 -29.18 18.60
N ALA C 403 -11.00 -28.47 18.66
CA ALA C 403 -12.27 -28.95 19.20
C ALA C 403 -12.34 -28.99 20.72
N VAL C 404 -11.20 -28.89 21.42
CA VAL C 404 -11.16 -29.16 22.86
C VAL C 404 -10.81 -27.86 23.58
N PRO C 405 -11.07 -27.84 24.93
CA PRO C 405 -10.65 -26.73 25.79
C PRO C 405 -9.15 -26.45 25.84
N ASN C 406 -8.85 -25.14 26.00
CA ASN C 406 -7.49 -24.60 26.05
C ASN C 406 -7.67 -23.10 26.39
N ARG C 407 -6.52 -22.40 26.55
CA ARG C 407 -6.50 -21.05 27.09
C ARG C 407 -5.88 -19.97 26.13
N PHE C 408 -5.46 -20.40 24.93
CA PHE C 408 -4.74 -19.56 23.99
C PHE C 408 -5.41 -18.20 23.89
N PHE C 409 -4.60 -17.14 23.77
CA PHE C 409 -5.19 -15.80 23.52
C PHE C 409 -6.16 -15.74 22.32
N ALA C 410 -5.92 -16.57 21.26
CA ALA C 410 -6.71 -16.51 20.04
C ALA C 410 -8.05 -17.31 20.06
N LEU C 411 -8.35 -18.05 21.15
CA LEU C 411 -9.60 -18.77 21.32
C LEU C 411 -10.52 -17.88 22.11
N ARG C 412 -11.78 -18.30 22.22
CA ARG C 412 -12.74 -17.68 23.08
C ARG C 412 -12.39 -17.99 24.53
N SER C 413 -12.86 -17.10 25.43
CA SER C 413 -12.78 -17.31 26.86
C SER C 413 -13.65 -18.53 27.21
N TYR C 414 -14.82 -18.63 26.58
CA TYR C 414 -15.66 -19.79 26.72
C TYR C 414 -14.90 -21.12 26.65
N ASP C 415 -14.01 -21.33 25.66
CA ASP C 415 -13.21 -22.56 25.48
C ASP C 415 -12.27 -22.84 26.69
N ASN C 416 -12.06 -21.79 27.53
CA ASN C 416 -11.40 -21.83 28.84
C ASN C 416 -12.41 -22.28 29.90
N ARG C 417 -13.53 -21.54 30.00
CA ARG C 417 -14.42 -21.69 31.14
C ARG C 417 -15.11 -23.08 31.15
N VAL C 418 -15.47 -23.57 29.96
CA VAL C 418 -16.31 -24.73 29.79
C VAL C 418 -15.64 -26.04 30.29
N LEU C 419 -14.35 -25.97 30.62
CA LEU C 419 -13.62 -27.03 31.28
C LEU C 419 -14.34 -27.45 32.57
N GLY C 420 -14.82 -26.49 33.37
CA GLY C 420 -15.44 -26.77 34.64
C GLY C 420 -16.56 -27.83 34.53
N VAL C 421 -17.63 -27.46 33.83
CA VAL C 421 -18.74 -28.35 33.58
C VAL C 421 -18.30 -29.73 33.09
N LEU C 422 -17.28 -29.77 32.26
CA LEU C 422 -16.84 -30.98 31.62
C LEU C 422 -16.11 -31.91 32.60
N LEU C 423 -15.24 -31.34 33.47
CA LEU C 423 -14.63 -32.12 34.54
C LEU C 423 -15.73 -32.76 35.43
N TYR C 424 -16.73 -31.96 35.78
CA TYR C 424 -17.84 -32.46 36.54
C TYR C 424 -18.46 -33.63 35.79
N ARG C 425 -18.85 -33.45 34.51
CA ARG C 425 -19.82 -34.29 33.85
C ARG C 425 -19.26 -35.69 33.58
N HIS C 426 -17.91 -35.79 33.36
CA HIS C 426 -17.12 -37.01 33.09
C HIS C 426 -16.26 -37.44 34.27
N GLN C 427 -16.63 -37.00 35.47
CA GLN C 427 -15.95 -37.41 36.68
C GLN C 427 -14.44 -37.42 36.50
N ILE C 428 -13.86 -36.32 36.03
CA ILE C 428 -12.40 -36.21 36.11
C ILE C 428 -12.04 -35.74 37.52
N GLN C 429 -11.01 -36.37 38.12
CA GLN C 429 -10.61 -36.11 39.52
C GLN C 429 -9.52 -34.98 39.58
N GLY C 430 -8.80 -34.66 38.49
CA GLY C 430 -7.65 -33.80 38.56
C GLY C 430 -7.37 -33.09 37.22
N PHE C 431 -6.65 -31.96 37.28
CA PHE C 431 -6.29 -31.14 36.13
C PHE C 431 -4.83 -30.67 36.23
N LEU C 432 -4.00 -31.03 35.26
CA LEU C 432 -2.60 -30.57 35.24
C LEU C 432 -2.37 -29.64 34.05
N HIS C 433 -1.56 -28.60 34.25
CA HIS C 433 -1.05 -27.73 33.19
C HIS C 433 0.44 -27.50 33.38
N TRP C 434 1.24 -27.73 32.35
CA TRP C 434 2.70 -27.59 32.44
C TRP C 434 3.18 -26.15 32.68
N GLY C 435 2.30 -25.11 32.57
CA GLY C 435 2.77 -23.75 32.27
C GLY C 435 2.26 -22.65 33.22
N PHE C 436 2.65 -22.69 34.50
CA PHE C 436 2.26 -21.66 35.45
C PHE C 436 3.03 -20.36 35.18
N ASN C 437 4.34 -20.44 34.94
CA ASN C 437 5.24 -19.30 34.87
C ASN C 437 6.51 -19.66 34.08
N PHE C 438 6.35 -20.16 32.84
CA PHE C 438 7.50 -20.48 31.96
C PHE C 438 7.89 -19.27 31.12
N TYR C 439 8.99 -18.63 31.53
CA TYR C 439 9.49 -17.42 30.88
C TYR C 439 10.79 -17.74 30.14
N ASN C 440 10.84 -18.93 29.46
CA ASN C 440 11.90 -19.26 28.49
C ASN C 440 11.38 -19.45 27.09
N ALA C 441 12.32 -19.44 26.15
CA ALA C 441 12.10 -19.90 24.78
C ALA C 441 11.97 -21.43 24.77
N GLN C 442 11.13 -21.97 23.88
CA GLN C 442 11.06 -23.42 23.73
C GLN C 442 12.43 -24.04 23.97
N LEU C 443 12.46 -25.15 24.74
CA LEU C 443 13.67 -25.92 25.08
C LEU C 443 14.66 -25.13 25.94
N SER C 444 14.22 -24.06 26.62
CA SER C 444 15.05 -23.25 27.51
C SER C 444 16.40 -22.80 26.91
N THR C 445 16.47 -22.55 25.59
CA THR C 445 17.66 -22.08 24.89
C THR C 445 18.01 -20.65 25.35
N ARG C 446 17.02 -19.83 25.75
CA ARG C 446 17.25 -18.54 26.45
C ARG C 446 15.99 -18.11 27.24
N PRO C 447 16.09 -17.17 28.23
CA PRO C 447 14.94 -16.47 28.83
C PRO C 447 14.28 -15.45 27.90
N ILE C 448 12.97 -15.24 28.05
CA ILE C 448 12.27 -14.23 27.27
C ILE C 448 11.60 -13.22 28.22
N ASP C 449 11.17 -12.08 27.67
CA ASP C 449 10.48 -11.08 28.48
C ASP C 449 8.95 -11.31 28.31
N PRO C 450 8.24 -11.77 29.39
CA PRO C 450 6.88 -12.25 29.27
C PRO C 450 5.88 -11.17 28.86
N PHE C 451 6.18 -9.90 29.17
CA PHE C 451 5.33 -8.77 28.71
C PHE C 451 5.47 -8.52 27.18
N ALA C 452 6.58 -8.95 26.57
CA ALA C 452 6.86 -8.72 25.16
C ALA C 452 6.63 -9.98 24.30
N VAL C 453 6.95 -11.16 24.85
CA VAL C 453 6.96 -12.44 24.15
C VAL C 453 6.08 -13.42 24.92
N THR C 454 4.94 -13.79 24.30
CA THR C 454 3.95 -14.65 24.91
C THR C 454 3.86 -16.06 24.27
N ASP C 455 4.80 -16.43 23.37
CA ASP C 455 4.73 -17.56 22.41
C ASP C 455 5.99 -18.45 22.53
N ALA C 456 6.74 -18.24 23.62
CA ALA C 456 7.97 -19.01 23.88
C ALA C 456 9.01 -18.83 22.77
N GLY C 457 9.14 -17.61 22.27
CA GLY C 457 10.08 -17.26 21.21
C GLY C 457 9.56 -17.73 19.86
N GLY C 458 8.23 -17.64 19.64
CA GLY C 458 7.67 -18.03 18.32
C GLY C 458 7.54 -19.55 18.08
N ALA C 459 7.18 -20.35 19.13
CA ALA C 459 7.16 -21.81 19.09
C ALA C 459 5.77 -22.33 19.48
N PHE C 460 5.09 -21.67 20.39
CA PHE C 460 3.87 -22.19 21.01
C PHE C 460 2.78 -21.12 20.84
N PRO C 461 1.48 -21.51 20.72
CA PRO C 461 0.40 -20.52 20.62
C PRO C 461 0.38 -19.62 21.86
N SER C 462 0.31 -18.29 21.63
CA SER C 462 0.34 -17.40 22.78
C SER C 462 -0.76 -17.76 23.78
N GLY C 463 -0.39 -17.72 25.08
CA GLY C 463 -1.30 -18.04 26.21
C GLY C 463 -1.00 -19.40 26.83
N ASP C 464 -0.08 -20.16 26.21
CA ASP C 464 0.19 -21.53 26.64
C ASP C 464 1.16 -21.53 27.84
N PRO C 465 2.39 -20.93 27.74
CA PRO C 465 3.49 -21.22 28.67
C PRO C 465 3.48 -20.58 30.07
N PHE C 466 2.62 -19.56 30.29
CA PHE C 466 2.55 -18.87 31.58
C PHE C 466 1.18 -18.27 31.75
N LEU C 467 0.68 -18.48 32.99
CA LEU C 467 -0.60 -18.01 33.51
C LEU C 467 -0.51 -16.68 34.29
N VAL C 468 0.66 -16.40 34.92
CA VAL C 468 0.85 -15.15 35.61
C VAL C 468 2.05 -14.42 35.01
N TYR C 469 2.01 -13.09 35.22
CA TYR C 469 3.15 -12.28 34.82
C TYR C 469 3.94 -11.88 36.06
N PRO C 470 5.25 -11.53 35.94
CA PRO C 470 6.06 -11.07 37.07
C PRO C 470 6.06 -9.56 37.31
N GLY C 471 5.32 -9.15 38.36
CA GLY C 471 5.28 -7.75 38.79
C GLY C 471 6.66 -7.27 39.25
N ALA C 472 6.91 -5.96 39.18
CA ALA C 472 8.22 -5.37 39.44
C ALA C 472 8.51 -5.40 40.95
N ASP C 473 7.45 -5.39 41.80
CA ASP C 473 7.54 -5.54 43.25
C ASP C 473 7.82 -6.99 43.65
N GLY C 474 7.91 -7.96 42.72
CA GLY C 474 8.09 -9.36 43.10
C GLY C 474 6.81 -10.11 43.40
N GLN C 475 5.67 -9.54 43.00
CA GLN C 475 4.34 -10.09 43.21
C GLN C 475 3.81 -10.53 41.85
N PRO C 476 3.05 -11.65 41.76
CA PRO C 476 2.51 -12.10 40.50
C PRO C 476 1.41 -11.13 40.12
N LEU C 477 1.28 -10.89 38.81
CA LEU C 477 0.14 -10.18 38.19
C LEU C 477 -0.82 -11.22 37.57
N ASN C 478 -2.10 -11.06 37.88
CA ASN C 478 -3.19 -11.88 37.42
C ASN C 478 -3.34 -11.76 35.89
N SER C 479 -4.07 -12.74 35.29
CA SER C 479 -4.35 -12.76 33.87
C SER C 479 -5.85 -12.93 33.65
N LEU C 480 -6.33 -12.50 32.48
CA LEU C 480 -7.72 -12.79 32.15
C LEU C 480 -7.97 -14.30 32.02
N ARG C 481 -6.97 -15.06 31.58
CA ARG C 481 -7.07 -16.52 31.47
C ARG C 481 -7.34 -17.14 32.85
N ASN C 482 -6.53 -16.76 33.82
CA ASN C 482 -6.76 -17.24 35.19
C ASN C 482 -8.17 -16.86 35.67
N GLU C 483 -8.58 -15.61 35.48
CA GLU C 483 -9.87 -15.21 36.04
C GLU C 483 -11.03 -15.97 35.41
N VAL C 484 -10.87 -16.28 34.10
CA VAL C 484 -11.87 -17.08 33.38
C VAL C 484 -11.87 -18.56 33.81
N GLN C 485 -10.67 -19.11 34.02
CA GLN C 485 -10.57 -20.46 34.56
C GLN C 485 -11.30 -20.54 35.89
N ARG C 486 -11.27 -19.47 36.73
CA ARG C 486 -11.95 -19.42 38.02
C ARG C 486 -13.47 -19.46 37.88
N LEU C 487 -14.00 -18.83 36.79
CA LEU C 487 -15.44 -18.92 36.56
C LEU C 487 -15.80 -20.38 36.37
N GLY C 488 -14.97 -21.10 35.62
CA GLY C 488 -15.17 -22.53 35.32
C GLY C 488 -15.01 -23.38 36.55
N PHE C 489 -14.09 -22.97 37.46
CA PHE C 489 -13.99 -23.66 38.76
C PHE C 489 -15.24 -23.38 39.63
N GLY C 490 -15.88 -22.19 39.50
CA GLY C 490 -17.10 -21.87 40.25
C GLY C 490 -18.30 -22.62 39.66
N ASP C 491 -18.26 -22.93 38.37
CA ASP C 491 -19.24 -23.81 37.74
C ASP C 491 -19.17 -25.21 38.37
N LEU C 492 -17.99 -25.83 38.37
CA LEU C 492 -17.72 -27.12 39.05
C LEU C 492 -18.28 -27.18 40.47
N ALA C 493 -17.96 -26.15 41.23
CA ALA C 493 -18.23 -26.14 42.66
C ALA C 493 -19.73 -26.06 42.91
N VAL C 494 -20.49 -25.25 42.14
CA VAL C 494 -21.91 -25.16 42.42
C VAL C 494 -22.65 -26.43 41.97
N LEU C 495 -22.09 -27.17 41.00
CA LEU C 495 -22.53 -28.52 40.58
C LEU C 495 -22.28 -29.58 41.66
N GLN C 496 -21.08 -29.59 42.26
CA GLN C 496 -20.81 -30.50 43.36
C GLN C 496 -21.67 -30.18 44.58
N GLN C 497 -21.96 -28.90 44.79
CA GLN C 497 -22.88 -28.48 45.84
C GLN C 497 -24.33 -28.90 45.53
N LEU C 498 -24.75 -28.82 44.25
CA LEU C 498 -26.11 -29.21 43.93
C LEU C 498 -26.30 -30.73 44.05
N GLU C 499 -25.22 -31.48 43.80
CA GLU C 499 -25.22 -32.93 43.90
C GLU C 499 -25.19 -33.39 45.36
N ALA C 500 -24.79 -32.52 46.29
CA ALA C 500 -24.87 -32.83 47.72
C ALA C 500 -26.35 -32.72 48.16
N LEU C 501 -27.01 -31.69 47.62
CA LEU C 501 -28.46 -31.51 47.78
C LEU C 501 -29.27 -32.63 47.10
N LYS C 502 -29.28 -32.71 45.77
CA LYS C 502 -30.04 -33.71 45.04
C LYS C 502 -29.01 -34.74 44.64
N GLY C 503 -29.27 -35.75 43.85
CA GLY C 503 -28.05 -36.54 43.70
C GLY C 503 -27.30 -36.14 42.45
N ARG C 504 -26.35 -36.98 42.03
CA ARG C 504 -25.61 -36.79 40.78
C ARG C 504 -26.52 -37.05 39.59
N PRO C 505 -27.39 -38.12 39.54
CA PRO C 505 -28.41 -38.26 38.46
C PRO C 505 -29.07 -36.92 38.13
N PHE C 506 -29.62 -36.21 39.13
CA PHE C 506 -30.40 -34.97 38.96
C PHE C 506 -29.58 -33.92 38.16
N VAL C 507 -28.26 -33.78 38.48
CA VAL C 507 -27.36 -32.74 37.99
C VAL C 507 -26.91 -33.08 36.56
N GLU C 508 -26.64 -34.36 36.31
CA GLU C 508 -26.31 -34.82 34.98
C GLU C 508 -27.46 -34.52 34.03
N ARG C 509 -28.71 -34.82 34.44
CA ARG C 509 -29.89 -34.51 33.62
C ARG C 509 -30.00 -33.02 33.31
N LEU C 510 -29.65 -32.19 34.29
CA LEU C 510 -29.79 -30.74 34.17
C LEU C 510 -28.72 -30.18 33.19
N ILE C 511 -27.47 -30.64 33.33
CA ILE C 511 -26.43 -30.32 32.36
C ILE C 511 -26.91 -30.68 30.95
N ASP C 512 -27.50 -31.88 30.76
CA ASP C 512 -27.78 -32.42 29.43
C ASP C 512 -28.93 -31.62 28.80
N VAL C 513 -29.92 -31.29 29.61
CA VAL C 513 -31.09 -30.56 29.15
C VAL C 513 -30.73 -29.10 28.83
N THR C 514 -29.91 -28.39 29.63
CA THR C 514 -29.50 -27.01 29.32
C THR C 514 -28.55 -26.90 28.11
N ALA C 515 -27.73 -27.92 27.90
CA ALA C 515 -26.78 -27.96 26.80
C ALA C 515 -27.45 -28.32 25.46
N GLY C 516 -28.66 -28.92 25.44
CA GLY C 516 -29.20 -29.56 24.24
C GLY C 516 -28.62 -30.95 23.99
N MET C 517 -27.67 -31.45 24.81
CA MET C 517 -26.90 -32.66 24.44
C MET C 517 -26.07 -33.05 25.68
N VAL C 518 -25.38 -34.20 25.63
CA VAL C 518 -24.29 -34.51 26.56
C VAL C 518 -22.99 -33.78 26.17
N PRO C 519 -22.59 -32.72 26.92
CA PRO C 519 -21.35 -32.03 26.54
C PRO C 519 -20.17 -33.01 26.65
N GLN C 520 -19.34 -33.03 25.61
CA GLN C 520 -18.13 -33.81 25.54
C GLN C 520 -16.95 -32.86 25.41
N PHE C 521 -15.76 -33.32 25.87
CA PHE C 521 -14.50 -32.60 25.67
C PHE C 521 -14.31 -32.13 24.19
N ASP C 522 -14.52 -33.02 23.19
CA ASP C 522 -14.30 -32.70 21.78
C ASP C 522 -15.59 -32.36 21.02
N ASP C 523 -16.65 -32.04 21.76
CA ASP C 523 -17.87 -31.60 21.16
C ASP C 523 -18.75 -30.97 22.23
N TYR C 524 -18.63 -29.66 22.45
CA TYR C 524 -19.51 -28.94 23.39
C TYR C 524 -20.27 -27.86 22.61
N PRO C 525 -21.35 -27.23 23.15
CA PRO C 525 -22.20 -26.36 22.34
C PRO C 525 -21.46 -25.18 21.69
N PRO C 526 -21.82 -24.81 20.43
CA PRO C 526 -21.30 -23.56 19.79
C PRO C 526 -21.40 -22.23 20.55
N ASP C 527 -22.57 -21.89 21.10
CA ASP C 527 -22.82 -20.71 21.92
C ASP C 527 -22.54 -20.98 23.42
N ALA C 528 -22.19 -19.92 24.16
CA ALA C 528 -21.72 -20.02 25.54
C ALA C 528 -22.85 -19.71 26.50
N GLY C 529 -23.94 -19.11 26.00
CA GLY C 529 -25.12 -18.74 26.80
C GLY C 529 -25.62 -19.84 27.76
N TRP C 530 -25.66 -21.12 27.34
CA TRP C 530 -26.14 -22.19 28.20
C TRP C 530 -25.35 -22.40 29.51
N LEU C 531 -24.03 -22.09 29.58
CA LEU C 531 -23.26 -22.12 30.85
C LEU C 531 -23.79 -21.15 31.90
N THR C 532 -24.12 -19.91 31.51
CA THR C 532 -24.65 -18.88 32.41
C THR C 532 -25.98 -19.36 32.96
N ARG C 533 -26.83 -19.88 32.05
CA ARG C 533 -28.14 -20.41 32.41
C ARG C 533 -28.07 -21.61 33.36
N LEU C 534 -27.20 -22.57 33.10
CA LEU C 534 -26.96 -23.69 34.01
C LEU C 534 -26.52 -23.26 35.42
N HIS C 535 -25.57 -22.31 35.51
CA HIS C 535 -25.07 -21.74 36.77
C HIS C 535 -26.16 -20.98 37.55
N GLU C 536 -26.99 -20.14 36.90
CA GLU C 536 -28.19 -19.54 37.50
C GLU C 536 -29.19 -20.61 38.00
N LYS C 537 -29.38 -21.71 37.26
CA LYS C 537 -30.36 -22.69 37.71
C LYS C 537 -29.91 -23.42 38.98
N ALA C 538 -28.62 -23.84 38.99
CA ALA C 538 -27.97 -24.48 40.13
C ALA C 538 -28.00 -23.60 41.38
N VAL C 539 -27.60 -22.33 41.22
CA VAL C 539 -27.63 -21.33 42.30
C VAL C 539 -29.06 -21.14 42.79
N ALA C 540 -30.04 -21.04 41.90
CA ALA C 540 -31.42 -20.80 42.32
C ALA C 540 -32.00 -21.96 43.13
N THR C 541 -31.73 -23.20 42.70
CA THR C 541 -32.14 -24.39 43.46
C THR C 541 -31.49 -24.35 44.86
N LEU C 542 -30.16 -24.11 44.97
CA LEU C 542 -29.56 -24.17 46.29
C LEU C 542 -30.17 -23.15 47.26
N ALA C 543 -30.52 -21.96 46.74
CA ALA C 543 -30.97 -20.85 47.58
C ALA C 543 -32.42 -21.09 47.98
N ALA C 544 -33.20 -21.83 47.17
CA ALA C 544 -34.62 -22.00 47.50
C ALA C 544 -34.76 -23.03 48.62
N ALA C 545 -33.64 -23.40 49.27
CA ALA C 545 -33.61 -24.50 50.22
C ALA C 545 -32.72 -24.21 51.45
N ALA C 546 -32.40 -22.97 51.79
CA ALA C 546 -31.52 -22.76 52.95
C ALA C 546 -32.27 -22.04 54.08
N ASP D 5 6.42 -23.08 -3.04
CA ASP D 5 6.47 -23.35 -1.56
C ASP D 5 6.64 -22.07 -0.69
N TYR D 6 7.61 -21.18 -1.01
CA TYR D 6 7.93 -19.98 -0.24
C TYR D 6 7.51 -18.73 -1.02
N GLN D 7 7.39 -17.59 -0.35
CA GLN D 7 7.21 -16.34 -1.09
C GLN D 7 8.22 -15.30 -0.57
N ILE D 8 9.27 -15.05 -1.36
CA ILE D 8 10.41 -14.27 -0.94
C ILE D 8 10.79 -13.20 -1.98
N ASP D 9 11.08 -11.95 -1.53
CA ASP D 9 11.14 -10.76 -2.38
C ASP D 9 11.99 -9.66 -1.67
N LEU D 10 12.97 -9.03 -2.39
CA LEU D 10 13.55 -7.72 -2.05
C LEU D 10 12.48 -6.61 -2.06
N VAL D 11 12.50 -5.74 -1.03
CA VAL D 11 11.49 -4.69 -0.91
C VAL D 11 12.26 -3.38 -0.71
N ASP D 12 11.57 -2.24 -0.93
CA ASP D 12 12.16 -0.91 -0.76
C ASP D 12 12.58 -0.72 0.70
N PRO D 13 13.80 -0.14 0.89
CA PRO D 13 14.27 0.19 2.24
C PRO D 13 13.31 1.12 2.98
N LEU D 14 12.41 1.84 2.30
CA LEU D 14 11.49 2.77 2.96
C LEU D 14 10.13 2.14 3.19
N THR D 15 10.03 0.83 2.86
CA THR D 15 8.80 0.08 3.10
C THR D 15 8.82 -0.44 4.55
N LYS D 16 7.66 -0.37 5.19
CA LYS D 16 7.42 -1.03 6.47
C LYS D 16 6.62 -2.31 6.19
N VAL D 17 7.23 -3.48 6.51
CA VAL D 17 6.60 -4.77 6.33
C VAL D 17 5.89 -5.16 7.62
N PHE D 18 4.55 -5.09 7.59
CA PHE D 18 3.68 -5.64 8.65
C PHE D 18 3.49 -7.16 8.47
N ALA D 19 3.28 -7.83 9.61
CA ALA D 19 3.18 -9.29 9.63
C ALA D 19 1.95 -9.75 8.84
N ASP D 20 0.89 -8.93 8.81
CA ASP D 20 -0.38 -9.27 8.22
C ASP D 20 -0.52 -8.77 6.77
N GLU D 21 0.59 -8.44 6.09
CA GLU D 21 0.48 -7.88 4.74
C GLU D 21 1.71 -8.18 3.91
N VAL D 22 1.51 -8.49 2.60
CA VAL D 22 2.65 -8.68 1.68
C VAL D 22 2.99 -7.32 1.07
N PRO D 23 4.24 -6.89 1.23
CA PRO D 23 4.69 -5.60 0.66
C PRO D 23 5.12 -5.68 -0.80
N ASP D 24 5.12 -4.55 -1.51
CA ASP D 24 5.56 -4.57 -2.90
C ASP D 24 7.04 -4.87 -3.02
N ALA D 25 7.38 -5.51 -4.15
CA ALA D 25 8.75 -5.87 -4.51
C ALA D 25 9.47 -4.64 -5.06
N TRP D 26 10.81 -4.66 -4.89
CA TRP D 26 11.82 -3.79 -5.48
C TRP D 26 12.26 -4.45 -6.81
N VAL D 27 12.07 -3.72 -7.93
CA VAL D 27 12.59 -4.10 -9.24
C VAL D 27 14.10 -3.86 -9.22
N VAL D 28 14.91 -4.91 -9.37
CA VAL D 28 16.36 -4.73 -9.35
C VAL D 28 16.84 -3.79 -10.47
N ALA D 29 17.74 -2.84 -10.13
CA ALA D 29 18.39 -1.88 -11.04
C ALA D 29 19.83 -1.75 -10.55
N THR D 30 20.77 -1.41 -11.45
CA THR D 30 22.19 -1.28 -11.11
C THR D 30 22.28 -0.23 -10.00
N GLN D 31 23.07 -0.53 -8.96
CA GLN D 31 23.21 0.35 -7.82
C GLN D 31 24.58 1.02 -7.92
N MET D 32 24.64 2.36 -7.82
CA MET D 32 25.96 2.97 -7.75
C MET D 32 26.21 3.58 -6.35
N VAL D 33 27.35 3.26 -5.73
CA VAL D 33 27.71 3.85 -4.46
C VAL D 33 29.08 4.53 -4.60
N LEU D 34 29.28 5.64 -3.87
CA LEU D 34 30.63 6.12 -3.63
C LEU D 34 31.35 5.03 -2.81
N GLN D 35 32.70 4.99 -2.84
CA GLN D 35 33.45 4.08 -1.98
C GLN D 35 33.38 4.51 -0.50
N GLY D 36 32.96 3.59 0.40
CA GLY D 36 32.60 3.89 1.79
C GLY D 36 31.10 3.84 2.07
N GLU D 37 30.28 4.28 1.11
CA GLU D 37 28.83 4.19 1.18
C GLU D 37 28.35 2.72 1.10
N PRO D 38 27.48 2.28 2.05
CA PRO D 38 26.87 0.94 2.00
C PRO D 38 25.61 0.86 1.15
N LEU D 39 25.51 -0.29 0.47
CA LEU D 39 24.27 -0.75 -0.14
C LEU D 39 23.38 -1.42 0.92
N VAL D 40 22.16 -0.87 1.03
CA VAL D 40 21.12 -1.26 1.99
C VAL D 40 19.93 -1.86 1.23
N LEU D 41 19.54 -3.08 1.63
CA LEU D 41 18.41 -3.78 1.02
C LEU D 41 17.52 -4.31 2.13
N GLN D 42 16.23 -4.46 1.80
CA GLN D 42 15.30 -5.18 2.70
C GLN D 42 14.75 -6.44 2.01
N LEU D 43 14.52 -7.51 2.78
CA LEU D 43 14.18 -8.83 2.26
C LEU D 43 13.01 -9.40 3.06
N ALA D 44 11.83 -9.50 2.44
CA ALA D 44 10.62 -10.02 3.07
C ALA D 44 10.38 -11.48 2.67
N TYR D 45 9.78 -12.28 3.58
CA TYR D 45 9.67 -13.74 3.44
C TYR D 45 8.50 -14.29 4.27
N GLN D 46 8.04 -15.41 3.77
CA GLN D 46 6.84 -16.14 4.19
C GLN D 46 6.94 -17.58 3.63
N ARG D 47 6.30 -18.58 4.30
CA ARG D 47 6.02 -19.92 3.74
C ARG D 47 4.54 -20.02 3.34
N LEU D 48 4.34 -20.34 2.04
CA LEU D 48 3.04 -20.59 1.39
C LEU D 48 2.52 -22.02 1.62
N ARG D 49 3.45 -22.98 1.58
CA ARG D 49 3.23 -24.39 1.88
C ARG D 49 2.58 -24.56 3.28
N ASP D 50 1.49 -25.33 3.34
CA ASP D 50 0.71 -25.39 4.55
C ASP D 50 0.89 -26.73 5.32
N ASP D 51 2.12 -27.08 5.72
CA ASP D 51 2.32 -28.32 6.42
C ASP D 51 1.92 -28.16 7.89
N ASP D 52 2.37 -29.10 8.74
CA ASP D 52 1.96 -29.13 10.15
C ASP D 52 2.95 -28.44 11.06
N ALA D 53 4.15 -28.08 10.54
CA ALA D 53 5.12 -27.22 11.21
C ALA D 53 4.72 -25.73 11.02
N SER D 54 4.92 -24.91 12.07
CA SER D 54 4.52 -23.50 12.02
C SER D 54 5.51 -22.76 11.14
N PHE D 55 6.81 -23.10 11.19
CA PHE D 55 7.87 -22.54 10.32
C PHE D 55 8.80 -23.60 9.73
N SER D 56 9.55 -23.22 8.69
CA SER D 56 10.66 -24.02 8.15
C SER D 56 11.92 -23.15 8.18
N GLU D 57 13.09 -23.79 8.34
CA GLU D 57 14.33 -23.06 8.50
C GLU D 57 15.04 -22.83 7.17
N LEU D 58 15.61 -21.63 6.99
CA LEU D 58 16.33 -21.25 5.76
C LEU D 58 17.69 -20.72 6.15
N THR D 59 18.64 -20.94 5.25
CA THR D 59 19.98 -20.37 5.37
C THR D 59 20.15 -19.31 4.29
N LEU D 60 20.70 -18.17 4.70
CA LEU D 60 21.07 -17.06 3.82
C LEU D 60 22.57 -17.12 3.51
N ALA D 61 22.91 -16.82 2.27
CA ALA D 61 24.30 -16.48 1.93
C ALA D 61 24.26 -15.31 0.95
N THR D 62 25.39 -14.57 0.91
CA THR D 62 25.63 -13.42 0.03
C THR D 62 27.06 -13.49 -0.54
N SER D 63 27.18 -13.21 -1.85
CA SER D 63 28.48 -13.29 -2.50
C SER D 63 29.44 -12.20 -1.98
N LEU D 64 28.95 -11.10 -1.33
CA LEU D 64 29.80 -10.15 -0.61
C LEU D 64 29.48 -10.17 0.90
N SER D 65 30.45 -9.86 1.76
CA SER D 65 30.20 -9.60 3.18
C SER D 65 28.98 -8.70 3.37
N ALA D 66 28.16 -9.13 4.34
CA ALA D 66 26.91 -8.50 4.66
C ALA D 66 26.75 -8.48 6.19
N GLN D 67 26.09 -7.42 6.65
CA GLN D 67 25.74 -7.30 8.05
C GLN D 67 24.22 -7.45 8.09
N CYS D 68 23.66 -8.48 8.74
CA CYS D 68 22.24 -8.72 8.57
C CYS D 68 21.50 -8.76 9.89
N PHE D 69 20.27 -8.26 9.85
CA PHE D 69 19.41 -8.08 11.02
C PHE D 69 18.00 -8.63 10.76
N GLU D 70 17.34 -9.19 11.76
CA GLU D 70 15.93 -9.43 11.61
C GLU D 70 15.20 -8.23 12.13
N ILE D 71 14.12 -7.83 11.45
CA ILE D 71 13.24 -6.76 11.88
C ILE D 71 12.13 -7.40 12.72
N ASN D 72 11.94 -6.85 13.95
CA ASN D 72 11.05 -7.33 15.02
C ASN D 72 9.83 -6.43 15.12
N GLN D 73 8.64 -7.07 15.18
CA GLN D 73 7.34 -6.43 15.43
C GLN D 73 7.26 -6.02 16.92
N VAL D 74 6.83 -4.80 17.21
CA VAL D 74 6.88 -4.26 18.57
C VAL D 74 5.49 -3.64 18.80
N PRO D 75 4.93 -3.72 20.03
CA PRO D 75 3.62 -3.16 20.26
C PRO D 75 3.54 -1.63 20.41
N SER D 76 2.39 -1.09 19.94
CA SER D 76 1.98 0.28 20.29
C SER D 76 0.51 0.36 20.70
N GLN D 77 0.25 1.02 21.85
CA GLN D 77 -1.12 1.33 22.29
C GLN D 77 -1.51 2.76 21.99
N LEU D 78 -0.58 3.61 21.53
CA LEU D 78 -0.95 4.97 21.16
C LEU D 78 -0.15 5.33 19.93
N PRO D 79 -0.59 4.89 18.73
CA PRO D 79 0.21 5.15 17.53
C PRO D 79 0.29 6.60 17.00
N THR D 80 -0.68 7.42 17.41
CA THR D 80 -0.87 8.79 16.97
C THR D 80 -1.45 9.67 18.07
N TRP D 81 -1.12 10.95 17.99
CA TRP D 81 -1.88 11.98 18.68
C TRP D 81 -3.17 12.31 17.94
N PRO D 82 -4.05 13.17 18.53
CA PRO D 82 -5.36 13.45 17.87
C PRO D 82 -5.37 14.01 16.45
N HIS D 83 -6.38 13.72 15.64
CA HIS D 83 -6.56 14.31 14.32
C HIS D 83 -5.42 13.96 13.36
N PRO D 84 -4.95 12.70 13.29
CA PRO D 84 -3.85 12.34 12.38
C PRO D 84 -4.19 12.66 10.92
N ASP D 85 -3.18 13.07 10.12
CA ASP D 85 -3.31 13.36 8.69
C ASP D 85 -3.20 12.05 7.89
N ALA D 86 -3.41 12.13 6.56
CA ALA D 86 -3.47 10.94 5.73
C ALA D 86 -2.10 10.28 5.52
N ARG D 87 -0.98 10.84 6.01
CA ARG D 87 0.30 10.21 5.78
C ARG D 87 0.43 8.94 6.64
N TYR D 88 -0.40 8.84 7.71
CA TYR D 88 -0.26 7.86 8.78
C TYR D 88 -0.76 6.54 8.22
N LEU D 89 0.12 5.52 8.33
CA LEU D 89 -0.01 4.19 7.73
C LEU D 89 -1.12 3.41 8.43
N ARG D 90 -1.12 3.39 9.76
CA ARG D 90 -2.13 2.80 10.62
C ARG D 90 -2.28 3.72 11.81
N THR D 91 -3.44 3.67 12.48
CA THR D 91 -3.78 4.63 13.53
C THR D 91 -4.55 3.98 14.69
N THR D 92 -4.59 2.63 14.80
CA THR D 92 -5.14 1.93 15.96
C THR D 92 -4.08 1.04 16.57
N PRO D 93 -4.24 0.70 17.87
CA PRO D 93 -3.25 -0.15 18.55
C PRO D 93 -3.03 -1.47 17.80
N GLY D 94 -1.76 -1.79 17.55
CA GLY D 94 -1.30 -2.99 16.86
C GLY D 94 0.19 -3.17 17.11
N LEU D 95 0.80 -4.03 16.27
CA LEU D 95 2.23 -4.31 16.16
C LEU D 95 2.88 -3.51 15.03
N PHE D 96 4.14 -3.05 15.24
CA PHE D 96 4.80 -2.24 14.25
C PHE D 96 6.27 -2.68 14.11
N PRO D 97 6.77 -2.73 12.84
CA PRO D 97 8.15 -3.15 12.57
C PRO D 97 9.13 -2.07 13.02
N ASP D 98 10.09 -2.46 13.92
CA ASP D 98 11.02 -1.46 14.44
C ASP D 98 12.34 -1.99 15.03
N LEU D 99 12.32 -2.97 15.94
CA LEU D 99 13.51 -3.41 16.62
C LEU D 99 14.40 -4.25 15.70
N LEU D 100 15.72 -4.02 15.72
CA LEU D 100 16.54 -4.84 14.84
C LEU D 100 17.45 -5.74 15.68
N THR D 101 17.44 -7.06 15.40
CA THR D 101 18.33 -8.02 16.09
C THR D 101 19.36 -8.68 15.15
N PRO D 102 20.64 -8.80 15.55
CA PRO D 102 21.63 -9.51 14.76
C PRO D 102 21.15 -10.88 14.26
N LEU D 103 21.46 -11.20 13.00
CA LEU D 103 21.05 -12.52 12.52
C LEU D 103 22.19 -13.50 12.81
N THR D 104 21.94 -14.43 13.75
CA THR D 104 22.96 -15.28 14.38
C THR D 104 22.81 -16.72 13.86
N GLY D 105 21.62 -17.11 13.38
CA GLY D 105 21.44 -18.47 12.87
C GLY D 105 20.65 -18.52 11.58
N PRO D 106 19.81 -19.57 11.39
CA PRO D 106 18.91 -19.63 10.25
C PRO D 106 17.64 -18.81 10.45
N VAL D 107 17.10 -18.37 9.32
CA VAL D 107 15.83 -17.69 9.22
C VAL D 107 14.69 -18.69 9.34
N ARG D 108 13.67 -18.31 10.10
CA ARG D 108 12.48 -19.08 10.26
C ARG D 108 11.38 -18.42 9.45
N ALA D 109 10.98 -19.13 8.40
CA ALA D 109 9.90 -18.71 7.53
C ALA D 109 8.61 -19.34 7.98
N TYR D 110 7.56 -18.53 8.19
CA TYR D 110 6.31 -18.94 8.83
C TYR D 110 5.14 -18.91 7.80
N HIS D 111 4.09 -19.70 8.10
CA HIS D 111 2.90 -19.69 7.30
C HIS D 111 1.88 -18.73 7.91
N GLY D 112 1.19 -17.95 7.05
CA GLY D 112 0.17 -17.01 7.51
C GLY D 112 0.73 -15.68 8.05
N GLN D 113 2.05 -15.43 7.94
CA GLN D 113 2.67 -14.18 8.38
C GLN D 113 3.98 -13.91 7.64
N VAL D 114 4.18 -12.60 7.39
CA VAL D 114 5.34 -12.06 6.66
C VAL D 114 6.38 -11.52 7.66
N ARG D 115 7.66 -11.66 7.31
CA ARG D 115 8.72 -11.17 8.17
C ARG D 115 9.82 -10.58 7.29
N ALA D 116 10.69 -9.75 7.88
CA ALA D 116 11.69 -9.08 7.08
C ALA D 116 13.09 -9.05 7.72
N LEU D 117 14.06 -8.87 6.82
CA LEU D 117 15.46 -8.73 7.20
C LEU D 117 15.93 -7.37 6.71
N TRP D 118 16.98 -6.83 7.32
CA TRP D 118 17.63 -5.62 6.89
C TRP D 118 19.08 -5.99 6.57
N LEU D 119 19.54 -5.61 5.35
CA LEU D 119 20.83 -6.08 4.86
C LEU D 119 21.73 -4.90 4.47
N LYS D 120 22.99 -4.95 4.95
CA LYS D 120 23.91 -3.90 4.60
C LYS D 120 25.20 -4.52 4.10
N ILE D 121 25.67 -3.99 2.96
CA ILE D 121 26.89 -4.46 2.33
C ILE D 121 27.93 -3.37 2.47
N PRO D 122 28.86 -3.43 3.42
CA PRO D 122 29.96 -2.44 3.52
C PRO D 122 30.76 -2.36 2.21
N THR D 123 31.51 -1.26 2.01
CA THR D 123 32.08 -0.94 0.71
C THR D 123 33.44 -0.28 0.93
N GLU D 124 33.81 0.02 2.18
CA GLU D 124 35.07 0.72 2.44
C GLU D 124 36.24 -0.12 1.91
N SER D 125 36.10 -1.45 1.96
CA SER D 125 37.14 -2.39 1.60
C SER D 125 36.98 -3.01 0.23
N LEU D 126 35.93 -2.69 -0.55
CA LEU D 126 35.93 -3.04 -1.97
C LEU D 126 36.73 -2.03 -2.78
N THR D 127 37.66 -2.51 -3.61
CA THR D 127 38.30 -1.58 -4.52
C THR D 127 37.31 -1.37 -5.67
N PRO D 128 37.37 -0.16 -6.24
CA PRO D 128 36.40 0.33 -7.22
C PRO D 128 36.20 -0.62 -8.40
N GLY D 129 34.95 -0.75 -8.88
CA GLY D 129 34.68 -1.57 -10.05
C GLY D 129 33.21 -1.97 -10.13
N SER D 130 32.94 -3.01 -10.92
CA SER D 130 31.62 -3.61 -11.04
C SER D 130 31.64 -4.90 -10.25
N TYR D 131 30.59 -5.10 -9.45
CA TYR D 131 30.39 -6.34 -8.71
C TYR D 131 28.99 -6.89 -9.00
N GLU D 132 28.92 -8.22 -8.82
CA GLU D 132 27.69 -8.96 -8.83
C GLU D 132 27.46 -9.52 -7.43
N LEU D 133 26.50 -8.94 -6.69
CA LEU D 133 26.08 -9.44 -5.39
C LEU D 133 24.91 -10.40 -5.56
N THR D 134 25.21 -11.67 -5.19
CA THR D 134 24.23 -12.76 -5.17
C THR D 134 23.73 -12.99 -3.74
N ILE D 135 22.38 -12.99 -3.65
CA ILE D 135 21.68 -13.25 -2.38
C ILE D 135 20.89 -14.55 -2.55
N THR D 136 21.13 -15.49 -1.62
CA THR D 136 20.50 -16.80 -1.72
C THR D 136 19.90 -17.26 -0.38
N LEU D 137 18.72 -17.91 -0.49
CA LEU D 137 18.08 -18.66 0.61
C LEU D 137 17.86 -20.13 0.23
N THR D 138 18.23 -21.00 1.18
CA THR D 138 18.35 -22.45 1.00
C THR D 138 17.54 -23.12 2.12
N GLU D 139 16.46 -23.85 1.79
CA GLU D 139 15.76 -24.70 2.77
C GLU D 139 16.71 -25.71 3.45
N THR D 140 16.69 -25.84 4.80
CA THR D 140 17.71 -26.61 5.50
C THR D 140 17.36 -28.11 5.58
N ALA D 141 16.07 -28.49 5.69
CA ALA D 141 15.65 -29.89 5.60
C ALA D 141 16.22 -30.55 4.34
N SER D 142 16.28 -29.77 3.25
CA SER D 142 16.20 -30.35 1.93
C SER D 142 17.34 -29.88 1.06
N GLY D 143 18.13 -28.92 1.56
CA GLY D 143 19.43 -28.55 0.96
C GLY D 143 19.31 -27.83 -0.38
N GLN D 144 18.07 -27.75 -0.94
CA GLN D 144 17.76 -26.97 -2.14
C GLN D 144 17.57 -25.45 -1.90
N VAL D 145 17.74 -24.72 -3.01
CA VAL D 145 17.79 -23.27 -3.05
C VAL D 145 16.40 -22.76 -3.44
N VAL D 146 15.76 -21.89 -2.61
CA VAL D 146 14.34 -21.50 -2.80
C VAL D 146 14.24 -20.01 -3.17
N PHE D 147 15.39 -19.31 -3.29
CA PHE D 147 15.48 -17.89 -3.63
C PHE D 147 16.92 -17.53 -4.06
N SER D 148 17.01 -16.96 -5.28
CA SER D 148 18.24 -16.40 -5.80
C SER D 148 18.00 -15.08 -6.57
N GLN D 149 18.92 -14.16 -6.33
CA GLN D 149 18.81 -12.80 -6.80
C GLN D 149 20.20 -12.16 -6.85
N THR D 150 20.51 -11.59 -8.02
CA THR D 150 21.76 -10.88 -8.20
C THR D 150 21.42 -9.41 -8.45
N VAL D 151 22.09 -8.58 -7.67
CA VAL D 151 21.97 -7.13 -7.75
C VAL D 151 23.35 -6.62 -8.20
N PRO D 152 23.40 -5.89 -9.35
CA PRO D 152 24.66 -5.26 -9.80
C PRO D 152 25.12 -4.04 -9.00
N LEU D 153 26.40 -3.98 -8.70
CA LEU D 153 26.89 -2.92 -7.86
C LEU D 153 28.15 -2.33 -8.46
N THR D 154 28.11 -1.03 -8.82
CA THR D 154 29.31 -0.24 -9.08
C THR D 154 29.73 0.58 -7.85
N VAL D 155 30.98 0.34 -7.45
CA VAL D 155 31.69 1.18 -6.49
C VAL D 155 32.61 2.16 -7.24
N ALA D 156 32.24 3.47 -7.19
CA ALA D 156 32.98 4.55 -7.80
C ALA D 156 34.38 4.66 -7.17
N ALA D 157 35.34 5.42 -7.75
CA ALA D 157 36.67 5.70 -7.16
C ALA D 157 36.63 6.90 -6.20
N ALA D 158 35.73 7.84 -6.52
CA ALA D 158 35.27 8.87 -5.61
C ALA D 158 34.76 8.31 -4.26
N VAL D 159 35.31 8.87 -3.17
CA VAL D 159 35.15 8.45 -1.78
C VAL D 159 34.03 9.27 -1.08
N ALA D 160 33.10 8.54 -0.42
CA ALA D 160 32.01 9.10 0.38
C ALA D 160 32.52 9.96 1.55
N GLN D 161 32.18 11.26 1.58
CA GLN D 161 32.60 12.11 2.70
C GLN D 161 31.45 12.10 3.71
N PRO D 162 31.76 12.17 5.03
CA PRO D 162 30.74 12.18 6.10
C PRO D 162 29.84 13.42 6.11
N PRO D 163 28.61 13.45 6.71
CA PRO D 163 27.79 14.67 6.71
C PRO D 163 28.34 15.79 7.61
N ARG D 164 28.11 17.04 7.24
CA ARG D 164 28.37 18.18 8.11
C ARG D 164 27.04 18.67 8.71
N LEU D 165 26.93 18.59 10.03
CA LEU D 165 25.71 18.83 10.79
C LEU D 165 26.01 18.55 12.27
N HIS D 166 25.56 19.40 13.19
CA HIS D 166 25.49 19.08 14.61
C HIS D 166 24.21 18.28 14.92
N HIS D 167 24.34 17.21 15.72
CA HIS D 167 23.25 16.29 16.02
C HIS D 167 23.41 15.77 17.43
N THR D 168 22.43 16.04 18.31
CA THR D 168 22.35 15.45 19.64
C THR D 168 20.97 14.85 19.79
N GLU D 169 20.92 13.60 20.29
CA GLU D 169 19.75 12.89 20.79
C GLU D 169 19.98 12.75 22.32
N TRP D 170 19.14 13.40 23.15
CA TRP D 170 19.31 13.48 24.60
C TRP D 170 19.42 12.11 25.25
N PHE D 171 20.42 12.00 26.15
CA PHE D 171 20.86 10.76 26.78
C PHE D 171 20.47 10.75 28.26
N SER D 172 19.86 9.61 28.73
CA SER D 172 19.35 9.37 30.09
C SER D 172 20.12 8.25 30.80
N VAL D 173 20.92 8.62 31.77
CA VAL D 173 21.71 7.65 32.49
C VAL D 173 20.77 6.87 33.43
N ASP D 174 19.81 7.57 34.06
CA ASP D 174 18.88 6.99 35.03
C ASP D 174 18.11 5.83 34.41
N CYS D 175 17.83 5.92 33.08
CA CYS D 175 17.09 4.87 32.40
C CYS D 175 17.94 3.62 32.21
N LEU D 176 19.30 3.76 32.19
CA LEU D 176 20.21 2.59 32.14
C LEU D 176 20.40 1.98 33.53
N ALA D 177 20.53 2.88 34.53
CA ALA D 177 20.55 2.52 35.93
C ALA D 177 19.33 1.65 36.25
N ASP D 178 18.12 2.21 35.97
CA ASP D 178 16.89 1.54 36.35
C ASP D 178 16.76 0.20 35.64
N TYR D 179 16.92 0.16 34.33
CA TYR D 179 16.67 -1.05 33.58
C TYR D 179 17.66 -2.19 33.83
N TYR D 180 18.93 -1.88 34.00
CA TYR D 180 19.91 -2.94 34.15
C TYR D 180 20.26 -3.12 35.63
N HIS D 181 19.59 -2.37 36.51
CA HIS D 181 19.61 -2.56 37.96
C HIS D 181 21.02 -2.28 38.48
N GLU D 182 21.50 -1.04 38.27
CA GLU D 182 22.84 -0.63 38.70
C GLU D 182 22.79 0.77 39.28
N ALA D 183 23.18 0.94 40.52
CA ALA D 183 23.17 2.27 41.10
C ALA D 183 24.23 3.15 40.42
N PRO D 184 23.97 4.46 40.13
CA PRO D 184 25.04 5.37 39.69
C PRO D 184 26.11 5.38 40.79
N TYR D 185 27.42 5.23 40.48
CA TYR D 185 27.94 4.77 39.19
C TYR D 185 28.93 3.62 39.42
N THR D 186 28.44 2.38 39.18
CA THR D 186 29.20 1.16 39.38
C THR D 186 30.04 0.81 38.13
N PRO D 187 31.13 0.02 38.29
CA PRO D 187 31.95 -0.45 37.14
C PRO D 187 31.19 -0.96 35.90
N ARG D 188 30.12 -1.74 36.12
CA ARG D 188 29.28 -2.34 35.10
C ARG D 188 28.34 -1.30 34.44
N LEU D 189 27.72 -0.36 35.22
CA LEU D 189 27.03 0.80 34.68
C LEU D 189 27.92 1.65 33.76
N TRP D 190 29.14 2.10 34.20
CA TRP D 190 30.09 2.74 33.28
C TRP D 190 30.31 1.99 31.97
N ALA D 191 30.43 0.66 32.01
CA ALA D 191 30.73 -0.13 30.81
C ALA D 191 29.50 -0.07 29.87
N ILE D 192 28.29 -0.14 30.46
CA ILE D 192 27.06 -0.07 29.69
C ILE D 192 26.88 1.34 29.12
N ILE D 193 27.19 2.40 29.89
CA ILE D 193 27.20 3.77 29.36
C ILE D 193 28.11 3.90 28.13
N GLY D 194 29.33 3.37 28.23
CA GLY D 194 30.24 3.38 27.09
C GLY D 194 29.68 2.67 25.86
N ASN D 195 29.18 1.41 25.99
CA ASN D 195 28.54 0.74 24.89
C ASN D 195 27.53 1.63 24.20
N PHE D 196 26.75 2.44 24.96
CA PHE D 196 25.69 3.26 24.39
C PHE D 196 26.29 4.50 23.73
N MET D 197 27.44 4.92 24.25
CA MET D 197 28.09 6.13 23.74
C MET D 197 28.69 5.79 22.39
N VAL D 198 29.29 4.62 22.28
CA VAL D 198 29.85 4.17 21.00
C VAL D 198 28.81 4.05 19.88
N PHE D 199 27.60 3.61 20.18
CA PHE D 199 26.53 3.44 19.21
C PHE D 199 26.05 4.83 18.76
N ALA D 200 25.84 5.68 19.77
CA ALA D 200 25.44 7.07 19.57
C ALA D 200 26.28 7.76 18.49
N HIS D 201 27.61 7.71 18.61
CA HIS D 201 28.49 8.42 17.70
C HIS D 201 28.51 7.71 16.36
N ASP D 202 28.90 6.42 16.38
CA ASP D 202 29.16 5.63 15.17
C ASP D 202 27.90 5.15 14.44
N GLU D 203 26.78 4.86 15.11
CA GLU D 203 25.60 4.28 14.49
C GLU D 203 24.43 5.23 14.43
N ALA D 204 24.31 6.17 15.40
CA ALA D 204 23.26 7.17 15.29
C ALA D 204 23.74 8.51 14.75
N LEU D 205 25.06 8.66 14.48
CA LEU D 205 25.66 9.85 13.84
C LEU D 205 25.45 11.10 14.71
N MET D 206 25.74 11.01 16.03
CA MET D 206 25.80 12.16 16.89
C MET D 206 27.24 12.68 17.00
N ASP D 207 27.38 14.02 17.05
CA ASP D 207 28.66 14.63 17.34
C ASP D 207 28.64 15.28 18.72
N THR D 208 27.47 15.24 19.40
CA THR D 208 27.25 16.06 20.59
C THR D 208 26.58 15.19 21.66
N LEU D 209 27.01 15.25 22.93
CA LEU D 209 26.40 14.43 23.96
C LEU D 209 25.96 15.27 25.17
N LEU D 210 24.67 15.11 25.57
CA LEU D 210 24.13 15.63 26.81
C LEU D 210 24.77 14.95 28.01
N THR D 211 25.49 15.78 28.80
CA THR D 211 26.34 15.44 29.95
C THR D 211 25.63 15.82 31.28
N PRO D 212 25.27 14.85 32.17
CA PRO D 212 24.62 15.21 33.44
C PRO D 212 25.52 15.71 34.62
N ILE D 213 26.21 16.86 34.40
CA ILE D 213 26.86 17.74 35.41
C ILE D 213 26.06 17.70 36.74
N PHE D 214 24.74 17.77 36.63
CA PHE D 214 23.77 17.50 37.66
C PHE D 214 22.63 16.74 36.96
N THR D 215 21.72 16.17 37.75
CA THR D 215 20.52 15.50 37.24
C THR D 215 19.72 16.46 36.34
N PRO D 216 19.55 16.15 35.02
CA PRO D 216 18.89 17.10 34.14
C PRO D 216 17.48 17.51 34.58
N PRO D 217 17.09 18.81 34.66
CA PRO D 217 15.75 19.18 35.12
C PRO D 217 14.79 19.03 33.94
N LEU D 218 14.55 17.76 33.55
CA LEU D 218 13.71 17.43 32.40
C LEU D 218 12.78 16.27 32.75
N ASP D 219 11.54 16.33 32.23
CA ASP D 219 10.65 15.18 32.28
C ASP D 219 10.43 14.72 33.73
N THR D 220 10.16 15.67 34.62
CA THR D 220 10.09 15.43 36.06
C THR D 220 8.81 16.16 36.52
N ALA D 221 7.87 15.44 37.17
CA ALA D 221 6.67 16.05 37.73
C ALA D 221 7.13 17.04 38.82
N VAL D 222 6.37 18.14 38.93
CA VAL D 222 6.59 19.21 39.90
C VAL D 222 6.65 18.63 41.32
N GLY D 223 7.76 18.88 42.05
CA GLY D 223 8.05 18.30 43.35
C GLY D 223 8.63 16.87 43.38
N ALA D 224 8.98 16.23 42.26
CA ALA D 224 9.50 14.86 42.26
C ALA D 224 10.98 14.88 41.93
N THR D 225 11.58 13.67 41.89
CA THR D 225 13.02 13.42 41.80
C THR D 225 13.28 12.17 40.97
N ARG D 226 13.93 12.30 39.80
CA ARG D 226 14.42 11.14 39.06
C ARG D 226 15.66 10.62 39.78
N THR D 227 16.14 9.38 39.53
CA THR D 227 17.43 8.95 40.11
C THR D 227 18.52 10.04 39.96
N ASN D 228 19.36 10.21 41.00
CA ASN D 228 20.46 11.17 41.04
C ASN D 228 21.62 10.60 40.22
N VAL D 229 21.97 11.34 39.16
CA VAL D 229 23.00 10.91 38.22
C VAL D 229 24.12 11.95 38.14
N GLN D 230 24.19 12.88 39.11
CA GLN D 230 25.12 14.02 39.07
C GLN D 230 26.56 13.52 39.05
N LEU D 231 27.32 13.97 38.05
CA LEU D 231 28.74 13.65 37.88
C LEU D 231 29.64 14.57 38.71
N VAL D 232 29.16 15.81 38.90
CA VAL D 232 29.80 16.75 39.80
C VAL D 232 29.30 16.56 41.22
N GLN D 233 30.26 16.22 42.11
CA GLN D 233 29.93 15.99 43.50
C GLN D 233 30.46 17.11 44.37
N ILE D 234 29.69 17.36 45.43
CA ILE D 234 29.83 18.53 46.25
C ILE D 234 29.95 18.05 47.71
N LEU D 235 31.19 18.13 48.29
CA LEU D 235 31.44 17.89 49.72
C LEU D 235 30.53 18.74 50.60
N PRO D 236 30.06 18.27 51.79
CA PRO D 236 29.05 19.02 52.55
C PRO D 236 29.65 20.29 53.14
N GLY D 237 28.91 21.41 53.09
CA GLY D 237 29.33 22.62 53.79
C GLY D 237 29.62 23.80 52.86
N THR D 238 29.36 25.01 53.38
CA THR D 238 28.93 26.13 52.55
C THR D 238 30.09 26.74 51.75
N PRO D 239 31.41 26.75 52.15
CA PRO D 239 32.48 27.17 51.21
C PRO D 239 32.74 26.03 50.20
N TYR D 240 32.32 26.17 48.90
CA TYR D 240 31.99 25.04 47.98
C TYR D 240 33.20 24.30 47.40
N ARG D 241 33.33 23.00 47.74
CA ARG D 241 34.38 22.10 47.29
C ARG D 241 33.79 20.99 46.40
N PHE D 242 34.48 20.70 45.28
CA PHE D 242 33.94 19.88 44.20
C PHE D 242 34.73 18.59 44.03
N ASP D 243 34.05 17.55 43.55
CA ASP D 243 34.71 16.31 43.23
C ASP D 243 34.31 15.96 41.79
N TRP D 244 35.36 15.77 40.97
CA TRP D 244 35.35 15.70 39.52
C TRP D 244 35.54 14.28 39.04
N SER D 245 35.64 13.27 39.90
CA SER D 245 36.08 11.97 39.38
C SER D 245 35.09 11.33 38.40
N ARG D 246 33.77 11.52 38.58
CA ARG D 246 32.75 10.92 37.72
C ARG D 246 32.67 11.62 36.36
N LEU D 247 32.82 12.96 36.39
CA LEU D 247 32.94 13.77 35.18
C LEU D 247 34.12 13.33 34.31
N ARG D 248 35.30 13.18 34.91
CA ARG D 248 36.51 12.81 34.18
C ARG D 248 36.37 11.48 33.47
N LYS D 249 35.63 10.60 34.14
CA LYS D 249 35.33 9.27 33.62
C LYS D 249 34.42 9.39 32.41
N TRP D 250 33.33 10.16 32.63
CA TRP D 250 32.35 10.42 31.58
C TRP D 250 33.08 10.96 30.36
N CYS D 251 33.84 12.04 30.57
CA CYS D 251 34.51 12.75 29.48
C CYS D 251 35.47 11.81 28.74
N GLN D 252 36.16 10.89 29.44
CA GLN D 252 37.12 10.03 28.74
C GLN D 252 36.41 9.03 27.82
N LEU D 253 35.39 8.34 28.31
CA LEU D 253 34.57 7.51 27.44
C LEU D 253 33.94 8.30 26.27
N ALA D 254 33.43 9.52 26.54
CA ALA D 254 32.88 10.40 25.50
C ALA D 254 33.94 10.60 24.41
N GLN D 255 35.18 10.90 24.81
CA GLN D 255 36.24 11.27 23.86
C GLN D 255 36.71 10.03 23.09
N GLN D 256 36.76 8.89 23.79
CA GLN D 256 37.15 7.63 23.17
C GLN D 256 36.07 7.13 22.20
N SER D 257 34.80 7.49 22.40
CA SER D 257 33.68 7.09 21.58
C SER D 257 33.55 7.99 20.35
N GLY D 258 34.29 9.12 20.28
CA GLY D 258 34.39 9.98 19.10
C GLY D 258 33.67 11.33 19.23
N PHE D 259 33.06 11.68 20.36
CA PHE D 259 32.38 12.98 20.50
C PHE D 259 33.31 14.20 20.55
N ALA D 260 33.06 15.15 19.61
CA ALA D 260 33.73 16.41 19.48
C ALA D 260 33.07 17.49 20.33
N TYR D 261 31.77 17.34 20.72
CA TYR D 261 30.97 18.33 21.45
C TYR D 261 30.26 17.72 22.66
N LEU D 262 30.22 18.47 23.76
CA LEU D 262 29.38 18.09 24.91
C LEU D 262 28.31 19.16 25.14
N GLU D 263 27.16 18.68 25.65
CA GLU D 263 25.98 19.52 25.81
C GLU D 263 25.60 19.52 27.30
N MET D 264 25.57 20.71 27.92
CA MET D 264 25.30 20.82 29.34
C MET D 264 23.79 20.96 29.55
N PRO D 265 23.23 20.41 30.67
CA PRO D 265 21.78 20.46 30.87
C PRO D 265 21.27 21.85 31.29
N PRO D 266 19.98 22.13 31.09
CA PRO D 266 19.38 23.39 31.54
C PRO D 266 19.66 23.74 33.02
N LEU D 267 19.78 25.06 33.25
CA LEU D 267 20.12 25.56 34.54
C LEU D 267 18.88 25.70 35.40
N PHE D 268 17.70 25.76 34.80
CA PHE D 268 16.45 25.99 35.53
C PHE D 268 15.38 24.96 35.16
N THR D 269 14.26 24.91 35.91
CA THR D 269 13.25 23.88 35.70
C THR D 269 12.46 24.15 34.42
N GLN D 270 11.88 23.05 33.91
CA GLN D 270 11.10 22.99 32.68
C GLN D 270 9.80 23.81 32.86
N TRP D 271 9.23 24.27 31.72
CA TRP D 271 7.95 24.98 31.63
C TRP D 271 7.81 26.13 32.64
N GLY D 272 8.70 27.13 32.60
CA GLY D 272 8.57 28.27 33.47
C GLY D 272 9.89 28.69 34.13
N ALA D 273 10.79 27.75 34.46
CA ALA D 273 12.11 28.09 35.00
C ALA D 273 11.95 28.76 36.36
N GLN D 274 10.93 28.29 37.13
CA GLN D 274 10.48 28.73 38.46
C GLN D 274 11.56 28.39 39.49
N ALA D 275 12.13 27.18 39.42
CA ALA D 275 13.05 26.65 40.42
C ALA D 275 14.35 26.14 39.80
N THR D 276 15.06 25.28 40.55
CA THR D 276 16.43 24.86 40.28
C THR D 276 16.55 23.33 40.13
N PRO D 277 17.69 22.81 39.61
CA PRO D 277 17.89 21.35 39.45
C PRO D 277 18.03 20.70 40.80
N THR D 278 17.68 19.43 40.90
CA THR D 278 17.73 18.69 42.16
C THR D 278 19.21 18.29 42.35
N ILE D 279 19.93 19.08 43.17
CA ILE D 279 21.37 18.91 43.39
C ILE D 279 21.54 18.53 44.86
N THR D 280 22.28 17.45 45.13
CA THR D 280 22.67 17.09 46.49
C THR D 280 24.18 17.21 46.66
N ASP D 281 24.63 17.12 47.92
CA ASP D 281 26.02 16.98 48.34
C ASP D 281 26.26 15.49 48.49
N THR D 282 27.45 15.11 48.98
CA THR D 282 27.83 13.71 49.18
C THR D 282 27.18 13.03 50.42
N ALA D 283 26.68 13.84 51.38
CA ALA D 283 25.91 13.29 52.50
C ALA D 283 24.55 12.89 51.99
N GLY D 284 24.09 13.47 50.88
CA GLY D 284 22.74 13.22 50.41
C GLY D 284 21.88 14.46 50.62
N THR D 285 22.39 15.53 51.25
CA THR D 285 21.51 16.64 51.61
C THR D 285 21.29 17.50 50.37
N ALA D 286 20.01 17.81 50.05
CA ALA D 286 19.64 18.51 48.85
C ALA D 286 19.99 19.99 49.00
N LEU D 287 20.80 20.55 48.05
CA LEU D 287 21.19 21.97 48.04
C LEU D 287 20.25 22.78 47.15
N PHE D 288 19.89 22.24 45.96
CA PHE D 288 18.87 22.89 45.14
C PHE D 288 17.78 21.86 44.76
N GLY D 289 16.72 22.37 44.12
CA GLY D 289 15.58 21.53 43.78
C GLY D 289 14.33 22.37 43.69
N TRP D 290 13.19 21.68 43.77
CA TRP D 290 11.89 22.30 43.55
C TRP D 290 11.52 23.32 44.63
N HIS D 291 12.17 23.17 45.81
CA HIS D 291 11.95 23.94 47.03
C HIS D 291 12.72 25.27 46.94
N VAL D 292 13.69 25.44 46.01
CA VAL D 292 14.50 26.66 45.94
C VAL D 292 14.15 27.46 44.69
N PRO D 293 13.58 28.68 44.81
CA PRO D 293 13.32 29.48 43.60
C PRO D 293 14.57 29.75 42.77
N SER D 294 14.35 29.96 41.46
CA SER D 294 15.44 30.26 40.53
C SER D 294 16.11 31.62 40.80
N THR D 295 15.40 32.53 41.50
CA THR D 295 15.83 33.88 41.85
C THR D 295 16.66 33.86 43.16
N ALA D 296 16.51 32.80 43.98
CA ALA D 296 17.36 32.53 45.13
C ALA D 296 18.79 33.01 44.87
N PRO D 297 19.27 33.95 45.70
CA PRO D 297 20.65 34.44 45.58
C PRO D 297 21.71 33.33 45.75
N ALA D 298 21.39 32.27 46.51
CA ALA D 298 22.26 31.09 46.71
C ALA D 298 22.60 30.36 45.41
N TYR D 299 21.63 30.24 44.46
CA TYR D 299 21.86 29.48 43.23
C TYR D 299 22.88 30.26 42.38
N ARG D 300 22.74 31.58 42.26
CA ARG D 300 23.71 32.39 41.52
C ARG D 300 25.14 32.24 42.09
N ALA D 301 25.25 32.28 43.41
CA ALA D 301 26.52 32.15 44.11
C ALA D 301 27.09 30.73 43.93
N PHE D 302 26.20 29.72 43.83
CA PHE D 302 26.64 28.34 43.55
C PHE D 302 27.33 28.24 42.17
N LEU D 303 26.77 28.95 41.16
CA LEU D 303 27.20 28.85 39.76
C LEU D 303 28.44 29.73 39.47
N GLN D 304 28.60 30.87 40.16
CA GLN D 304 29.82 31.71 40.12
C GLN D 304 31.02 30.95 40.62
N ALA D 305 30.82 30.06 41.59
CA ALA D 305 31.83 29.12 42.04
C ALA D 305 32.05 27.96 41.06
N LEU D 306 30.97 27.31 40.58
CA LEU D 306 31.06 26.07 39.78
C LEU D 306 31.71 26.32 38.42
N LEU D 307 31.17 27.33 37.68
CA LEU D 307 31.37 27.50 36.24
C LEU D 307 32.83 27.65 35.86
N PRO D 308 33.63 28.54 36.52
CA PRO D 308 35.06 28.69 36.16
C PRO D 308 35.80 27.37 36.37
N GLN D 309 35.41 26.69 37.44
CA GLN D 309 36.05 25.44 37.80
C GLN D 309 35.65 24.31 36.84
N LEU D 310 34.38 24.24 36.41
CA LEU D 310 33.95 23.19 35.48
C LEU D 310 34.54 23.39 34.08
N LEU D 311 34.59 24.64 33.64
CA LEU D 311 35.24 24.98 32.37
C LEU D 311 36.70 24.54 32.38
N ALA D 312 37.38 24.68 33.53
CA ALA D 312 38.78 24.26 33.58
C ALA D 312 38.87 22.73 33.50
N VAL D 313 37.98 21.98 34.21
CA VAL D 313 38.04 20.52 34.14
C VAL D 313 37.70 20.00 32.73
N LEU D 314 36.73 20.67 32.07
CA LEU D 314 36.26 20.21 30.76
C LEU D 314 37.31 20.40 29.67
N ALA D 315 38.08 21.51 29.78
CA ALA D 315 39.23 21.82 28.92
C ALA D 315 40.37 20.82 29.15
N GLU D 316 40.60 20.38 30.40
CA GLU D 316 41.51 19.24 30.64
C GLU D 316 41.10 17.94 29.93
N GLU D 317 39.79 17.77 29.74
CA GLU D 317 39.26 16.60 29.07
C GLU D 317 39.20 16.85 27.56
N GLY D 318 39.56 18.06 27.11
CA GLY D 318 39.74 18.31 25.69
C GLY D 318 38.45 18.87 25.15
N TYR D 319 37.68 19.62 25.95
CA TYR D 319 36.48 20.24 25.45
C TYR D 319 36.52 21.72 25.81
N ASP D 320 36.87 22.59 24.85
CA ASP D 320 37.10 24.01 25.14
C ASP D 320 35.80 24.78 24.94
N ARG D 321 35.77 26.09 25.15
CA ARG D 321 34.55 26.88 25.18
C ARG D 321 33.83 26.83 23.82
N ASP D 322 34.58 26.54 22.73
CA ASP D 322 34.06 26.39 21.38
C ASP D 322 33.54 24.99 21.04
N HIS D 323 33.64 24.06 21.99
CA HIS D 323 33.18 22.68 21.85
C HIS D 323 32.14 22.33 22.91
N LEU D 324 31.39 23.32 23.44
CA LEU D 324 30.41 23.10 24.51
C LEU D 324 29.11 23.85 24.23
N PHE D 325 27.99 23.22 24.55
CA PHE D 325 26.69 23.85 24.43
C PHE D 325 26.07 23.91 25.81
N PHE D 326 25.51 25.11 26.12
CA PHE D 326 24.87 25.37 27.39
C PHE D 326 23.41 25.62 27.10
N HIS D 327 22.60 25.27 28.10
CA HIS D 327 21.17 25.50 28.10
C HIS D 327 20.82 26.38 29.30
N LEU D 328 19.72 27.11 29.15
CA LEU D 328 19.17 27.96 30.17
C LEU D 328 17.87 27.30 30.61
N ALA D 329 16.92 27.10 29.70
CA ALA D 329 15.58 26.55 29.96
C ALA D 329 14.77 26.63 28.66
N ASP D 330 13.83 25.72 28.43
CA ASP D 330 13.19 25.62 27.11
C ASP D 330 11.75 26.16 27.04
N GLU D 331 11.46 26.86 25.93
CA GLU D 331 10.10 27.20 25.47
C GLU D 331 9.54 28.40 26.24
N PRO D 332 10.20 29.59 26.11
CA PRO D 332 9.54 30.86 26.46
C PRO D 332 8.35 31.20 25.55
N ASN D 333 7.16 31.34 26.16
CA ASN D 333 5.97 31.84 25.48
C ASN D 333 5.43 33.07 26.25
N ALA D 334 4.19 33.50 25.97
CA ALA D 334 3.57 34.61 26.69
C ALA D 334 3.42 34.27 28.18
N SER D 335 3.10 32.99 28.52
CA SER D 335 3.02 32.57 29.92
C SER D 335 4.35 32.80 30.60
N THR D 336 5.35 32.00 30.19
CA THR D 336 6.57 31.74 30.94
C THR D 336 7.59 32.87 30.77
N GLU D 337 7.46 33.63 29.66
CA GLU D 337 8.33 34.75 29.28
C GLU D 337 8.81 35.58 30.48
N ASP D 338 7.95 35.84 31.45
CA ASP D 338 8.28 36.75 32.53
C ASP D 338 9.34 36.15 33.46
N GLY D 339 9.25 34.83 33.69
CA GLY D 339 10.12 34.14 34.62
C GLY D 339 11.36 33.57 33.95
N TYR D 340 11.25 33.25 32.66
CA TYR D 340 12.44 33.05 31.85
C TYR D 340 13.35 34.29 31.87
N ARG D 341 12.78 35.51 31.92
CA ARG D 341 13.53 36.78 32.01
C ARG D 341 14.24 36.87 33.35
N ALA D 342 13.44 36.74 34.41
CA ALA D 342 13.88 36.67 35.79
C ALA D 342 15.11 35.77 35.99
N ALA D 343 14.93 34.51 35.58
CA ALA D 343 15.96 33.49 35.64
C ALA D 343 17.15 33.84 34.73
N ARG D 344 16.87 34.25 33.51
CA ARG D 344 17.96 34.58 32.60
C ARG D 344 18.83 35.70 33.19
N ALA D 345 18.13 36.73 33.73
CA ALA D 345 18.78 37.90 34.31
C ALA D 345 19.65 37.52 35.50
N GLN D 346 19.28 36.42 36.20
CA GLN D 346 20.01 35.94 37.38
C GLN D 346 21.39 35.37 37.02
N VAL D 347 21.67 35.06 35.73
CA VAL D 347 22.87 34.28 35.35
C VAL D 347 23.50 34.74 34.04
N ALA D 348 22.86 35.62 33.27
CA ALA D 348 23.29 35.95 31.91
C ALA D 348 24.76 36.36 31.84
N ASP D 349 25.28 37.05 32.89
CA ASP D 349 26.63 37.62 32.88
C ASP D 349 27.70 36.54 32.98
N LEU D 350 27.36 35.37 33.58
CA LEU D 350 28.27 34.24 33.81
C LEU D 350 28.45 33.42 32.52
N LEU D 351 27.55 33.66 31.57
CA LEU D 351 27.38 32.82 30.41
C LEU D 351 27.90 33.51 29.16
N ASP D 352 28.35 34.76 29.29
CA ASP D 352 28.89 35.54 28.19
C ASP D 352 30.18 34.85 27.74
N GLY D 353 30.40 34.67 26.44
CA GLY D 353 31.54 33.84 26.01
C GLY D 353 31.19 32.40 25.63
N LEU D 354 30.05 31.85 26.11
CA LEU D 354 29.65 30.44 25.98
C LEU D 354 28.57 30.32 24.91
N GLN D 355 28.55 29.22 24.16
CA GLN D 355 27.47 28.99 23.20
C GLN D 355 26.20 28.53 23.96
N VAL D 356 25.19 29.42 24.13
CA VAL D 356 23.97 29.12 24.85
C VAL D 356 22.85 28.86 23.87
N ILE D 357 22.18 27.67 23.97
CA ILE D 357 21.12 27.29 23.02
C ILE D 357 19.84 26.96 23.78
N ASP D 358 18.70 27.14 23.11
CA ASP D 358 17.46 26.73 23.73
C ASP D 358 16.33 26.63 22.71
N ALA D 359 15.36 25.76 23.02
CA ALA D 359 14.21 25.52 22.18
C ALA D 359 13.31 26.76 22.19
N LEU D 360 12.83 27.11 20.99
CA LEU D 360 12.02 28.31 20.78
C LEU D 360 11.18 28.19 19.50
N SER D 361 9.90 28.51 19.60
CA SER D 361 8.99 28.44 18.47
C SER D 361 8.40 29.81 18.11
N ASP D 362 8.62 30.88 18.92
CA ASP D 362 8.20 32.26 18.61
C ASP D 362 9.38 33.16 18.25
N VAL D 363 9.42 33.71 17.01
CA VAL D 363 10.59 34.45 16.53
C VAL D 363 10.85 35.76 17.30
N ARG D 364 9.80 36.35 17.88
CA ARG D 364 9.85 37.56 18.70
C ARG D 364 11.03 37.49 19.69
N PHE D 365 11.20 36.33 20.33
CA PHE D 365 12.19 36.06 21.36
C PHE D 365 13.58 35.77 20.78
N TYR D 366 13.70 35.69 19.45
CA TYR D 366 15.03 35.71 18.81
C TYR D 366 15.49 37.18 18.53
N GLU D 367 14.58 37.94 17.89
CA GLU D 367 14.69 39.38 17.62
C GLU D 367 15.03 40.18 18.91
N ASN D 368 14.17 40.05 19.97
CA ASN D 368 14.34 40.46 21.37
C ASN D 368 15.76 40.26 21.90
N GLY D 369 16.50 39.25 21.37
CA GLY D 369 17.76 38.78 21.93
C GLY D 369 17.59 37.97 23.21
N LEU D 370 16.36 37.69 23.59
CA LEU D 370 16.12 36.85 24.74
C LEU D 370 16.71 35.44 24.53
N VAL D 371 16.56 34.87 23.32
CA VAL D 371 17.18 33.59 22.97
C VAL D 371 18.11 33.72 21.75
N PRO D 372 19.44 33.94 21.89
CA PRO D 372 20.32 34.12 20.71
C PRO D 372 20.48 32.94 19.76
N HIS D 373 20.45 31.68 20.27
CA HIS D 373 20.75 30.51 19.46
C HIS D 373 19.55 29.58 19.51
N PRO D 374 18.51 29.76 18.68
CA PRO D 374 17.24 29.04 18.83
C PRO D 374 17.27 27.64 18.16
N VAL D 375 16.69 26.66 18.88
CA VAL D 375 16.38 25.35 18.33
C VAL D 375 14.88 25.31 18.03
N VAL D 376 14.51 25.36 16.72
CA VAL D 376 13.15 25.67 16.30
C VAL D 376 12.44 24.37 15.92
N ALA D 377 11.19 24.23 16.35
CA ALA D 377 10.37 23.08 15.97
C ALA D 377 10.20 23.06 14.46
N ASP D 378 10.17 21.86 13.87
CA ASP D 378 10.24 21.78 12.42
C ASP D 378 8.91 22.19 11.80
N ASP D 379 7.92 22.46 12.64
CA ASP D 379 6.65 22.99 12.14
C ASP D 379 6.50 24.49 12.40
N ALA D 380 7.61 25.20 12.68
CA ALA D 380 7.54 26.60 13.08
C ALA D 380 8.69 27.40 12.47
N LEU D 381 9.36 26.86 11.45
CA LEU D 381 10.60 27.41 10.96
C LEU D 381 10.39 28.64 10.06
N ALA D 382 9.22 28.81 9.44
CA ALA D 382 8.98 29.82 8.39
C ALA D 382 9.38 31.24 8.80
N PRO D 383 8.92 31.73 9.97
CA PRO D 383 9.27 33.09 10.40
C PRO D 383 10.74 33.27 10.72
N PHE D 384 11.43 32.18 11.09
CA PHE D 384 12.86 32.25 11.37
C PHE D 384 13.66 32.24 10.08
N LEU D 385 13.17 31.51 9.07
CA LEU D 385 13.83 31.52 7.78
C LEU D 385 13.52 32.87 7.10
N ALA D 386 12.34 33.44 7.36
CA ALA D 386 12.00 34.77 6.88
C ALA D 386 12.96 35.84 7.43
N ALA D 387 13.46 35.65 8.65
CA ALA D 387 14.36 36.64 9.24
C ALA D 387 15.82 36.28 9.02
N ASP D 388 16.17 35.37 8.10
CA ASP D 388 17.53 34.89 7.95
C ASP D 388 18.24 34.66 9.30
N ALA D 389 17.59 33.98 10.26
CA ALA D 389 18.24 33.65 11.52
C ALA D 389 19.41 32.71 11.22
N ALA D 390 20.56 32.90 11.91
CA ALA D 390 21.71 32.01 11.70
C ALA D 390 22.69 32.17 12.86
N PRO D 391 23.31 31.10 13.43
CA PRO D 391 22.95 29.70 13.11
C PRO D 391 21.51 29.33 13.51
N LEU D 392 20.96 28.31 12.85
CA LEU D 392 19.66 27.74 13.19
C LEU D 392 19.71 26.22 13.36
N TRP D 393 19.10 25.70 14.47
CA TRP D 393 18.85 24.27 14.62
C TRP D 393 17.36 23.95 14.49
N THR D 394 17.01 22.65 14.34
CA THR D 394 15.61 22.20 14.39
C THR D 394 15.47 21.00 15.35
N TYR D 395 14.24 20.74 15.81
CA TYR D 395 13.93 19.53 16.53
C TYR D 395 12.54 19.09 16.06
N TYR D 396 12.11 17.88 16.49
CA TYR D 396 10.72 17.42 16.44
C TYR D 396 10.49 16.48 17.60
N CYS D 397 9.21 16.33 18.00
CA CYS D 397 8.88 15.64 19.23
C CYS D 397 7.41 15.21 19.15
N CYS D 398 6.77 14.82 20.27
CA CYS D 398 5.41 14.33 20.23
C CYS D 398 4.48 15.31 19.49
N ALA D 399 4.84 16.64 19.58
CA ALA D 399 3.90 17.71 19.29
C ALA D 399 3.92 18.06 17.81
N GLN D 400 4.87 17.58 17.02
CA GLN D 400 4.95 17.78 15.56
C GLN D 400 4.26 16.63 14.78
N THR D 401 2.91 16.65 14.86
CA THR D 401 2.05 15.56 14.38
C THR D 401 1.62 15.66 12.88
N THR D 402 1.78 16.84 12.24
CA THR D 402 1.07 17.24 11.02
C THR D 402 2.06 17.85 10.03
N ALA D 403 2.17 17.29 8.80
CA ALA D 403 2.74 17.91 7.61
C ALA D 403 4.27 17.91 7.61
N VAL D 404 4.90 17.58 8.76
CA VAL D 404 6.35 17.73 8.97
C VAL D 404 7.04 16.41 9.31
N PRO D 405 8.38 16.36 9.09
CA PRO D 405 9.17 15.17 9.40
C PRO D 405 9.04 14.75 10.87
N ASN D 406 9.11 13.43 11.09
CA ASN D 406 9.07 12.80 12.40
C ASN D 406 9.49 11.32 12.18
N ARG D 407 9.26 10.51 13.18
CA ARG D 407 9.99 9.26 13.42
C ARG D 407 8.99 8.17 13.86
N PHE D 408 7.74 8.57 14.02
CA PHE D 408 6.78 7.74 14.72
C PHE D 408 6.61 6.41 14.00
N PHE D 409 6.51 5.34 14.75
CA PHE D 409 6.16 4.01 14.23
C PHE D 409 5.06 4.03 13.17
N ALA D 410 3.95 4.78 13.40
CA ALA D 410 2.82 4.89 12.49
C ALA D 410 2.98 5.78 11.24
N LEU D 411 4.14 6.46 11.11
CA LEU D 411 4.39 7.32 9.94
C LEU D 411 5.16 6.54 8.87
N ARG D 412 5.25 7.09 7.68
CA ARG D 412 6.04 6.49 6.63
C ARG D 412 7.51 6.68 6.96
N SER D 413 8.34 5.73 6.50
CA SER D 413 9.76 5.83 6.67
C SER D 413 10.26 7.04 5.89
N TYR D 414 9.55 7.36 4.81
CA TYR D 414 9.79 8.57 4.01
C TYR D 414 9.82 9.86 4.84
N ASP D 415 8.92 10.02 5.78
CA ASP D 415 8.74 11.19 6.63
C ASP D 415 9.89 11.36 7.64
N ASN D 416 10.76 10.33 7.78
CA ASN D 416 11.98 10.38 8.59
C ASN D 416 13.20 10.74 7.72
N ARG D 417 13.38 10.04 6.59
CA ARG D 417 14.54 10.19 5.76
C ARG D 417 14.60 11.58 5.10
N VAL D 418 13.41 12.12 4.76
CA VAL D 418 13.27 13.36 4.01
C VAL D 418 13.90 14.55 4.71
N LEU D 419 14.09 14.44 6.01
CA LEU D 419 14.76 15.45 6.83
C LEU D 419 16.13 15.83 6.25
N GLY D 420 16.89 14.84 5.78
CA GLY D 420 18.21 15.10 5.22
C GLY D 420 18.20 16.18 4.11
N VAL D 421 17.29 16.08 3.14
CA VAL D 421 17.28 16.99 2.01
C VAL D 421 16.78 18.35 2.48
N LEU D 422 15.79 18.38 3.36
CA LEU D 422 15.30 19.64 3.90
C LEU D 422 16.32 20.40 4.77
N LEU D 423 17.10 19.72 5.61
CA LEU D 423 18.18 20.40 6.32
C LEU D 423 19.16 21.10 5.36
N TYR D 424 19.57 20.42 4.26
CA TYR D 424 20.44 20.99 3.22
C TYR D 424 19.74 22.21 2.62
N ARG D 425 18.53 22.01 2.11
CA ARG D 425 17.87 22.95 1.25
C ARG D 425 17.69 24.29 1.97
N HIS D 426 17.43 24.27 3.29
CA HIS D 426 17.13 25.44 4.07
C HIS D 426 18.30 25.89 4.98
N GLN D 427 19.47 25.23 4.85
CA GLN D 427 20.73 25.60 5.49
C GLN D 427 20.59 25.59 7.03
N ILE D 428 20.11 24.45 7.55
CA ILE D 428 19.86 24.26 8.97
C ILE D 428 21.16 23.66 9.43
N GLN D 429 21.70 24.17 10.54
CA GLN D 429 23.07 23.83 10.94
C GLN D 429 23.00 22.64 11.91
N GLY D 430 21.82 22.22 12.38
CA GLY D 430 21.81 21.26 13.48
C GLY D 430 20.45 20.61 13.72
N PHE D 431 20.45 19.38 14.28
CA PHE D 431 19.24 18.61 14.57
C PHE D 431 19.29 18.12 16.03
N LEU D 432 18.26 18.40 16.80
CA LEU D 432 18.22 17.94 18.20
C LEU D 432 16.98 17.05 18.40
N HIS D 433 17.15 15.92 19.07
CA HIS D 433 16.02 15.12 19.55
C HIS D 433 16.17 14.82 21.03
N TRP D 434 15.03 14.87 21.74
CA TRP D 434 14.96 14.62 23.16
C TRP D 434 15.08 13.14 23.55
N GLY D 435 14.91 12.16 22.64
CA GLY D 435 14.64 10.77 23.08
C GLY D 435 15.57 9.76 22.47
N PHE D 436 16.86 9.81 22.88
CA PHE D 436 17.77 8.70 22.59
C PHE D 436 17.39 7.41 23.32
N ASN D 437 17.10 7.45 24.65
CA ASN D 437 16.79 6.25 25.42
C ASN D 437 15.91 6.53 26.67
N PHE D 438 14.73 7.15 26.51
CA PHE D 438 13.87 7.46 27.64
C PHE D 438 12.92 6.28 27.91
N TYR D 439 13.27 5.50 28.95
CA TYR D 439 12.59 4.25 29.28
C TYR D 439 11.73 4.52 30.51
N ASN D 440 11.01 5.66 30.52
CA ASN D 440 10.10 6.03 31.63
C ASN D 440 8.73 6.40 31.10
N ALA D 441 7.72 6.37 31.99
CA ALA D 441 6.42 7.00 31.76
C ALA D 441 6.59 8.51 31.72
N GLN D 442 5.57 9.18 31.23
CA GLN D 442 5.58 10.61 31.11
C GLN D 442 5.88 11.25 32.47
N LEU D 443 6.68 12.31 32.50
CA LEU D 443 7.05 12.99 33.74
C LEU D 443 7.78 12.07 34.73
N SER D 444 8.27 10.90 34.24
CA SER D 444 9.21 10.05 34.96
C SER D 444 8.56 9.50 36.24
N THR D 445 7.24 9.25 36.20
CA THR D 445 6.51 8.68 37.33
C THR D 445 6.92 7.22 37.59
N ARG D 446 7.45 6.49 36.61
CA ARG D 446 7.88 5.11 36.87
C ARG D 446 8.67 4.63 35.65
N PRO D 447 9.55 3.63 35.80
CA PRO D 447 10.12 2.94 34.63
C PRO D 447 9.08 2.11 33.89
N ILE D 448 9.34 1.89 32.64
CA ILE D 448 8.58 1.07 31.72
C ILE D 448 9.56 0.13 31.05
N ASP D 449 8.95 -0.98 30.58
CA ASP D 449 9.60 -2.02 29.80
C ASP D 449 9.58 -1.63 28.32
N PRO D 450 10.73 -1.17 27.74
CA PRO D 450 10.76 -0.65 26.38
C PRO D 450 10.40 -1.61 25.23
N PHE D 451 10.56 -2.93 25.44
CA PHE D 451 10.08 -3.98 24.55
C PHE D 451 8.55 -4.13 24.58
N ALA D 452 7.86 -3.76 25.68
CA ALA D 452 6.40 -3.95 25.78
C ALA D 452 5.66 -2.60 25.72
N VAL D 453 6.32 -1.47 26.06
CA VAL D 453 5.61 -0.18 26.11
C VAL D 453 6.51 0.84 25.40
N THR D 454 6.02 1.38 24.27
CA THR D 454 6.76 2.19 23.33
C THR D 454 6.22 3.62 23.22
N ASP D 455 5.29 3.96 24.10
CA ASP D 455 4.56 5.21 24.08
C ASP D 455 4.59 5.93 25.43
N ALA D 456 5.58 5.62 26.30
CA ALA D 456 5.78 6.31 27.58
C ALA D 456 4.51 6.17 28.45
N GLY D 457 3.92 4.97 28.47
CA GLY D 457 2.77 4.69 29.29
C GLY D 457 1.51 5.25 28.67
N GLY D 458 1.34 5.24 27.33
CA GLY D 458 0.16 5.81 26.70
C GLY D 458 0.00 7.33 26.77
N ALA D 459 1.16 8.04 26.59
CA ALA D 459 1.28 9.49 26.61
C ALA D 459 1.73 10.06 25.27
N PHE D 460 2.70 9.43 24.62
CA PHE D 460 3.31 10.02 23.43
C PHE D 460 3.19 9.02 22.27
N PRO D 461 3.13 9.49 21.00
CA PRO D 461 3.01 8.55 19.88
C PRO D 461 4.21 7.60 19.90
N SER D 462 4.01 6.34 19.49
CA SER D 462 5.07 5.33 19.68
C SER D 462 6.22 5.61 18.71
N GLY D 463 7.44 5.63 19.25
CA GLY D 463 8.63 5.92 18.42
C GLY D 463 9.35 7.24 18.77
N ASP D 464 8.60 8.06 19.58
CA ASP D 464 9.03 9.33 20.17
C ASP D 464 10.12 9.10 21.25
N PRO D 465 9.84 8.41 22.36
CA PRO D 465 10.69 8.41 23.57
C PRO D 465 12.09 7.81 23.49
N PHE D 466 12.37 6.80 22.64
CA PHE D 466 13.70 6.22 22.51
C PHE D 466 13.93 5.73 21.07
N LEU D 467 15.22 5.75 20.62
CA LEU D 467 15.76 5.36 19.32
C LEU D 467 16.44 3.98 19.36
N VAL D 468 17.00 3.66 20.55
CA VAL D 468 17.62 2.36 20.80
C VAL D 468 16.93 1.60 21.95
N TYR D 469 17.01 0.25 21.85
CA TYR D 469 16.53 -0.63 22.90
C TYR D 469 17.70 -1.23 23.69
N PRO D 470 17.47 -1.66 24.95
CA PRO D 470 18.55 -2.20 25.78
C PRO D 470 18.71 -3.72 25.66
N GLY D 471 19.81 -4.15 24.99
CA GLY D 471 20.16 -5.55 24.82
C GLY D 471 20.42 -6.27 26.14
N ALA D 472 20.12 -7.57 26.21
CA ALA D 472 20.38 -8.35 27.44
C ALA D 472 21.86 -8.32 27.87
N ASP D 473 22.82 -8.20 26.97
CA ASP D 473 24.25 -8.20 27.26
C ASP D 473 24.75 -6.78 27.61
N GLY D 474 23.84 -5.79 27.75
CA GLY D 474 24.20 -4.39 28.03
C GLY D 474 24.71 -3.61 26.81
N GLN D 475 24.33 -4.05 25.61
CA GLN D 475 24.67 -3.43 24.33
C GLN D 475 23.37 -2.88 23.77
N PRO D 476 23.38 -1.68 23.11
CA PRO D 476 22.16 -1.14 22.50
C PRO D 476 21.79 -2.01 21.31
N LEU D 477 20.49 -2.13 21.13
CA LEU D 477 19.94 -2.75 19.96
C LEU D 477 19.41 -1.63 19.04
N ASN D 478 19.63 -1.82 17.74
CA ASN D 478 19.32 -0.81 16.71
C ASN D 478 17.83 -0.79 16.45
N SER D 479 17.42 0.18 15.63
CA SER D 479 16.02 0.34 15.27
C SER D 479 15.94 0.72 13.80
N LEU D 480 14.78 0.42 13.22
CA LEU D 480 14.54 0.81 11.84
C LEU D 480 14.45 2.33 11.68
N ARG D 481 13.79 3.00 12.64
CA ARG D 481 13.81 4.47 12.69
C ARG D 481 15.26 4.99 12.59
N ASN D 482 16.24 4.38 13.30
CA ASN D 482 17.64 4.81 13.21
C ASN D 482 18.27 4.52 11.85
N GLU D 483 18.04 3.31 11.32
CA GLU D 483 18.55 3.00 10.01
C GLU D 483 18.02 3.93 8.91
N VAL D 484 16.73 4.28 8.98
CA VAL D 484 16.18 5.17 7.96
C VAL D 484 16.73 6.60 8.09
N GLN D 485 17.01 7.06 9.29
CA GLN D 485 17.52 8.40 9.46
C GLN D 485 18.94 8.50 8.93
N ARG D 486 19.73 7.42 9.07
CA ARG D 486 21.07 7.27 8.45
C ARG D 486 21.08 7.40 6.91
N LEU D 487 19.97 7.04 6.24
CA LEU D 487 19.72 7.28 4.82
C LEU D 487 19.60 8.77 4.58
N GLY D 488 18.74 9.42 5.36
CA GLY D 488 18.55 10.88 5.32
C GLY D 488 19.89 11.61 5.46
N PHE D 489 20.71 11.18 6.41
CA PHE D 489 22.01 11.78 6.60
C PHE D 489 22.92 11.46 5.43
N GLY D 490 22.77 10.28 4.84
CA GLY D 490 23.55 9.95 3.66
C GLY D 490 23.20 10.87 2.50
N ASP D 491 21.91 11.25 2.34
CA ASP D 491 21.47 12.23 1.34
C ASP D 491 22.13 13.62 1.60
N LEU D 492 21.98 14.14 2.80
CA LEU D 492 22.67 15.40 3.16
C LEU D 492 24.16 15.35 2.81
N ALA D 493 24.86 14.25 3.10
CA ALA D 493 26.30 14.15 2.83
C ALA D 493 26.60 14.24 1.32
N VAL D 494 25.81 13.55 0.49
CA VAL D 494 26.19 13.57 -0.93
C VAL D 494 25.92 14.96 -1.51
N LEU D 495 24.82 15.62 -1.03
CA LEU D 495 24.44 16.96 -1.48
C LEU D 495 25.50 17.99 -1.10
N GLN D 496 26.10 17.86 0.10
CA GLN D 496 27.20 18.72 0.57
C GLN D 496 28.50 18.41 -0.18
N GLN D 497 28.76 17.14 -0.41
CA GLN D 497 29.91 16.73 -1.21
C GLN D 497 29.80 17.35 -2.63
N LEU D 498 28.56 17.42 -3.18
CA LEU D 498 28.30 17.96 -4.53
C LEU D 498 28.39 19.49 -4.62
N GLU D 499 27.97 20.19 -3.57
CA GLU D 499 28.15 21.62 -3.42
C GLU D 499 29.64 22.00 -3.34
N ALA D 500 30.52 21.15 -2.81
CA ALA D 500 31.95 21.46 -2.85
C ALA D 500 32.45 21.43 -4.31
N LEU D 501 31.74 20.65 -5.14
CA LEU D 501 32.14 20.48 -6.55
C LEU D 501 31.52 21.59 -7.43
N LYS D 502 30.20 21.81 -7.37
CA LYS D 502 29.50 22.87 -8.09
C LYS D 502 29.30 23.94 -7.04
N GLY D 503 28.35 24.84 -7.08
CA GLY D 503 28.16 25.57 -5.80
C GLY D 503 26.86 25.15 -5.11
N ARG D 504 26.37 25.97 -4.17
CA ARG D 504 25.07 25.79 -3.54
C ARG D 504 23.92 26.00 -4.55
N PRO D 505 23.95 27.09 -5.37
CA PRO D 505 22.88 27.39 -6.33
C PRO D 505 22.63 26.16 -7.22
N PHE D 506 23.70 25.57 -7.77
CA PHE D 506 23.60 24.43 -8.68
C PHE D 506 22.91 23.27 -7.96
N VAL D 507 23.21 23.07 -6.68
CA VAL D 507 22.69 21.94 -5.93
C VAL D 507 21.22 22.21 -5.52
N GLU D 508 20.91 23.42 -5.06
CA GLU D 508 19.53 23.83 -4.84
C GLU D 508 18.66 23.62 -6.10
N ARG D 509 19.25 23.91 -7.28
CA ARG D 509 18.59 23.82 -8.58
C ARG D 509 18.25 22.36 -8.89
N LEU D 510 19.20 21.45 -8.70
CA LEU D 510 18.99 20.02 -8.89
C LEU D 510 17.96 19.50 -7.90
N ILE D 511 17.97 20.00 -6.65
CA ILE D 511 17.01 19.53 -5.65
C ILE D 511 15.61 19.86 -6.18
N ASP D 512 15.40 21.16 -6.49
CA ASP D 512 14.08 21.69 -6.84
C ASP D 512 13.49 21.08 -8.13
N VAL D 513 14.34 20.80 -9.12
CA VAL D 513 14.00 20.27 -10.42
C VAL D 513 13.59 18.79 -10.26
N THR D 514 14.38 18.05 -9.45
CA THR D 514 14.11 16.63 -9.23
C THR D 514 12.84 16.40 -8.44
N ALA D 515 12.58 17.33 -7.50
CA ALA D 515 11.39 17.33 -6.68
C ALA D 515 10.16 17.85 -7.45
N GLY D 516 10.35 18.70 -8.50
CA GLY D 516 9.29 19.42 -9.18
C GLY D 516 8.77 20.64 -8.42
N MET D 517 9.48 21.06 -7.36
CA MET D 517 9.03 22.16 -6.49
C MET D 517 10.19 22.49 -5.56
N VAL D 518 10.12 23.62 -4.83
CA VAL D 518 10.97 23.83 -3.65
C VAL D 518 10.38 23.09 -2.45
N PRO D 519 11.08 22.02 -1.97
CA PRO D 519 10.57 21.28 -0.82
C PRO D 519 10.75 22.16 0.45
N GLN D 520 9.64 22.26 1.21
CA GLN D 520 9.54 22.87 2.52
C GLN D 520 9.31 21.78 3.56
N PHE D 521 9.66 22.11 4.81
CA PHE D 521 9.39 21.25 5.94
C PHE D 521 7.92 20.86 6.09
N ASP D 522 7.00 21.77 5.79
CA ASP D 522 5.59 21.44 5.90
C ASP D 522 4.95 21.21 4.52
N ASP D 523 5.75 20.91 3.50
CA ASP D 523 5.23 20.71 2.17
C ASP D 523 6.30 20.07 1.28
N TYR D 524 6.40 18.73 1.34
CA TYR D 524 7.36 18.01 0.52
C TYR D 524 6.61 17.09 -0.44
N PRO D 525 7.23 16.56 -1.52
CA PRO D 525 6.46 15.80 -2.53
C PRO D 525 5.68 14.64 -1.92
N PRO D 526 4.52 14.26 -2.52
CA PRO D 526 3.73 13.11 -2.04
C PRO D 526 4.44 11.75 -1.94
N ASP D 527 5.38 11.49 -2.85
CA ASP D 527 5.98 10.17 -3.02
C ASP D 527 7.51 10.26 -2.83
N ALA D 528 8.16 9.17 -2.44
CA ALA D 528 9.57 9.21 -2.04
C ALA D 528 10.59 8.93 -3.14
N GLY D 529 10.15 8.54 -4.32
CA GLY D 529 11.06 8.11 -5.37
C GLY D 529 11.99 9.25 -5.78
N TRP D 530 11.52 10.51 -5.67
CA TRP D 530 12.36 11.61 -6.08
C TRP D 530 13.69 11.63 -5.27
N LEU D 531 13.70 11.11 -4.01
CA LEU D 531 14.91 11.10 -3.20
C LEU D 531 15.92 10.15 -3.80
N THR D 532 15.43 8.98 -4.18
CA THR D 532 16.29 7.98 -4.77
C THR D 532 16.96 8.53 -6.03
N ARG D 533 16.23 9.29 -6.85
CA ARG D 533 16.76 9.81 -8.11
C ARG D 533 17.81 10.90 -7.91
N LEU D 534 17.45 11.84 -7.04
CA LEU D 534 18.35 12.88 -6.55
C LEU D 534 19.67 12.29 -6.08
N HIS D 535 19.62 11.26 -5.22
CA HIS D 535 20.80 10.62 -4.68
C HIS D 535 21.64 9.95 -5.77
N GLU D 536 20.95 9.30 -6.72
CA GLU D 536 21.60 8.73 -7.88
C GLU D 536 22.29 9.82 -8.71
N LYS D 537 21.58 10.89 -9.10
CA LYS D 537 22.18 11.93 -9.91
C LYS D 537 23.43 12.54 -9.24
N ALA D 538 23.36 12.86 -7.94
CA ALA D 538 24.45 13.44 -7.18
C ALA D 538 25.67 12.55 -7.28
N VAL D 539 25.46 11.24 -7.00
CA VAL D 539 26.51 10.25 -7.06
C VAL D 539 27.09 10.09 -8.48
N ALA D 540 26.25 10.09 -9.55
CA ALA D 540 26.80 9.89 -10.89
C ALA D 540 27.74 11.06 -11.23
N THR D 541 27.34 12.29 -10.88
CA THR D 541 28.11 13.49 -11.15
C THR D 541 29.47 13.56 -10.41
N LEU D 542 29.49 13.16 -9.12
CA LEU D 542 30.72 13.10 -8.33
C LEU D 542 31.69 12.02 -8.87
N ALA D 543 31.16 10.86 -9.27
CA ALA D 543 31.93 9.76 -9.86
C ALA D 543 32.61 10.21 -11.15
N ALA D 544 31.87 10.94 -12.00
CA ALA D 544 32.30 11.42 -13.30
C ALA D 544 33.45 12.42 -13.17
N ALA D 545 33.40 13.31 -12.18
CA ALA D 545 34.49 14.26 -11.96
C ALA D 545 35.73 13.65 -11.28
N ALA D 546 35.78 12.37 -10.87
CA ALA D 546 36.99 11.90 -10.17
C ALA D 546 38.13 11.74 -11.20
N PRO D 547 39.43 12.04 -10.91
CA PRO D 547 40.53 11.70 -11.82
C PRO D 547 41.43 10.61 -11.18
#